data_6TYS
#
_entry.id   6TYS
#
loop_
_entity.id
_entity.type
_entity.pdbx_description
1 polymer 'Fusion glycoprotein F0'
2 polymer '5B3 antibody heavy chain'
3 polymer '5B3 antibody light chain'
4 branched alpha-D-mannopyranose-(1-4)-2-acetamido-2-deoxy-beta-D-glucopyranose-(1-4)-2-acetamido-2-deoxy-beta-D-glucopyranose
5 branched 2-acetamido-2-deoxy-beta-D-glucopyranose-(1-4)-2-acetamido-2-deoxy-beta-D-glucopyranose
6 branched alpha-D-mannopyranose-(1-2)-[alpha-D-mannopyranose-(1-6)]beta-D-mannopyranose
7 non-polymer 2-acetamido-2-deoxy-beta-D-glucopyranose
#
loop_
_entity_poly.entity_id
_entity_poly.type
_entity_poly.pdbx_seq_one_letter_code
_entity_poly.pdbx_strand_id
1 'polypeptide(L)'
;MVVILDKRCYCNLLILILMISECSVGILHYEKLSKIGLVKGVTRKYKIKSNPLTKDIVIKMIPNVSNMSQCTGSVMENYK
TRLNGILTPIKGALEIYKNCTHDLDYKDDDDKVGDVRLAGVIMAGVCIGIATAAQITAGVALYEAMKNADNINKLKSSIE
STNEAVVKLQETAEKTVYVLTALQDYINTNLVPTIDKISCKQTELSLDLALSKYLSDLLFVFGPNLQDPVSNSMTIQAIS
QAFGGNYETLLRTLGYATEDFDDLLESDSITGQIIYVDLSSYYIIVRVYFPILTEIQQAYIQELLPVSFNNDNSEWISIV
PNFILVRNTLISNIEIGFCLITKRSVICNQDYATPMTNNMRECLTGSTEKCPRELVVSSHVPRFALSNGVLFANCISVTC
QCQTTGRAISQSGEQTLLMIDNTTCPTAVLGNVIISLGKYLGSVNYNSEGIAIGPPVFTDKVDISSQISSMNQSLQQSKD
YIKEAQRLLDTVNPSLISMLSMMKQIEDKIEEILSKIYHIENEIARIKKLIGERIDGR
;
A,B,E
2 'polypeptide(L)'
;EVQLVESGGGLVKPGGSLKLSCAASGFTFSSYDMSWVRQTPEKRLEWVAMISSGGSYSYYPDSVKGRFTISRDNAKNTLY
LQMSSLRSEDTAMYYCARQGDYAWFAYWGQGTLVTVSSAS
;
H,C,F
3 'polypeptide(L)'
;DIQMTQSPASQSASLGESVTITCLASQTIGTWLAWYQQKPGKSPQLLIYAATSLADGVPSRFSGSGSGTKFSFKISSLQA
EDFVSYYCQQFYSTPFTFGGGTKLEIK
;
L,D,G
#
# COMPACT_ATOMS: atom_id res chain seq x y z
N ILE A 27 -17.33 -33.02 7.94
CA ILE A 27 -17.95 -34.10 7.16
C ILE A 27 -17.13 -34.40 5.93
N LEU A 28 -15.88 -33.98 5.97
CA LEU A 28 -14.98 -34.17 4.85
C LEU A 28 -14.37 -35.56 4.89
N HIS A 29 -14.11 -36.12 3.71
CA HIS A 29 -13.44 -37.42 3.66
C HIS A 29 -11.95 -37.23 3.55
N TYR A 30 -11.29 -37.03 4.68
CA TYR A 30 -9.89 -36.68 4.65
C TYR A 30 -9.05 -37.83 4.11
N GLU A 31 -9.52 -39.06 4.30
CA GLU A 31 -8.83 -40.22 3.77
C GLU A 31 -8.71 -40.19 2.25
N LYS A 32 -9.72 -39.68 1.56
CA LYS A 32 -9.67 -39.68 0.11
C LYS A 32 -8.86 -38.46 -0.34
N LEU A 33 -9.05 -37.35 0.37
CA LEU A 33 -8.42 -36.08 0.00
C LEU A 33 -6.92 -36.12 0.12
N SER A 34 -6.40 -36.88 1.09
CA SER A 34 -4.98 -37.01 1.27
C SER A 34 -4.28 -37.71 0.12
N LYS A 35 -4.98 -38.49 -0.71
CA LYS A 35 -4.27 -39.13 -1.82
C LYS A 35 -4.29 -38.17 -2.99
N ILE A 36 -5.31 -37.34 -3.03
CA ILE A 36 -5.49 -36.30 -4.03
C ILE A 36 -4.41 -35.25 -3.80
N GLY A 37 -4.07 -35.00 -2.54
CA GLY A 37 -2.99 -34.07 -2.22
C GLY A 37 -3.36 -32.98 -1.25
N LEU A 38 -4.48 -33.13 -0.57
CA LEU A 38 -4.93 -32.15 0.39
C LEU A 38 -4.90 -32.72 1.78
N VAL A 39 -3.90 -32.33 2.54
CA VAL A 39 -3.69 -32.88 3.87
C VAL A 39 -4.40 -32.07 4.94
N LYS A 40 -5.13 -32.74 5.82
CA LYS A 40 -5.86 -32.03 6.86
C LYS A 40 -4.92 -31.20 7.71
N GLY A 41 -5.24 -29.92 7.88
CA GLY A 41 -4.47 -29.04 8.71
C GLY A 41 -5.25 -28.68 9.97
N VAL A 42 -5.06 -27.47 10.42
CA VAL A 42 -5.65 -26.95 11.65
C VAL A 42 -7.13 -26.54 11.57
N THR A 43 -7.93 -26.92 12.57
CA THR A 43 -9.32 -26.51 12.65
C THR A 43 -9.40 -25.30 13.55
N ARG A 44 -10.03 -24.22 13.08
CA ARG A 44 -10.17 -22.98 13.82
C ARG A 44 -11.63 -22.61 14.08
N LYS A 45 -11.88 -21.81 15.11
CA LYS A 45 -13.23 -21.33 15.40
C LYS A 45 -13.56 -20.09 14.57
N TYR A 46 -14.84 -19.82 14.35
CA TYR A 46 -15.20 -18.66 13.54
C TYR A 46 -16.02 -17.64 14.31
N LYS A 47 -15.57 -16.38 14.32
CA LYS A 47 -16.31 -15.33 15.03
C LYS A 47 -16.34 -14.00 14.26
N ILE A 48 -17.48 -13.31 14.41
CA ILE A 48 -17.77 -12.04 13.72
C ILE A 48 -18.16 -10.88 14.63
N LYS A 49 -17.64 -9.70 14.32
CA LYS A 49 -17.93 -8.43 15.04
C LYS A 49 -19.42 -7.99 15.06
N SER A 50 -19.92 -7.58 16.27
CA SER A 50 -21.31 -7.09 16.42
C SER A 50 -21.51 -6.17 17.65
N ASN A 51 -22.67 -5.48 17.72
CA ASN A 51 -23.09 -4.77 18.93
C ASN A 51 -22.05 -3.97 19.73
N PRO A 52 -21.44 -2.93 19.18
CA PRO A 52 -20.42 -2.13 19.82
C PRO A 52 -20.90 -1.17 20.89
N LEU A 53 -19.96 -0.83 21.77
CA LEU A 53 -20.11 0.18 22.81
C LEU A 53 -19.40 1.42 22.27
N THR A 54 -19.70 2.61 22.77
CA THR A 54 -18.97 3.75 22.21
C THR A 54 -18.31 4.70 23.17
N LYS A 55 -17.29 5.38 22.64
CA LYS A 55 -16.60 6.49 23.31
C LYS A 55 -16.42 7.65 22.33
N ASP A 56 -16.57 8.89 22.81
CA ASP A 56 -16.39 10.09 21.97
C ASP A 56 -15.10 10.86 22.27
N ILE A 57 -14.30 11.15 21.24
CA ILE A 57 -13.04 11.89 21.43
C ILE A 57 -12.93 13.10 20.48
N VAL A 58 -12.29 14.19 20.92
CA VAL A 58 -12.14 15.39 20.08
C VAL A 58 -10.76 15.57 19.49
N ILE A 59 -10.70 15.78 18.19
CA ILE A 59 -9.40 15.99 17.56
C ILE A 59 -9.28 17.39 16.94
N LYS A 60 -8.26 18.13 17.35
CA LYS A 60 -8.01 19.47 16.83
C LYS A 60 -7.01 19.38 15.70
N MET A 61 -7.36 19.95 14.55
CA MET A 61 -6.45 19.91 13.41
C MET A 61 -5.55 21.11 13.30
N ILE A 62 -5.63 22.00 14.25
CA ILE A 62 -4.80 23.19 14.22
C ILE A 62 -4.09 23.31 15.56
N PRO A 63 -2.77 23.49 15.60
CA PRO A 63 -1.97 23.66 16.80
C PRO A 63 -2.10 25.02 17.46
N ASN A 64 -1.74 25.08 18.74
CA ASN A 64 -1.69 26.29 19.55
C ASN A 64 -0.31 26.93 19.41
N VAL A 65 -0.26 28.13 18.83
CA VAL A 65 1.01 28.78 18.56
C VAL A 65 1.24 30.02 19.44
N SER A 66 0.53 30.11 20.54
CA SER A 66 0.61 31.30 21.41
C SER A 66 1.99 31.63 21.95
N ASN A 67 2.81 30.65 22.28
CA ASN A 67 4.10 30.95 22.88
C ASN A 67 5.16 31.30 21.87
N MET A 68 4.78 31.37 20.61
CA MET A 68 5.70 31.80 19.61
C MET A 68 4.97 32.73 18.69
N SER A 69 3.91 33.37 19.21
CA SER A 69 3.04 34.26 18.43
C SER A 69 3.75 35.46 17.85
N GLN A 70 4.92 35.72 18.36
CA GLN A 70 5.74 36.80 17.89
C GLN A 70 6.21 36.58 16.46
N CYS A 71 6.45 35.30 16.07
CA CYS A 71 7.03 35.08 14.76
C CYS A 71 6.39 33.91 13.97
N THR A 72 5.08 34.10 13.64
CA THR A 72 4.34 33.10 12.85
C THR A 72 4.05 33.61 11.45
N GLY A 73 4.41 34.86 11.20
CA GLY A 73 4.17 35.48 9.91
C GLY A 73 2.69 35.44 9.58
N SER A 74 2.40 34.95 8.37
CA SER A 74 1.04 34.81 7.85
C SER A 74 0.79 33.34 7.56
N VAL A 75 1.56 32.50 8.23
CA VAL A 75 1.50 31.07 8.03
C VAL A 75 0.22 30.48 8.55
N MET A 76 -0.17 30.86 9.75
CA MET A 76 -1.35 30.25 10.31
C MET A 76 -2.57 30.65 9.54
N GLU A 77 -2.59 31.85 8.97
CA GLU A 77 -3.75 32.28 8.23
C GLU A 77 -3.94 31.42 6.98
N ASN A 78 -2.86 31.15 6.26
CA ASN A 78 -3.03 30.31 5.08
C ASN A 78 -3.40 28.90 5.45
N TYR A 79 -2.90 28.44 6.58
CA TYR A 79 -3.22 27.12 7.07
C TYR A 79 -4.71 27.00 7.36
N LYS A 80 -5.25 27.98 8.08
CA LYS A 80 -6.68 27.95 8.39
C LYS A 80 -7.53 27.92 7.14
N THR A 81 -7.13 28.69 6.10
CA THR A 81 -7.89 28.69 4.87
C THR A 81 -7.91 27.32 4.25
N ARG A 82 -6.77 26.66 4.21
CA ARG A 82 -6.79 25.37 3.58
C ARG A 82 -7.60 24.37 4.40
N LEU A 83 -7.53 24.43 5.73
CA LEU A 83 -8.34 23.48 6.48
C LEU A 83 -9.81 23.70 6.22
N ASN A 84 -10.26 24.94 6.06
CA ASN A 84 -11.67 25.07 5.78
C ASN A 84 -11.98 24.47 4.44
N GLY A 85 -11.11 24.62 3.46
CA GLY A 85 -11.38 24.00 2.18
C GLY A 85 -11.49 22.48 2.26
N ILE A 86 -10.70 21.86 3.13
CA ILE A 86 -10.71 20.42 3.32
C ILE A 86 -11.91 19.93 4.11
N LEU A 87 -12.23 20.63 5.21
CA LEU A 87 -13.34 20.26 6.07
C LEU A 87 -14.71 20.69 5.55
N THR A 88 -14.81 21.77 4.79
CA THR A 88 -16.11 22.24 4.35
C THR A 88 -16.96 21.15 3.68
N PRO A 89 -16.45 20.35 2.73
CA PRO A 89 -17.15 19.25 2.08
C PRO A 89 -17.54 18.10 3.01
N ILE A 90 -16.89 17.99 4.18
CA ILE A 90 -17.22 16.93 5.11
C ILE A 90 -18.41 17.41 5.87
N LYS A 91 -18.34 18.67 6.26
CA LYS A 91 -19.44 19.25 6.99
C LYS A 91 -20.67 19.22 6.14
N GLY A 92 -20.55 19.67 4.90
CA GLY A 92 -21.72 19.72 4.04
C GLY A 92 -22.30 18.35 3.77
N ALA A 93 -21.45 17.36 3.55
CA ALA A 93 -21.97 16.05 3.26
C ALA A 93 -22.66 15.41 4.44
N LEU A 94 -22.11 15.54 5.65
CA LEU A 94 -22.83 14.89 6.74
C LEU A 94 -24.06 15.70 7.10
N GLU A 95 -24.00 17.02 6.90
CA GLU A 95 -25.10 17.90 7.27
C GLU A 95 -26.39 17.55 6.55
N ILE A 96 -26.35 17.03 5.33
CA ILE A 96 -27.64 16.73 4.72
C ILE A 96 -28.42 15.60 5.42
N TYR A 97 -27.77 14.78 6.25
CA TYR A 97 -28.49 13.72 6.96
C TYR A 97 -28.79 14.21 8.34
N LYS A 98 -28.54 15.48 8.55
CA LYS A 98 -28.73 16.12 9.81
C LYS A 98 -29.93 17.04 9.68
N ASN A 99 -30.20 17.65 8.52
CA ASN A 99 -31.38 18.45 8.36
C ASN A 99 -32.68 17.65 8.26
N CYS A 100 -32.48 16.42 7.68
CA CYS A 100 -33.55 15.61 7.21
C CYS A 100 -34.08 14.54 8.18
N THR A 101 -33.98 14.94 9.51
CA THR A 101 -34.53 14.10 10.57
C THR A 101 -35.21 15.00 11.56
N HIS A 102 -36.12 14.43 12.33
CA HIS A 102 -36.76 15.09 13.45
C HIS A 102 -37.19 14.05 14.46
N ASP A 103 -37.36 14.44 15.71
CA ASP A 103 -37.67 13.43 16.72
C ASP A 103 -39.08 12.92 16.48
N LEU A 104 -39.35 11.67 16.84
CA LEU A 104 -40.67 11.10 16.66
C LEU A 104 -41.50 11.14 17.93
N GLY A 120 -38.43 6.55 18.35
CA GLY A 120 -37.10 7.12 18.21
C GLY A 120 -37.11 8.40 17.39
N VAL A 121 -36.59 8.28 16.19
CA VAL A 121 -36.44 9.36 15.25
C VAL A 121 -37.02 8.99 13.92
N ILE A 122 -37.63 9.94 13.27
CA ILE A 122 -38.13 9.67 11.95
C ILE A 122 -37.32 10.44 10.94
N MET A 123 -36.83 9.67 9.97
CA MET A 123 -35.96 10.16 8.94
C MET A 123 -36.79 10.47 7.70
N ALA A 124 -36.47 11.57 7.03
CA ALA A 124 -37.25 11.98 5.89
C ALA A 124 -36.80 11.35 4.58
N GLY A 125 -37.65 10.50 4.00
CA GLY A 125 -37.28 9.76 2.80
C GLY A 125 -37.20 10.60 1.54
N VAL A 126 -37.93 11.71 1.47
CA VAL A 126 -37.94 12.51 0.26
C VAL A 126 -36.93 13.62 0.37
N CYS A 127 -36.38 13.76 1.56
CA CYS A 127 -35.41 14.78 1.84
C CYS A 127 -34.06 14.20 1.42
N ILE A 128 -33.74 12.99 1.90
CA ILE A 128 -32.48 12.42 1.43
C ILE A 128 -32.69 11.85 0.00
N GLY A 129 -33.84 11.26 -0.32
CA GLY A 129 -34.19 10.85 -1.68
C GLY A 129 -33.57 9.56 -2.17
N ILE A 130 -32.24 9.53 -2.22
CA ILE A 130 -31.51 8.33 -2.63
C ILE A 130 -30.54 7.91 -1.55
N ALA A 131 -30.63 6.66 -1.11
CA ALA A 131 -29.68 6.17 -0.11
C ALA A 131 -29.59 4.64 -0.08
N THR A 132 -28.45 4.14 0.39
CA THR A 132 -28.31 2.70 0.60
C THR A 132 -28.73 2.33 1.99
N ALA A 133 -28.93 1.06 2.27
CA ALA A 133 -29.29 0.69 3.64
C ALA A 133 -28.19 1.03 4.63
N ALA A 134 -26.93 0.83 4.23
CA ALA A 134 -25.85 1.10 5.16
C ALA A 134 -25.75 2.57 5.46
N GLN A 135 -25.98 3.38 4.43
CA GLN A 135 -25.92 4.82 4.54
C GLN A 135 -27.02 5.35 5.44
N ILE A 136 -28.20 4.74 5.36
CA ILE A 136 -29.32 5.15 6.20
C ILE A 136 -29.08 4.82 7.64
N THR A 137 -28.58 3.62 7.92
CA THR A 137 -28.34 3.21 9.29
C THR A 137 -27.40 4.22 9.93
N ALA A 138 -26.34 4.58 9.21
CA ALA A 138 -25.37 5.52 9.73
C ALA A 138 -25.99 6.88 9.97
N GLY A 139 -26.86 7.36 9.07
CA GLY A 139 -27.49 8.65 9.29
C GLY A 139 -28.29 8.66 10.60
N VAL A 140 -28.92 7.55 10.93
CA VAL A 140 -29.66 7.51 12.17
C VAL A 140 -28.70 7.63 13.34
N ALA A 141 -27.59 6.89 13.29
CA ALA A 141 -26.63 6.95 14.37
C ALA A 141 -26.10 8.36 14.56
N LEU A 142 -25.91 9.09 13.46
CA LEU A 142 -25.45 10.46 13.50
C LEU A 142 -26.41 11.33 14.27
N TYR A 143 -27.71 11.13 14.08
CA TYR A 143 -28.72 11.89 14.82
C TYR A 143 -28.67 11.63 16.31
N GLU A 144 -28.65 10.37 16.70
CA GLU A 144 -28.69 10.05 18.12
C GLU A 144 -27.48 10.62 18.84
N ALA A 145 -26.35 10.60 18.14
CA ALA A 145 -25.08 11.05 18.62
C ALA A 145 -25.04 12.52 18.99
N MET A 146 -25.98 13.33 18.53
CA MET A 146 -25.94 14.73 18.89
C MET A 146 -26.10 14.98 20.35
N LYS A 147 -26.73 14.10 21.11
CA LYS A 147 -26.85 14.43 22.51
C LYS A 147 -25.47 14.71 23.09
N ASN A 148 -24.49 13.88 22.73
CA ASN A 148 -23.17 14.08 23.26
C ASN A 148 -22.45 15.19 22.53
N ALA A 149 -22.65 15.32 21.21
CA ALA A 149 -21.93 16.37 20.50
C ALA A 149 -22.30 17.72 21.06
N ASP A 150 -23.56 17.89 21.45
CA ASP A 150 -24.01 19.15 21.98
C ASP A 150 -23.32 19.43 23.30
N ASN A 151 -23.22 18.43 24.17
CA ASN A 151 -22.55 18.70 25.44
C ASN A 151 -21.05 18.96 25.26
N ILE A 152 -20.45 18.32 24.28
CA ILE A 152 -19.04 18.58 24.01
C ILE A 152 -18.85 19.98 23.47
N ASN A 153 -19.71 20.41 22.55
CA ASN A 153 -19.58 21.71 21.93
C ASN A 153 -19.66 22.84 22.94
N LYS A 154 -20.38 22.65 24.03
CA LYS A 154 -20.49 23.65 25.08
C LYS A 154 -19.11 23.95 25.72
N LEU A 155 -18.13 23.06 25.52
CA LEU A 155 -16.78 23.20 26.03
C LEU A 155 -15.86 23.85 25.04
N LYS A 156 -16.39 24.28 23.89
CA LYS A 156 -15.59 24.88 22.84
C LYS A 156 -14.68 25.97 23.34
N SER A 157 -15.13 26.75 24.29
CA SER A 157 -14.25 27.79 24.78
C SER A 157 -12.94 27.22 25.36
N SER A 158 -13.00 26.06 26.02
CA SER A 158 -11.78 25.51 26.60
C SER A 158 -11.04 24.65 25.59
N ILE A 159 -11.75 24.12 24.60
CA ILE A 159 -11.14 23.33 23.54
C ILE A 159 -10.29 24.29 22.71
N GLU A 160 -10.85 25.45 22.40
CA GLU A 160 -10.16 26.46 21.61
C GLU A 160 -8.81 26.82 22.19
N SER A 161 -8.69 26.87 23.52
CA SER A 161 -7.49 27.30 24.18
C SER A 161 -6.66 26.20 24.85
N THR A 162 -6.71 24.96 24.37
CA THR A 162 -5.83 24.00 25.01
C THR A 162 -4.44 24.27 24.48
N ASN A 163 -3.43 23.81 25.21
CA ASN A 163 -2.04 24.01 24.80
C ASN A 163 -1.15 22.84 25.19
N GLU A 164 -1.52 21.64 24.76
CA GLU A 164 -0.81 20.39 25.04
C GLU A 164 -1.19 19.39 23.96
N ALA A 165 -0.37 18.38 23.72
CA ALA A 165 -0.77 17.39 22.73
C ALA A 165 -1.97 16.56 23.18
N VAL A 166 -2.00 16.15 24.45
CA VAL A 166 -3.14 15.39 24.98
C VAL A 166 -3.62 16.01 26.29
N VAL A 167 -4.89 16.40 26.34
CA VAL A 167 -5.47 16.99 27.55
C VAL A 167 -6.90 16.55 27.87
N LYS A 168 -7.22 16.40 29.15
CA LYS A 168 -8.60 16.10 29.55
C LYS A 168 -9.30 17.37 29.98
N LEU A 169 -10.47 17.61 29.46
CA LEU A 169 -11.24 18.75 29.91
C LEU A 169 -12.37 18.23 30.75
N GLN A 170 -12.65 18.87 31.87
CA GLN A 170 -13.82 18.45 32.64
C GLN A 170 -14.34 19.55 33.52
N GLU A 171 -15.63 19.82 33.38
CA GLU A 171 -16.28 20.80 34.22
C GLU A 171 -17.45 20.19 34.98
N THR A 172 -18.20 19.31 34.32
CA THR A 172 -19.39 18.72 34.92
C THR A 172 -19.47 17.25 34.62
N ALA A 173 -20.36 16.54 35.30
CA ALA A 173 -20.54 15.15 34.94
C ALA A 173 -21.04 15.00 33.51
N GLU A 174 -21.93 15.92 33.17
CA GLU A 174 -22.53 16.00 31.86
C GLU A 174 -21.52 16.29 30.76
N LYS A 175 -20.52 17.14 31.03
CA LYS A 175 -19.54 17.44 30.00
C LYS A 175 -18.07 17.41 30.42
N THR A 176 -17.41 16.40 29.86
CA THR A 176 -15.99 16.08 29.97
C THR A 176 -15.59 15.57 28.61
N VAL A 177 -14.34 15.72 28.21
CA VAL A 177 -13.92 15.10 26.96
C VAL A 177 -12.39 15.06 26.84
N TYR A 178 -11.86 14.06 26.15
CA TYR A 178 -10.43 14.11 25.83
C TYR A 178 -10.22 14.86 24.55
N VAL A 179 -9.18 15.69 24.53
CA VAL A 179 -8.84 16.42 23.33
C VAL A 179 -7.41 16.11 22.88
N LEU A 180 -7.27 15.74 21.62
CA LEU A 180 -5.96 15.46 21.04
C LEU A 180 -5.62 16.59 20.09
N THR A 181 -4.40 17.12 20.14
CA THR A 181 -4.08 18.23 19.23
C THR A 181 -2.96 17.89 18.27
N ALA A 182 -3.24 18.00 16.99
CA ALA A 182 -2.22 17.66 16.03
C ALA A 182 -1.07 18.62 16.11
N LEU A 183 0.15 18.09 16.00
CA LEU A 183 1.40 18.84 15.96
C LEU A 183 1.71 19.69 17.17
N GLN A 184 1.00 19.54 18.27
CA GLN A 184 1.31 20.42 19.37
C GLN A 184 2.66 20.17 19.98
N ASP A 185 3.11 18.92 20.01
CA ASP A 185 4.38 18.60 20.66
C ASP A 185 5.51 19.05 19.78
N TYR A 186 5.31 18.96 18.49
CA TYR A 186 6.32 19.44 17.60
C TYR A 186 6.60 20.88 17.93
N ILE A 187 5.55 21.67 18.04
CA ILE A 187 5.77 23.05 18.33
C ILE A 187 6.40 23.27 19.70
N ASN A 188 5.86 22.67 20.78
CA ASN A 188 6.46 23.02 22.07
C ASN A 188 7.80 22.33 22.39
N THR A 189 8.20 21.29 21.66
CA THR A 189 9.52 20.70 21.86
C THR A 189 10.54 21.15 20.84
N ASN A 190 10.18 21.27 19.58
CA ASN A 190 11.17 21.62 18.59
C ASN A 190 11.19 23.07 18.15
N LEU A 191 10.07 23.80 18.20
CA LEU A 191 10.22 25.18 17.71
C LEU A 191 10.36 26.19 18.81
N VAL A 192 9.52 26.08 19.81
CA VAL A 192 9.50 27.12 20.84
C VAL A 192 10.84 27.32 21.56
N PRO A 193 11.59 26.29 21.97
CA PRO A 193 12.85 26.40 22.67
C PRO A 193 13.96 27.05 21.85
N THR A 194 13.75 27.22 20.55
CA THR A 194 14.78 27.76 19.66
C THR A 194 14.42 29.14 19.16
N ILE A 195 13.36 29.73 19.71
CA ILE A 195 12.95 31.03 19.23
C ILE A 195 14.06 32.09 19.39
N ASP A 196 14.93 31.94 20.36
CA ASP A 196 16.01 32.89 20.58
C ASP A 196 17.33 32.48 19.87
N LYS A 197 17.30 31.42 19.04
CA LYS A 197 18.48 30.98 18.30
C LYS A 197 18.30 31.05 16.78
N ILE A 198 17.09 30.80 16.33
CA ILE A 198 16.75 30.74 14.92
C ILE A 198 16.07 32.06 14.57
N SER A 199 16.47 32.69 13.50
CA SER A 199 15.94 34.01 13.17
C SER A 199 14.44 33.87 12.91
N CYS A 200 13.64 34.85 13.24
CA CYS A 200 12.20 34.69 13.05
C CYS A 200 11.78 34.29 11.64
N LYS A 201 12.41 34.80 10.61
CA LYS A 201 11.99 34.33 9.30
C LYS A 201 12.18 32.82 9.18
N GLN A 202 13.25 32.30 9.78
CA GLN A 202 13.55 30.90 9.68
C GLN A 202 12.53 30.07 10.46
N THR A 203 12.07 30.59 11.62
CA THR A 203 11.09 29.82 12.37
C THR A 203 9.76 29.83 11.62
N GLU A 204 9.45 30.92 10.90
CA GLU A 204 8.23 30.94 10.13
C GLU A 204 8.28 29.88 9.05
N LEU A 205 9.44 29.72 8.42
CA LEU A 205 9.56 28.72 7.37
C LEU A 205 9.45 27.30 7.92
N SER A 206 10.01 27.03 9.10
CA SER A 206 9.90 25.70 9.67
C SER A 206 8.48 25.36 10.06
N LEU A 207 7.74 26.34 10.59
CA LEU A 207 6.36 26.09 10.93
C LEU A 207 5.57 25.80 9.69
N ASP A 208 5.82 26.56 8.63
CA ASP A 208 5.11 26.35 7.39
C ASP A 208 5.40 24.98 6.82
N LEU A 209 6.66 24.53 6.87
CA LEU A 209 6.93 23.20 6.35
C LEU A 209 6.27 22.12 7.18
N ALA A 210 6.27 22.25 8.52
CA ALA A 210 5.64 21.24 9.34
C ALA A 210 4.16 21.13 9.07
N LEU A 211 3.51 22.27 8.87
CA LEU A 211 2.10 22.27 8.61
C LEU A 211 1.80 21.70 7.24
N SER A 212 2.64 21.99 6.24
CA SER A 212 2.39 21.45 4.92
C SER A 212 2.59 19.94 4.89
N LYS A 213 3.49 19.41 5.72
CA LYS A 213 3.67 17.96 5.76
C LYS A 213 2.43 17.33 6.36
N TYR A 214 1.89 17.95 7.40
CA TYR A 214 0.67 17.46 8.02
C TYR A 214 -0.49 17.43 7.04
N LEU A 215 -0.70 18.52 6.29
CA LEU A 215 -1.81 18.55 5.34
C LEU A 215 -1.61 17.52 4.28
N SER A 216 -0.38 17.30 3.85
CA SER A 216 -0.19 16.28 2.85
C SER A 216 -0.70 14.95 3.33
N ASP A 217 -0.39 14.59 4.56
CA ASP A 217 -0.89 13.31 5.04
C ASP A 217 -2.41 13.31 5.24
N LEU A 218 -3.00 14.42 5.69
CA LEU A 218 -4.45 14.40 5.90
C LEU A 218 -5.18 14.18 4.61
N LEU A 219 -4.68 14.74 3.54
CA LEU A 219 -5.33 14.66 2.23
C LEU A 219 -5.49 13.26 1.70
N PHE A 220 -4.78 12.27 2.21
CA PHE A 220 -5.01 10.94 1.69
C PHE A 220 -6.27 10.30 2.30
N VAL A 221 -6.72 10.85 3.43
CA VAL A 221 -7.86 10.32 4.16
C VAL A 221 -9.05 11.26 4.19
N PHE A 222 -8.82 12.54 4.48
CA PHE A 222 -9.89 13.51 4.64
C PHE A 222 -9.99 14.42 3.42
N GLY A 223 -9.23 14.08 2.39
CA GLY A 223 -9.21 14.83 1.14
C GLY A 223 -10.41 14.29 0.40
N PRO A 224 -10.69 14.69 -0.85
CA PRO A 224 -11.86 14.27 -1.58
C PRO A 224 -11.65 12.88 -2.12
N ASN A 225 -11.40 11.95 -1.22
CA ASN A 225 -11.19 10.58 -1.52
C ASN A 225 -12.34 10.02 -0.67
N LEU A 226 -12.59 10.75 0.43
CA LEU A 226 -13.65 10.43 1.40
C LEU A 226 -14.92 11.06 0.89
N GLN A 227 -15.53 10.43 -0.11
CA GLN A 227 -16.67 11.08 -0.78
C GLN A 227 -17.98 10.76 -0.06
N ASP A 228 -17.88 10.00 1.02
CA ASP A 228 -18.98 9.59 1.90
C ASP A 228 -18.54 9.55 3.35
N PRO A 229 -18.66 10.63 4.10
CA PRO A 229 -18.28 10.73 5.48
C PRO A 229 -19.41 10.38 6.42
N VAL A 230 -20.44 9.70 5.94
CA VAL A 230 -21.56 9.43 6.82
C VAL A 230 -21.40 8.03 7.37
N SER A 231 -21.05 7.11 6.49
CA SER A 231 -20.88 5.71 6.86
C SER A 231 -19.85 5.50 7.97
N ASN A 232 -20.08 4.49 8.82
CA ASN A 232 -19.19 4.22 9.94
C ASN A 232 -18.18 3.09 9.72
N SER A 233 -17.92 2.72 8.47
CA SER A 233 -16.94 1.66 8.17
C SER A 233 -15.46 2.08 8.26
N MET A 234 -15.19 3.36 8.38
CA MET A 234 -13.83 3.87 8.41
C MET A 234 -13.08 3.34 9.63
N THR A 235 -11.88 2.79 9.42
CA THR A 235 -11.11 2.25 10.54
C THR A 235 -10.44 3.30 11.36
N ILE A 236 -10.11 2.94 12.58
CA ILE A 236 -9.41 3.87 13.46
C ILE A 236 -8.00 4.20 12.96
N GLN A 237 -7.36 3.28 12.25
CA GLN A 237 -6.04 3.56 11.68
C GLN A 237 -6.08 4.67 10.61
N ALA A 238 -7.26 4.94 10.04
CA ALA A 238 -7.40 6.00 9.04
C ALA A 238 -7.74 7.29 9.76
N ILE A 239 -8.57 7.18 10.77
CA ILE A 239 -9.01 8.36 11.51
C ILE A 239 -7.84 9.00 12.19
N SER A 240 -6.99 8.19 12.77
CA SER A 240 -5.82 8.61 13.50
C SER A 240 -4.81 9.39 12.68
N GLN A 241 -4.98 9.46 11.35
CA GLN A 241 -4.07 10.26 10.53
C GLN A 241 -4.25 11.71 10.96
N ALA A 242 -5.44 12.05 11.49
CA ALA A 242 -5.77 13.38 11.97
C ALA A 242 -4.88 13.81 13.12
N PHE A 243 -4.23 12.86 13.81
CA PHE A 243 -3.37 13.15 14.93
C PHE A 243 -1.94 12.72 14.64
N GLY A 244 -1.62 12.53 13.35
CA GLY A 244 -0.27 12.12 12.97
C GLY A 244 -0.08 10.61 12.77
N GLY A 245 -1.18 9.84 12.76
CA GLY A 245 -1.15 8.41 12.56
C GLY A 245 -0.88 7.66 13.85
N ASN A 246 -0.86 8.39 14.94
CA ASN A 246 -0.56 7.80 16.22
C ASN A 246 -1.80 7.19 16.85
N TYR A 247 -2.23 6.05 16.31
CA TYR A 247 -3.42 5.40 16.81
C TYR A 247 -3.22 4.82 18.19
N GLU A 248 -1.98 4.53 18.58
CA GLU A 248 -1.76 4.04 19.91
C GLU A 248 -2.08 5.08 20.95
N THR A 249 -1.73 6.32 20.71
CA THR A 249 -2.05 7.31 21.70
C THR A 249 -3.53 7.44 21.82
N LEU A 250 -4.23 7.47 20.70
CA LEU A 250 -5.67 7.64 20.74
C LEU A 250 -6.33 6.51 21.52
N LEU A 251 -5.98 5.29 21.19
CA LEU A 251 -6.64 4.17 21.84
C LEU A 251 -6.24 3.99 23.29
N ARG A 252 -4.99 4.25 23.64
CA ARG A 252 -4.59 4.15 25.03
C ARG A 252 -5.23 5.25 25.84
N THR A 253 -5.43 6.43 25.25
CA THR A 253 -6.10 7.51 25.95
C THR A 253 -7.49 7.05 26.36
N LEU A 254 -8.19 6.40 25.45
CA LEU A 254 -9.54 5.93 25.74
C LEU A 254 -9.68 4.67 26.60
N GLY A 255 -8.79 3.67 26.44
CA GLY A 255 -8.93 2.39 27.15
C GLY A 255 -7.71 1.86 27.93
N TYR A 256 -7.45 0.56 27.75
CA TYR A 256 -6.40 -0.21 28.40
C TYR A 256 -6.04 -1.36 27.47
N ALA A 257 -4.94 -2.08 27.71
CA ALA A 257 -4.52 -3.11 26.74
C ALA A 257 -4.70 -4.54 27.20
N THR A 258 -5.22 -5.35 26.29
CA THR A 258 -5.36 -6.79 26.46
C THR A 258 -5.00 -7.44 25.13
N GLU A 259 -4.59 -8.72 25.12
CA GLU A 259 -4.24 -9.39 23.86
C GLU A 259 -5.42 -9.45 22.85
N ASP A 260 -6.64 -9.53 23.36
CA ASP A 260 -7.82 -9.60 22.51
C ASP A 260 -8.02 -8.31 21.74
N PHE A 261 -7.62 -7.20 22.34
CA PHE A 261 -7.79 -5.92 21.72
C PHE A 261 -6.89 -5.86 20.52
N ASP A 262 -5.63 -6.31 20.67
CA ASP A 262 -4.78 -6.26 19.49
C ASP A 262 -5.40 -7.06 18.32
N ASP A 263 -6.07 -8.18 18.60
CA ASP A 263 -6.70 -8.90 17.51
C ASP A 263 -7.83 -8.08 16.87
N LEU A 264 -8.60 -7.36 17.67
CA LEU A 264 -9.68 -6.53 17.08
C LEU A 264 -9.14 -5.41 16.24
N LEU A 265 -8.05 -4.85 16.66
CA LEU A 265 -7.51 -3.74 15.94
C LEU A 265 -6.97 -4.19 14.59
N GLU A 266 -6.25 -5.32 14.54
CA GLU A 266 -5.68 -5.82 13.28
C GLU A 266 -6.71 -6.42 12.33
N SER A 267 -7.79 -6.91 12.87
CA SER A 267 -8.88 -7.47 12.11
C SER A 267 -9.78 -6.37 11.57
N ASP A 268 -9.45 -5.11 11.87
CA ASP A 268 -10.18 -3.94 11.45
C ASP A 268 -11.64 -3.92 11.89
N SER A 269 -11.89 -4.33 13.13
CA SER A 269 -13.21 -4.30 13.68
C SER A 269 -13.52 -3.02 14.43
N ILE A 270 -12.46 -2.26 14.68
CA ILE A 270 -12.55 -1.02 15.41
C ILE A 270 -12.52 0.14 14.43
N THR A 271 -13.65 0.81 14.38
CA THR A 271 -13.99 1.88 13.47
C THR A 271 -14.53 3.08 14.18
N GLY A 272 -14.66 4.18 13.46
CA GLY A 272 -15.28 5.35 14.06
C GLY A 272 -16.06 6.16 13.04
N GLN A 273 -16.72 7.20 13.53
CA GLN A 273 -17.56 8.04 12.69
C GLN A 273 -17.35 9.50 13.03
N ILE A 274 -17.37 10.37 12.04
CA ILE A 274 -17.29 11.78 12.37
C ILE A 274 -18.70 12.24 12.65
N ILE A 275 -18.93 12.78 13.83
CA ILE A 275 -20.27 13.21 14.15
C ILE A 275 -20.42 14.71 14.06
N TYR A 276 -19.34 15.41 14.29
CA TYR A 276 -19.46 16.85 14.23
C TYR A 276 -18.20 17.55 13.77
N VAL A 277 -18.37 18.55 12.92
CA VAL A 277 -17.26 19.37 12.43
C VAL A 277 -17.42 20.85 12.78
N ASP A 278 -16.41 21.43 13.42
CA ASP A 278 -16.48 22.84 13.75
C ASP A 278 -15.48 23.65 12.94
N LEU A 279 -15.98 24.34 11.92
CA LEU A 279 -15.16 25.05 10.94
C LEU A 279 -14.64 26.35 11.46
N SER A 280 -15.07 26.72 12.67
CA SER A 280 -14.62 27.95 13.26
C SER A 280 -13.51 27.68 14.30
N SER A 281 -13.35 26.42 14.76
CA SER A 281 -12.28 26.09 15.69
C SER A 281 -11.37 25.01 15.14
N TYR A 282 -11.74 24.46 13.98
CA TYR A 282 -11.00 23.45 13.28
C TYR A 282 -10.84 22.14 14.03
N TYR A 283 -11.94 21.68 14.61
CA TYR A 283 -11.89 20.37 15.29
C TYR A 283 -13.03 19.48 14.87
N ILE A 284 -12.82 18.18 15.04
CA ILE A 284 -13.87 17.23 14.76
C ILE A 284 -14.14 16.34 15.97
N ILE A 285 -15.40 15.92 16.12
CA ILE A 285 -15.75 15.01 17.20
C ILE A 285 -15.96 13.64 16.58
N VAL A 286 -15.19 12.67 17.07
CA VAL A 286 -15.21 11.32 16.53
C VAL A 286 -15.73 10.29 17.50
N ARG A 287 -16.68 9.51 17.03
CA ARG A 287 -17.25 8.43 17.82
C ARG A 287 -16.52 7.15 17.49
N VAL A 288 -15.96 6.49 18.49
CA VAL A 288 -15.21 5.27 18.30
C VAL A 288 -15.99 4.08 18.83
N TYR A 289 -16.16 3.08 17.98
CA TYR A 289 -16.92 1.91 18.33
C TYR A 289 -16.03 0.78 18.83
N PHE A 290 -16.47 0.13 19.89
CA PHE A 290 -15.79 -0.98 20.52
C PHE A 290 -16.67 -2.25 20.53
N PRO A 291 -16.54 -3.16 19.54
CA PRO A 291 -17.37 -4.32 19.28
C PRO A 291 -17.22 -5.44 20.27
N ILE A 292 -18.26 -6.26 20.34
CA ILE A 292 -18.29 -7.48 21.12
C ILE A 292 -18.20 -8.60 20.09
N LEU A 293 -17.26 -9.53 20.25
CA LEU A 293 -17.15 -10.57 19.23
C LEU A 293 -18.10 -11.69 19.50
N THR A 294 -18.86 -12.12 18.51
CA THR A 294 -19.78 -13.21 18.73
C THR A 294 -19.45 -14.41 17.85
N GLU A 295 -19.23 -15.54 18.50
CA GLU A 295 -18.88 -16.75 17.77
C GLU A 295 -20.12 -17.39 17.24
N ILE A 296 -19.95 -18.10 16.15
CA ILE A 296 -21.04 -18.83 15.56
C ILE A 296 -21.04 -20.25 16.02
N GLN A 297 -22.17 -20.68 16.54
CA GLN A 297 -22.29 -22.01 17.07
C GLN A 297 -22.36 -23.02 15.98
N GLN A 298 -21.90 -24.22 16.27
CA GLN A 298 -21.92 -25.31 15.31
C GLN A 298 -21.22 -24.87 14.04
N ALA A 299 -20.07 -24.22 14.20
CA ALA A 299 -19.34 -23.77 13.04
C ALA A 299 -17.86 -23.78 13.27
N TYR A 300 -17.12 -24.01 12.19
CA TYR A 300 -15.67 -24.00 12.21
C TYR A 300 -15.06 -23.79 10.84
N ILE A 301 -13.79 -23.42 10.82
CA ILE A 301 -13.05 -23.32 9.57
C ILE A 301 -11.89 -24.29 9.53
N GLN A 302 -11.88 -25.12 8.51
CA GLN A 302 -10.84 -26.13 8.35
C GLN A 302 -9.88 -25.81 7.23
N GLU A 303 -8.59 -25.82 7.51
CA GLU A 303 -7.65 -25.56 6.42
C GLU A 303 -7.10 -26.87 5.86
N LEU A 304 -6.70 -26.86 4.59
CA LEU A 304 -6.02 -28.00 3.99
C LEU A 304 -4.64 -27.60 3.46
N LEU A 305 -3.66 -28.47 3.60
CA LEU A 305 -2.28 -28.24 3.17
C LEU A 305 -2.01 -28.97 1.84
N PRO A 306 -1.81 -28.29 0.71
CA PRO A 306 -1.62 -28.95 -0.57
C PRO A 306 -0.25 -29.57 -0.68
N VAL A 307 -0.17 -30.73 -1.32
CA VAL A 307 1.08 -31.40 -1.64
C VAL A 307 1.04 -31.83 -3.10
N SER A 308 2.04 -31.50 -3.92
CA SER A 308 1.88 -31.99 -5.30
C SER A 308 2.04 -33.48 -5.38
N PHE A 309 1.37 -34.08 -6.34
CA PHE A 309 1.35 -35.52 -6.47
C PHE A 309 1.47 -35.89 -7.91
N ASN A 310 1.71 -37.16 -8.21
CA ASN A 310 1.77 -37.50 -9.63
C ASN A 310 0.70 -38.51 -10.01
N ASN A 311 0.22 -38.45 -11.25
CA ASN A 311 -0.77 -39.42 -11.70
C ASN A 311 -0.25 -40.33 -12.80
N ASP A 312 0.69 -39.81 -13.57
CA ASP A 312 1.24 -40.46 -14.74
C ASP A 312 2.74 -40.20 -14.86
N ASN A 313 3.12 -39.14 -15.59
CA ASN A 313 4.52 -38.82 -15.74
C ASN A 313 4.77 -37.34 -15.51
N SER A 314 4.06 -36.71 -14.57
CA SER A 314 4.27 -35.28 -14.28
C SER A 314 3.77 -35.03 -12.88
N GLU A 315 4.04 -33.86 -12.38
CA GLU A 315 3.52 -33.42 -11.12
C GLU A 315 2.25 -32.60 -11.34
N TRP A 316 1.28 -32.77 -10.43
CA TRP A 316 -0.01 -32.10 -10.45
C TRP A 316 -0.41 -31.51 -9.08
N ILE A 317 -1.20 -30.43 -9.10
CA ILE A 317 -1.79 -29.86 -7.89
C ILE A 317 -3.31 -29.88 -7.92
N SER A 318 -3.92 -30.43 -6.90
CA SER A 318 -5.38 -30.44 -6.83
C SER A 318 -5.88 -29.07 -6.43
N ILE A 319 -6.93 -28.58 -7.08
CA ILE A 319 -7.47 -27.26 -6.73
C ILE A 319 -8.79 -27.27 -5.98
N VAL A 320 -8.71 -26.88 -4.72
CA VAL A 320 -9.82 -26.77 -3.83
C VAL A 320 -9.60 -25.46 -3.11
N PRO A 321 -10.58 -24.86 -2.46
CA PRO A 321 -10.36 -23.74 -1.58
C PRO A 321 -9.49 -24.26 -0.47
N ASN A 322 -8.52 -23.47 0.00
CA ASN A 322 -7.69 -23.95 1.10
C ASN A 322 -8.43 -23.92 2.42
N PHE A 323 -9.34 -22.97 2.56
CA PHE A 323 -10.10 -22.84 3.80
C PHE A 323 -11.55 -23.10 3.58
N ILE A 324 -12.06 -24.09 4.27
CA ILE A 324 -13.43 -24.49 4.11
C ILE A 324 -14.25 -24.17 5.33
N LEU A 325 -15.36 -23.47 5.13
CA LEU A 325 -16.22 -23.09 6.22
C LEU A 325 -17.36 -24.07 6.39
N VAL A 326 -17.48 -24.60 7.57
CA VAL A 326 -18.53 -25.56 7.83
C VAL A 326 -19.46 -25.03 8.89
N ARG A 327 -20.75 -25.06 8.57
CA ARG A 327 -21.80 -24.60 9.49
C ARG A 327 -22.84 -25.69 9.54
N ASN A 328 -23.16 -26.19 10.71
CA ASN A 328 -24.10 -27.29 10.78
C ASN A 328 -23.59 -28.41 9.86
N THR A 329 -24.34 -28.76 8.83
CA THR A 329 -23.97 -29.83 7.91
C THR A 329 -23.66 -29.32 6.51
N LEU A 330 -23.52 -28.00 6.34
CA LEU A 330 -23.24 -27.48 5.01
C LEU A 330 -21.84 -26.94 4.90
N ILE A 331 -21.32 -27.01 3.69
CA ILE A 331 -20.01 -26.50 3.36
C ILE A 331 -20.14 -25.28 2.48
N SER A 332 -19.44 -24.23 2.84
CA SER A 332 -19.45 -23.01 2.06
C SER A 332 -18.04 -22.43 1.96
N ASN A 333 -17.84 -21.47 1.07
CA ASN A 333 -16.54 -20.87 0.88
C ASN A 333 -16.36 -19.62 1.72
N ILE A 334 -15.15 -19.32 2.15
CA ILE A 334 -14.97 -18.08 2.89
C ILE A 334 -13.91 -17.19 2.29
N GLU A 335 -14.20 -15.91 2.16
CA GLU A 335 -13.22 -14.99 1.61
C GLU A 335 -12.30 -14.53 2.72
N ILE A 336 -11.52 -15.49 3.19
CA ILE A 336 -10.69 -15.40 4.36
C ILE A 336 -9.58 -14.38 4.22
N GLY A 337 -9.28 -13.96 3.01
CA GLY A 337 -8.25 -12.98 2.75
C GLY A 337 -8.55 -11.65 3.43
N PHE A 338 -9.81 -11.45 3.83
CA PHE A 338 -10.20 -10.24 4.52
C PHE A 338 -10.32 -10.44 6.02
N CYS A 339 -9.97 -11.58 6.56
CA CYS A 339 -10.11 -11.92 7.95
C CYS A 339 -8.86 -12.19 8.68
N LEU A 340 -8.58 -11.65 9.80
CA LEU A 340 -7.43 -12.02 10.57
C LEU A 340 -7.45 -13.49 10.97
N ILE A 341 -6.35 -14.19 10.76
CA ILE A 341 -6.27 -15.57 11.15
C ILE A 341 -5.36 -15.70 12.34
N THR A 342 -5.88 -16.29 13.41
CA THR A 342 -5.17 -16.55 14.62
C THR A 342 -4.95 -18.03 14.76
N LYS A 343 -4.13 -18.43 15.73
CA LYS A 343 -3.90 -19.86 15.91
C LYS A 343 -5.16 -20.60 16.39
N ARG A 344 -6.10 -19.87 17.02
CA ARG A 344 -7.32 -20.49 17.53
C ARG A 344 -8.59 -20.19 16.72
N SER A 345 -8.67 -19.02 16.07
CA SER A 345 -9.90 -18.61 15.39
C SER A 345 -9.70 -17.67 14.22
N VAL A 346 -10.75 -17.49 13.43
CA VAL A 346 -10.75 -16.52 12.36
C VAL A 346 -11.65 -15.38 12.73
N ILE A 347 -11.10 -14.18 12.76
CA ILE A 347 -11.89 -13.03 13.17
C ILE A 347 -12.20 -12.12 12.04
N CYS A 348 -13.47 -12.03 11.73
CA CYS A 348 -13.91 -11.24 10.63
C CYS A 348 -14.69 -10.04 11.11
N ASN A 349 -14.65 -8.97 10.35
CA ASN A 349 -15.37 -7.78 10.73
C ASN A 349 -16.72 -7.67 9.99
N GLN A 350 -17.16 -8.80 9.45
CA GLN A 350 -18.43 -8.99 8.75
C GLN A 350 -18.54 -10.46 8.37
N ASP A 351 -19.72 -10.90 7.96
CA ASP A 351 -19.92 -12.25 7.44
C ASP A 351 -19.41 -12.40 6.00
N TYR A 352 -18.38 -13.23 5.80
CA TYR A 352 -17.75 -13.42 4.48
C TYR A 352 -18.04 -14.78 3.86
N ALA A 353 -19.11 -15.44 4.30
CA ALA A 353 -19.44 -16.73 3.70
C ALA A 353 -19.91 -16.52 2.26
N THR A 354 -19.53 -17.42 1.37
CA THR A 354 -19.93 -17.37 -0.04
C THR A 354 -20.39 -18.75 -0.58
N PRO A 355 -21.15 -18.81 -1.69
CA PRO A 355 -21.62 -20.00 -2.35
C PRO A 355 -20.50 -20.87 -2.85
N MET A 356 -20.83 -22.15 -3.01
CA MET A 356 -19.93 -23.15 -3.56
C MET A 356 -20.74 -24.01 -4.52
N THR A 357 -20.12 -24.50 -5.60
CA THR A 357 -20.84 -25.36 -6.53
C THR A 357 -21.00 -26.78 -6.02
N ASN A 358 -21.95 -27.50 -6.61
CA ASN A 358 -22.19 -28.89 -6.23
C ASN A 358 -21.04 -29.81 -6.53
N ASN A 359 -20.27 -29.50 -7.55
CA ASN A 359 -19.15 -30.36 -7.87
C ASN A 359 -18.07 -30.29 -6.80
N MET A 360 -17.98 -29.16 -6.09
CA MET A 360 -16.96 -29.09 -5.08
C MET A 360 -17.43 -29.83 -3.86
N ARG A 361 -18.74 -29.88 -3.66
CA ARG A 361 -19.20 -30.65 -2.53
C ARG A 361 -18.92 -32.11 -2.78
N GLU A 362 -19.12 -32.56 -4.01
CA GLU A 362 -18.87 -33.97 -4.30
C GLU A 362 -17.39 -34.27 -4.18
N CYS A 363 -16.48 -33.44 -4.61
CA CYS A 363 -15.11 -33.46 -4.44
C CYS A 363 -14.65 -33.79 -2.96
N LEU A 364 -15.16 -32.76 -2.17
CA LEU A 364 -14.86 -32.77 -0.75
C LEU A 364 -15.46 -33.90 0.07
N THR A 365 -16.64 -34.40 -0.30
CA THR A 365 -17.26 -35.47 0.47
C THR A 365 -16.91 -36.85 -0.10
N GLY A 366 -15.90 -36.96 -0.97
CA GLY A 366 -15.44 -38.27 -1.42
C GLY A 366 -15.55 -38.64 -2.91
N SER A 367 -16.33 -37.94 -3.71
CA SER A 367 -16.39 -38.34 -5.12
C SER A 367 -15.29 -37.57 -5.82
N THR A 368 -14.05 -38.02 -5.60
CA THR A 368 -12.84 -37.31 -6.01
C THR A 368 -12.58 -37.24 -7.50
N GLU A 369 -13.35 -37.99 -8.23
CA GLU A 369 -13.36 -38.01 -9.66
C GLU A 369 -13.65 -36.60 -10.19
N LYS A 370 -14.37 -35.81 -9.40
CA LYS A 370 -14.76 -34.46 -9.79
C LYS A 370 -13.80 -33.36 -9.30
N CYS A 371 -12.68 -33.71 -8.68
CA CYS A 371 -11.75 -32.69 -8.19
C CYS A 371 -10.77 -32.32 -9.32
N PRO A 372 -10.76 -31.08 -9.84
CA PRO A 372 -9.90 -30.61 -10.93
C PRO A 372 -8.45 -30.46 -10.48
N ARG A 373 -7.50 -30.64 -11.41
CA ARG A 373 -6.07 -30.46 -11.11
C ARG A 373 -5.29 -29.62 -12.11
N GLU A 374 -4.26 -28.92 -11.65
CA GLU A 374 -3.39 -28.17 -12.58
C GLU A 374 -2.02 -28.80 -12.69
N LEU A 375 -1.34 -28.57 -13.80
CA LEU A 375 -0.01 -29.12 -14.04
C LEU A 375 1.06 -28.32 -13.31
N VAL A 376 2.04 -29.00 -12.76
CA VAL A 376 3.17 -28.31 -12.18
C VAL A 376 4.28 -28.07 -13.18
N VAL A 377 4.65 -26.82 -13.29
CA VAL A 377 5.71 -26.37 -14.16
C VAL A 377 6.93 -25.90 -13.37
N SER A 378 6.63 -25.12 -12.31
CA SER A 378 7.58 -24.51 -11.39
C SER A 378 8.17 -25.47 -10.42
N SER A 379 9.43 -25.23 -10.10
CA SER A 379 10.16 -26.00 -9.12
C SER A 379 9.83 -25.59 -7.65
N HIS A 380 9.01 -24.54 -7.44
CA HIS A 380 8.69 -24.02 -6.11
C HIS A 380 7.54 -24.76 -5.38
N VAL A 381 6.82 -25.62 -6.08
CA VAL A 381 5.69 -26.32 -5.49
C VAL A 381 6.18 -27.24 -4.38
N PRO A 382 5.61 -27.22 -3.17
CA PRO A 382 6.05 -28.04 -2.06
C PRO A 382 5.66 -29.43 -2.40
N ARG A 383 6.48 -30.40 -2.00
CA ARG A 383 6.20 -31.78 -2.33
C ARG A 383 5.95 -32.69 -1.14
N PHE A 384 5.78 -32.10 0.05
CA PHE A 384 5.45 -32.91 1.21
C PHE A 384 4.79 -32.11 2.32
N ALA A 385 4.11 -32.81 3.25
CA ALA A 385 3.53 -32.16 4.43
C ALA A 385 3.46 -33.10 5.64
N LEU A 386 3.47 -32.50 6.84
CA LEU A 386 3.34 -33.26 8.07
C LEU A 386 1.98 -33.06 8.70
N SER A 387 1.34 -34.16 9.02
CA SER A 387 0.06 -34.14 9.71
C SER A 387 -0.09 -35.19 10.81
N ASN A 388 -0.16 -34.75 12.05
CA ASN A 388 -0.31 -35.59 13.25
C ASN A 388 0.76 -36.63 13.35
N GLY A 389 1.96 -36.23 13.02
CA GLY A 389 3.11 -37.12 13.08
C GLY A 389 3.29 -37.97 11.82
N VAL A 390 2.46 -37.80 10.83
CA VAL A 390 2.56 -38.58 9.62
C VAL A 390 3.00 -37.80 8.40
N LEU A 391 3.87 -38.40 7.58
CA LEU A 391 4.31 -37.73 6.38
C LEU A 391 3.64 -38.16 5.14
N PHE A 392 3.20 -37.17 4.41
CA PHE A 392 2.60 -37.38 3.12
C PHE A 392 3.56 -36.78 2.16
N ALA A 393 4.16 -37.60 1.32
CA ALA A 393 5.19 -37.08 0.46
C ALA A 393 5.22 -37.69 -0.91
N ASN A 394 5.69 -36.91 -1.84
CA ASN A 394 5.90 -37.38 -3.17
C ASN A 394 7.31 -37.94 -3.31
N CYS A 395 7.43 -39.23 -3.40
CA CYS A 395 8.83 -39.84 -3.45
C CYS A 395 9.22 -40.13 -4.83
N ILE A 396 8.60 -39.62 -5.87
CA ILE A 396 9.08 -39.84 -7.23
C ILE A 396 10.00 -38.67 -7.55
N SER A 397 9.59 -37.48 -7.09
CA SER A 397 10.29 -36.21 -7.32
C SER A 397 11.12 -35.72 -6.12
N VAL A 398 11.12 -36.48 -5.04
CA VAL A 398 11.86 -36.18 -3.80
C VAL A 398 12.64 -37.39 -3.41
N THR A 399 13.86 -37.18 -2.97
CA THR A 399 14.63 -38.32 -2.53
C THR A 399 14.20 -38.65 -1.12
N CYS A 400 13.65 -39.85 -0.96
CA CYS A 400 13.14 -40.32 0.31
C CYS A 400 13.88 -41.56 0.72
N GLN A 401 14.29 -41.61 1.95
CA GLN A 401 14.92 -42.84 2.42
C GLN A 401 14.70 -42.99 3.88
N CYS A 402 14.84 -44.25 4.34
CA CYS A 402 14.55 -44.48 5.75
C CYS A 402 15.82 -44.73 6.55
N GLN A 403 16.10 -43.68 7.34
CA GLN A 403 17.33 -43.56 8.13
C GLN A 403 17.56 -44.64 9.10
N THR A 404 16.51 -45.17 9.64
CA THR A 404 16.63 -46.21 10.61
C THR A 404 17.34 -47.42 10.01
N THR A 405 17.05 -47.74 8.76
CA THR A 405 17.67 -48.90 8.12
C THR A 405 18.65 -48.62 6.99
N GLY A 406 18.55 -47.45 6.37
CA GLY A 406 19.35 -47.10 5.19
C GLY A 406 18.63 -47.48 3.88
N ARG A 407 17.49 -48.17 4.00
CA ARG A 407 16.69 -48.63 2.88
C ARG A 407 16.05 -47.45 2.19
N ALA A 408 15.99 -47.46 0.87
CA ALA A 408 15.27 -46.40 0.21
C ALA A 408 13.79 -46.61 0.35
N ILE A 409 13.08 -45.50 0.29
CA ILE A 409 11.64 -45.46 0.23
C ILE A 409 11.35 -45.10 -1.20
N SER A 410 10.42 -45.76 -1.82
CA SER A 410 10.15 -45.41 -3.22
C SER A 410 8.68 -45.45 -3.47
N GLN A 411 8.27 -44.77 -4.51
CA GLN A 411 6.87 -44.70 -4.88
C GLN A 411 6.69 -45.28 -6.27
N SER A 412 5.70 -46.12 -6.44
CA SER A 412 5.45 -46.73 -7.73
C SER A 412 4.62 -45.72 -8.49
N GLY A 413 4.42 -45.96 -9.77
CA GLY A 413 3.60 -45.04 -10.56
C GLY A 413 2.11 -45.18 -10.25
N GLU A 414 1.74 -46.15 -9.40
CA GLU A 414 0.34 -46.38 -9.03
C GLU A 414 -0.12 -45.49 -7.86
N GLN A 415 0.80 -44.89 -7.11
CA GLN A 415 0.42 -44.06 -5.99
C GLN A 415 0.53 -42.63 -6.42
N THR A 416 -0.30 -41.79 -5.85
CA THR A 416 -0.32 -40.34 -6.06
C THR A 416 0.77 -39.78 -5.17
N LEU A 417 0.50 -39.86 -3.85
CA LEU A 417 1.44 -39.54 -2.78
C LEU A 417 1.69 -40.81 -2.04
N LEU A 418 2.83 -40.93 -1.41
CA LEU A 418 3.12 -42.08 -0.59
C LEU A 418 3.02 -41.66 0.88
N MET A 419 2.35 -42.46 1.72
CA MET A 419 2.25 -42.13 3.14
C MET A 419 3.29 -42.88 3.95
N ILE A 420 4.05 -42.15 4.76
CA ILE A 420 5.12 -42.74 5.54
C ILE A 420 4.89 -42.54 7.05
N ASP A 421 4.93 -43.64 7.82
CA ASP A 421 4.79 -43.46 9.27
C ASP A 421 5.74 -44.42 10.00
N ASN A 422 5.66 -44.44 11.34
CA ASN A 422 6.57 -45.13 12.20
C ASN A 422 6.34 -46.64 12.36
N THR A 423 5.40 -47.18 11.58
CA THR A 423 5.22 -48.61 11.66
C THR A 423 5.95 -49.28 10.51
N THR A 424 6.40 -48.48 9.55
CA THR A 424 7.17 -48.93 8.40
C THR A 424 8.59 -48.41 8.51
N CYS A 425 8.72 -47.19 9.03
CA CYS A 425 9.99 -46.53 9.15
C CYS A 425 9.99 -45.59 10.36
N PRO A 426 10.54 -45.97 11.52
CA PRO A 426 10.51 -45.18 12.75
C PRO A 426 10.93 -43.71 12.57
N THR A 427 11.89 -43.47 11.67
CA THR A 427 12.39 -42.14 11.35
C THR A 427 12.69 -42.05 9.89
N ALA A 428 12.54 -40.90 9.29
CA ALA A 428 12.89 -40.85 7.87
C ALA A 428 13.47 -39.55 7.42
N VAL A 429 14.15 -39.60 6.28
CA VAL A 429 14.73 -38.40 5.73
C VAL A 429 14.21 -38.05 4.36
N LEU A 430 13.85 -36.79 4.24
CA LEU A 430 13.42 -36.25 2.97
C LEU A 430 14.37 -35.15 2.59
N GLY A 431 15.07 -35.28 1.48
CA GLY A 431 16.03 -34.24 1.19
C GLY A 431 17.10 -34.26 2.28
N ASN A 432 17.29 -33.14 2.97
CA ASN A 432 18.29 -33.08 4.03
C ASN A 432 17.69 -32.91 5.43
N VAL A 433 16.42 -33.24 5.62
CA VAL A 433 15.81 -33.08 6.94
C VAL A 433 15.38 -34.41 7.55
N ILE A 434 15.82 -34.63 8.79
CA ILE A 434 15.51 -35.87 9.49
C ILE A 434 14.31 -35.67 10.39
N ILE A 435 13.25 -36.45 10.15
CA ILE A 435 12.02 -36.30 10.92
C ILE A 435 11.60 -37.60 11.61
N SER A 436 11.40 -37.56 12.92
CA SER A 436 10.93 -38.77 13.59
C SER A 436 9.49 -38.92 13.18
N LEU A 437 8.94 -40.11 13.13
CA LEU A 437 7.53 -40.22 12.77
C LEU A 437 6.60 -40.72 13.86
N GLY A 438 5.32 -40.40 13.71
CA GLY A 438 4.26 -40.93 14.57
C GLY A 438 3.63 -42.08 13.81
N LYS A 439 2.44 -42.54 14.23
CA LYS A 439 1.73 -43.66 13.62
C LYS A 439 0.52 -43.14 12.85
N TYR A 440 0.20 -43.74 11.71
CA TYR A 440 -1.01 -43.32 11.03
C TYR A 440 -2.19 -44.06 11.62
N LEU A 441 -3.06 -43.30 12.25
CA LEU A 441 -4.26 -43.82 12.90
C LEU A 441 -5.34 -43.78 11.84
N GLY A 442 -5.29 -44.72 10.94
CA GLY A 442 -6.19 -44.77 9.81
C GLY A 442 -6.09 -46.12 9.15
N SER A 443 -6.43 -46.24 7.87
CA SER A 443 -6.38 -47.58 7.29
C SER A 443 -4.95 -48.04 7.32
N VAL A 444 -4.78 -49.34 7.43
CA VAL A 444 -3.47 -49.96 7.48
C VAL A 444 -2.82 -50.12 6.11
N ASN A 445 -3.64 -50.35 5.09
CA ASN A 445 -3.20 -50.56 3.73
C ASN A 445 -3.45 -49.33 2.84
N TYR A 446 -3.21 -48.16 3.40
CA TYR A 446 -3.41 -46.87 2.75
C TYR A 446 -2.74 -46.79 1.40
N ASN A 447 -1.49 -47.26 1.37
CA ASN A 447 -0.65 -47.15 0.18
C ASN A 447 -0.90 -48.26 -0.84
N SER A 448 -1.87 -49.12 -0.57
CA SER A 448 -2.23 -50.18 -1.48
C SER A 448 -3.44 -49.82 -2.35
N GLU A 449 -4.10 -48.69 -2.07
CA GLU A 449 -5.32 -48.43 -2.83
C GLU A 449 -5.23 -47.17 -3.68
N GLY A 450 -5.92 -47.21 -4.82
CA GLY A 450 -5.98 -46.07 -5.73
C GLY A 450 -7.11 -45.11 -5.38
N ILE A 451 -7.27 -44.11 -6.24
CA ILE A 451 -8.29 -43.10 -6.11
C ILE A 451 -8.56 -42.58 -7.52
N ALA A 452 -9.79 -42.20 -7.85
CA ALA A 452 -10.03 -41.62 -9.15
C ALA A 452 -9.44 -40.22 -9.20
N ILE A 453 -8.91 -39.81 -10.34
CA ILE A 453 -8.40 -38.46 -10.48
C ILE A 453 -9.24 -37.71 -11.51
N GLY A 454 -9.61 -36.47 -11.18
CA GLY A 454 -10.41 -35.64 -12.07
C GLY A 454 -9.60 -35.06 -13.24
N PRO A 455 -10.20 -34.20 -14.07
CA PRO A 455 -9.60 -33.63 -15.27
C PRO A 455 -8.58 -32.52 -15.01
N PRO A 456 -7.65 -32.29 -15.94
CA PRO A 456 -6.75 -31.16 -16.03
C PRO A 456 -7.47 -29.86 -16.25
N VAL A 457 -7.01 -28.83 -15.59
CA VAL A 457 -7.49 -27.48 -15.80
C VAL A 457 -6.35 -26.51 -15.92
N PHE A 458 -6.67 -25.32 -16.42
CA PHE A 458 -5.76 -24.20 -16.49
C PHE A 458 -6.46 -23.04 -15.79
N THR A 459 -5.73 -22.26 -14.99
CA THR A 459 -6.33 -21.16 -14.24
C THR A 459 -5.91 -19.74 -14.65
N ASP A 460 -4.93 -19.60 -15.52
CA ASP A 460 -4.45 -18.28 -15.91
C ASP A 460 -5.50 -17.39 -16.59
N LYS A 461 -5.47 -16.11 -16.30
CA LYS A 461 -6.43 -15.20 -16.90
C LYS A 461 -6.54 -15.31 -18.44
N VAL A 462 -5.43 -15.47 -19.13
CA VAL A 462 -5.47 -15.60 -20.58
C VAL A 462 -6.02 -16.95 -20.92
N ASP A 463 -5.55 -17.96 -20.19
CA ASP A 463 -6.02 -19.32 -20.47
C ASP A 463 -7.53 -19.42 -20.31
N ILE A 464 -8.10 -18.75 -19.34
CA ILE A 464 -9.54 -18.81 -19.16
C ILE A 464 -10.23 -18.25 -20.38
N SER A 465 -9.79 -17.11 -20.88
CA SER A 465 -10.46 -16.60 -22.08
C SER A 465 -10.33 -17.57 -23.26
N SER A 466 -9.14 -18.16 -23.44
CA SER A 466 -8.96 -19.10 -24.53
C SER A 466 -9.81 -20.35 -24.39
N GLN A 467 -9.96 -20.87 -23.17
CA GLN A 467 -10.77 -22.06 -22.94
C GLN A 467 -12.22 -21.79 -23.27
N ILE A 468 -12.70 -20.58 -22.95
CA ILE A 468 -14.08 -20.24 -23.25
C ILE A 468 -14.28 -20.23 -24.76
N SER A 469 -13.34 -19.62 -25.49
CA SER A 469 -13.46 -19.58 -26.94
C SER A 469 -13.47 -20.96 -27.54
N SER A 470 -12.61 -21.84 -27.04
CA SER A 470 -12.51 -23.17 -27.56
C SER A 470 -13.80 -23.94 -27.39
N MET A 471 -14.38 -23.85 -26.19
CA MET A 471 -15.63 -24.57 -25.94
C MET A 471 -16.72 -24.07 -26.84
N ASN A 472 -16.80 -22.77 -27.07
CA ASN A 472 -17.80 -22.17 -27.90
C ASN A 472 -17.67 -22.61 -29.36
N GLN A 473 -16.42 -22.70 -29.84
CA GLN A 473 -16.26 -23.11 -31.23
C GLN A 473 -16.69 -24.55 -31.45
N SER A 474 -16.38 -25.42 -30.49
CA SER A 474 -16.77 -26.81 -30.64
C SER A 474 -18.28 -26.95 -30.57
N LEU A 475 -18.92 -26.24 -29.63
CA LEU A 475 -20.36 -26.32 -29.44
C LEU A 475 -21.09 -25.81 -30.68
N GLN A 476 -20.62 -24.71 -31.26
CA GLN A 476 -21.26 -24.17 -32.43
C GLN A 476 -21.16 -25.12 -33.63
N GLN A 477 -20.04 -25.83 -33.81
CA GLN A 477 -20.02 -26.80 -34.92
C GLN A 477 -20.99 -27.97 -34.67
N SER A 478 -21.08 -28.45 -33.42
CA SER A 478 -21.98 -29.56 -33.14
C SER A 478 -23.45 -29.19 -33.35
N LYS A 479 -23.80 -27.94 -33.06
CA LYS A 479 -25.17 -27.51 -33.29
C LYS A 479 -25.58 -27.67 -34.77
N ASP A 480 -24.64 -27.46 -35.69
CA ASP A 480 -24.97 -27.62 -37.11
C ASP A 480 -25.09 -29.09 -37.47
N TYR A 481 -24.30 -29.92 -36.79
CA TYR A 481 -24.36 -31.34 -37.08
C TYR A 481 -25.70 -31.92 -36.60
N ILE A 482 -26.23 -31.43 -35.47
CA ILE A 482 -27.54 -31.96 -35.05
C ILE A 482 -28.60 -31.48 -36.05
N LYS A 483 -28.47 -30.26 -36.61
CA LYS A 483 -29.44 -29.87 -37.64
C LYS A 483 -29.43 -30.84 -38.83
N GLU A 484 -28.25 -31.26 -39.32
CA GLU A 484 -28.25 -32.21 -40.44
C GLU A 484 -28.86 -33.55 -40.02
N ALA A 485 -28.57 -33.98 -38.77
CA ALA A 485 -29.08 -35.22 -38.22
C ALA A 485 -30.61 -35.19 -38.12
N GLN A 486 -31.18 -34.03 -37.78
CA GLN A 486 -32.62 -33.86 -37.67
C GLN A 486 -33.34 -33.81 -39.04
N ARG A 487 -32.75 -33.12 -40.04
CA ARG A 487 -33.41 -32.97 -41.34
C ARG A 487 -33.52 -34.30 -42.12
N LEU A 488 -32.44 -35.06 -42.19
CA LEU A 488 -32.44 -36.32 -42.93
C LEU A 488 -33.26 -37.35 -42.16
N GLU B 1 -20.86 -26.14 33.06
CA GLU B 1 -21.04 -25.24 34.19
C GLU B 1 -19.72 -24.65 34.63
N VAL B 2 -19.66 -23.33 34.74
CA VAL B 2 -18.43 -22.72 35.21
C VAL B 2 -18.35 -22.85 36.70
N GLN B 3 -17.28 -23.46 37.18
CA GLN B 3 -17.12 -23.66 38.61
C GLN B 3 -15.80 -23.11 39.15
N LEU B 4 -15.79 -21.85 39.54
CA LEU B 4 -14.56 -21.25 40.05
C LEU B 4 -14.49 -21.59 41.52
N VAL B 5 -13.35 -22.08 41.99
CA VAL B 5 -13.23 -22.42 43.40
C VAL B 5 -12.05 -21.80 44.10
N GLU B 6 -12.34 -20.86 45.00
CA GLU B 6 -11.31 -20.19 45.77
C GLU B 6 -10.88 -20.98 46.98
N SER B 7 -9.61 -20.84 47.31
CA SER B 7 -9.06 -21.34 48.54
C SER B 7 -7.89 -20.53 48.99
N GLY B 8 -7.27 -20.99 50.06
CA GLY B 8 -6.12 -20.31 50.63
C GLY B 8 -6.46 -19.16 51.59
N GLY B 9 -7.67 -19.10 52.11
CA GLY B 9 -7.98 -17.99 53.02
C GLY B 9 -7.46 -18.31 54.41
N GLY B 10 -7.82 -17.48 55.39
CA GLY B 10 -7.33 -17.67 56.75
C GLY B 10 -7.01 -16.37 57.49
N LEU B 11 -6.38 -16.52 58.67
CA LEU B 11 -6.02 -15.41 59.55
C LEU B 11 -4.56 -15.03 59.42
N VAL B 12 -4.32 -13.74 59.17
CA VAL B 12 -3.01 -13.16 58.98
C VAL B 12 -2.76 -12.07 60.00
N LYS B 13 -1.58 -12.04 60.62
CA LYS B 13 -1.31 -10.96 61.55
C LYS B 13 -1.02 -9.72 60.69
N PRO B 14 -1.28 -8.48 61.11
CA PRO B 14 -1.03 -7.31 60.31
C PRO B 14 0.44 -7.30 60.00
N GLY B 15 0.77 -6.88 58.79
CA GLY B 15 2.15 -6.82 58.33
C GLY B 15 2.57 -8.12 57.67
N GLY B 16 1.69 -9.13 57.72
CA GLY B 16 1.95 -10.44 57.17
C GLY B 16 1.62 -10.58 55.68
N SER B 17 1.50 -11.83 55.24
CA SER B 17 1.27 -12.14 53.84
C SER B 17 0.38 -13.36 53.70
N LEU B 18 -0.24 -13.51 52.53
CA LEU B 18 -1.11 -14.65 52.28
C LEU B 18 -1.30 -14.91 50.80
N LYS B 19 -1.12 -16.13 50.36
CA LYS B 19 -1.33 -16.44 48.95
C LYS B 19 -2.67 -17.15 48.72
N LEU B 20 -3.48 -16.61 47.81
CA LEU B 20 -4.79 -17.19 47.49
C LEU B 20 -4.76 -17.87 46.14
N SER B 21 -5.60 -18.86 45.92
CA SER B 21 -5.67 -19.43 44.61
C SER B 21 -7.06 -19.88 44.28
N CYS B 22 -7.37 -19.72 43.04
CA CYS B 22 -8.69 -20.04 42.46
C CYS B 22 -8.63 -20.97 41.28
N ALA B 23 -8.95 -22.24 41.50
CA ALA B 23 -8.91 -23.23 40.42
C ALA B 23 -10.15 -23.06 39.54
N ALA B 24 -9.95 -23.25 38.24
CA ALA B 24 -11.03 -23.16 37.28
C ALA B 24 -11.39 -24.49 36.70
N SER B 25 -12.64 -24.62 36.31
CA SER B 25 -13.15 -25.81 35.67
C SER B 25 -14.39 -25.52 34.83
N GLY B 26 -14.58 -26.25 33.73
CA GLY B 26 -15.80 -26.17 32.92
C GLY B 26 -15.78 -25.23 31.71
N PHE B 27 -14.67 -24.56 31.49
CA PHE B 27 -14.52 -23.63 30.40
C PHE B 27 -13.06 -23.57 30.09
N THR B 28 -12.69 -22.95 29.00
CA THR B 28 -11.27 -22.90 28.77
C THR B 28 -10.68 -21.68 29.41
N PHE B 29 -9.84 -21.97 30.38
CA PHE B 29 -9.20 -21.00 31.24
C PHE B 29 -8.42 -20.05 30.39
N SER B 30 -7.69 -20.60 29.45
CA SER B 30 -6.76 -19.87 28.62
C SER B 30 -7.42 -18.86 27.66
N SER B 31 -8.75 -18.88 27.56
CA SER B 31 -9.48 -17.96 26.70
C SER B 31 -10.04 -16.71 27.39
N TYR B 32 -9.96 -16.60 28.72
CA TYR B 32 -10.60 -15.45 29.37
C TYR B 32 -9.75 -14.71 30.37
N ASP B 33 -9.96 -13.40 30.44
CA ASP B 33 -9.33 -12.59 31.44
C ASP B 33 -10.08 -12.74 32.76
N MET B 34 -9.38 -12.50 33.87
CA MET B 34 -10.00 -12.70 35.18
C MET B 34 -9.58 -11.68 36.19
N SER B 35 -10.33 -11.64 37.29
CA SER B 35 -10.09 -10.70 38.36
C SER B 35 -10.43 -11.16 39.73
N TRP B 36 -9.97 -10.38 40.68
CA TRP B 36 -10.37 -10.57 42.06
C TRP B 36 -11.20 -9.37 42.48
N VAL B 37 -12.29 -9.67 43.17
CA VAL B 37 -13.23 -8.68 43.69
C VAL B 37 -13.36 -8.87 45.18
N ARG B 38 -13.25 -7.80 45.91
CA ARG B 38 -13.31 -7.87 47.34
C ARG B 38 -14.60 -7.34 47.91
N GLN B 39 -15.17 -8.07 48.89
CA GLN B 39 -16.39 -7.61 49.54
C GLN B 39 -16.16 -7.35 51.02
N THR B 40 -16.40 -6.12 51.44
CA THR B 40 -16.10 -5.73 52.81
C THR B 40 -17.21 -6.29 53.71
N PRO B 41 -17.04 -6.34 55.04
CA PRO B 41 -18.07 -6.71 56.00
C PRO B 41 -19.34 -5.88 55.86
N GLU B 42 -19.18 -4.63 55.42
CA GLU B 42 -20.24 -3.64 55.19
C GLU B 42 -20.98 -3.86 53.87
N LYS B 43 -20.55 -4.86 53.10
CA LYS B 43 -21.07 -5.26 51.81
C LYS B 43 -20.73 -4.30 50.68
N ARG B 44 -19.59 -3.62 50.75
CA ARG B 44 -19.21 -2.80 49.63
C ARG B 44 -18.32 -3.64 48.71
N LEU B 45 -18.53 -3.54 47.41
CA LEU B 45 -17.67 -4.30 46.51
C LEU B 45 -16.56 -3.41 45.97
N GLU B 46 -15.36 -3.96 45.92
CA GLU B 46 -14.21 -3.27 45.37
C GLU B 46 -13.43 -4.13 44.39
N TRP B 47 -12.95 -3.52 43.33
CA TRP B 47 -12.12 -4.25 42.40
C TRP B 47 -10.74 -4.36 43.03
N VAL B 48 -10.13 -5.54 43.00
CA VAL B 48 -8.79 -5.67 43.56
C VAL B 48 -7.73 -5.76 42.48
N ALA B 49 -7.94 -6.61 41.49
CA ALA B 49 -6.94 -6.73 40.42
C ALA B 49 -7.45 -7.49 39.23
N MET B 50 -6.84 -7.30 38.06
CA MET B 50 -7.16 -8.17 36.92
C MET B 50 -5.95 -8.56 36.15
N ILE B 51 -6.04 -9.70 35.49
CA ILE B 51 -4.99 -10.13 34.62
C ILE B 51 -5.63 -10.51 33.31
N SER B 52 -5.01 -10.07 32.21
CA SER B 52 -5.52 -10.37 30.90
C SER B 52 -5.30 -11.81 30.53
N SER B 53 -5.91 -12.23 29.43
CA SER B 53 -5.89 -13.61 28.98
C SER B 53 -4.53 -14.23 28.81
N GLY B 54 -3.56 -13.52 28.24
CA GLY B 54 -2.28 -14.17 28.04
C GLY B 54 -1.28 -13.93 29.15
N GLY B 55 -1.70 -13.20 30.18
CA GLY B 55 -0.82 -12.88 31.28
C GLY B 55 0.18 -11.76 30.97
N SER B 56 0.07 -11.07 29.82
CA SER B 56 1.07 -10.04 29.53
C SER B 56 0.77 -8.70 30.16
N TYR B 57 -0.46 -8.51 30.56
CA TYR B 57 -0.90 -7.25 31.10
C TYR B 57 -1.67 -7.48 32.38
N SER B 58 -1.53 -6.56 33.34
CA SER B 58 -2.31 -6.64 34.58
C SER B 58 -2.58 -5.25 35.06
N TYR B 59 -3.66 -5.11 35.81
CA TYR B 59 -4.00 -3.81 36.35
C TYR B 59 -4.40 -3.88 37.81
N TYR B 60 -4.06 -2.84 38.56
CA TYR B 60 -4.41 -2.74 39.97
C TYR B 60 -4.93 -1.37 40.35
N PRO B 61 -5.79 -1.26 41.37
CA PRO B 61 -6.18 -0.05 42.07
C PRO B 61 -4.98 0.47 42.79
N ASP B 62 -4.91 1.77 42.98
CA ASP B 62 -3.78 2.35 43.70
C ASP B 62 -3.58 1.79 45.10
N SER B 63 -4.65 1.41 45.78
CA SER B 63 -4.55 0.94 47.15
C SER B 63 -3.88 -0.43 47.33
N VAL B 64 -3.75 -1.20 46.25
CA VAL B 64 -3.08 -2.50 46.32
C VAL B 64 -1.92 -2.57 45.34
N LYS B 65 -1.85 -1.64 44.42
CA LYS B 65 -0.78 -1.65 43.47
C LYS B 65 0.53 -1.51 44.22
N GLY B 66 1.46 -2.41 43.92
CA GLY B 66 2.77 -2.41 44.55
C GLY B 66 2.82 -3.37 45.74
N ARG B 67 1.65 -3.83 46.19
CA ARG B 67 1.58 -4.75 47.31
C ARG B 67 1.13 -6.11 46.84
N PHE B 68 0.17 -6.13 45.93
CA PHE B 68 -0.37 -7.40 45.49
C PHE B 68 0.13 -7.81 44.12
N THR B 69 0.27 -9.10 43.93
CA THR B 69 0.61 -9.63 42.62
C THR B 69 -0.43 -10.61 42.11
N ILE B 70 -0.91 -10.39 40.91
CA ILE B 70 -1.90 -11.29 40.33
C ILE B 70 -1.16 -12.02 39.23
N SER B 71 -1.35 -13.31 39.14
CA SER B 71 -0.65 -14.12 38.16
C SER B 71 -1.50 -15.32 37.73
N ARG B 72 -1.19 -15.95 36.61
CA ARG B 72 -1.97 -17.13 36.25
C ARG B 72 -1.11 -18.20 35.65
N ASP B 73 -1.47 -19.44 35.93
CA ASP B 73 -0.82 -20.60 35.37
C ASP B 73 -1.81 -21.27 34.45
N ASN B 74 -1.65 -21.08 33.14
CA ASN B 74 -2.68 -21.60 32.26
C ASN B 74 -2.67 -23.12 32.20
N ALA B 75 -1.50 -23.72 32.35
CA ALA B 75 -1.39 -25.18 32.30
C ALA B 75 -2.17 -25.83 33.42
N LYS B 76 -2.17 -25.18 34.57
CA LYS B 76 -2.87 -25.70 35.75
C LYS B 76 -4.27 -25.15 35.90
N ASN B 77 -4.74 -24.34 34.96
CA ASN B 77 -6.05 -23.73 35.05
C ASN B 77 -6.23 -23.01 36.37
N THR B 78 -5.20 -22.31 36.84
CA THR B 78 -5.31 -21.67 38.15
C THR B 78 -4.96 -20.19 38.20
N LEU B 79 -5.84 -19.42 38.84
CA LEU B 79 -5.63 -17.98 39.04
C LEU B 79 -5.06 -17.75 40.44
N TYR B 80 -3.99 -16.97 40.57
CA TYR B 80 -3.39 -16.73 41.88
C TYR B 80 -3.33 -15.26 42.25
N LEU B 81 -3.41 -14.99 43.55
CA LEU B 81 -3.20 -13.62 44.05
C LEU B 81 -2.30 -13.67 45.27
N GLN B 82 -1.19 -12.98 45.19
CA GLN B 82 -0.25 -12.94 46.31
C GLN B 82 -0.40 -11.64 47.04
N MET B 83 -0.87 -11.72 48.27
CA MET B 83 -1.11 -10.54 49.04
C MET B 83 0.11 -10.25 49.94
N SER B 84 0.42 -8.98 50.19
CA SER B 84 1.52 -8.68 51.12
C SER B 84 1.19 -7.43 51.93
N SER B 85 1.93 -7.29 53.05
CA SER B 85 1.83 -6.19 53.99
C SER B 85 0.39 -5.99 54.36
N LEU B 86 -0.26 -7.06 54.78
CA LEU B 86 -1.69 -6.96 54.99
C LEU B 86 -2.03 -6.02 56.13
N ARG B 87 -3.12 -5.30 55.94
CA ARG B 87 -3.64 -4.31 56.88
C ARG B 87 -5.02 -4.74 57.38
N SER B 88 -5.51 -4.16 58.50
CA SER B 88 -6.87 -4.52 58.96
C SER B 88 -7.92 -4.08 57.94
N GLU B 89 -7.51 -3.15 57.09
CA GLU B 89 -8.25 -2.55 56.00
C GLU B 89 -8.60 -3.57 54.93
N ASP B 90 -7.86 -4.68 54.91
CA ASP B 90 -8.03 -5.71 53.93
C ASP B 90 -8.94 -6.85 54.38
N THR B 91 -9.56 -6.75 55.56
CA THR B 91 -10.43 -7.87 55.92
C THR B 91 -11.65 -7.88 55.01
N ALA B 92 -11.86 -8.99 54.33
CA ALA B 92 -12.94 -9.09 53.36
C ALA B 92 -13.12 -10.48 52.78
N MET B 93 -14.23 -10.68 52.08
CA MET B 93 -14.34 -11.88 51.25
C MET B 93 -13.63 -11.60 49.95
N TYR B 94 -12.89 -12.59 49.48
CA TYR B 94 -12.22 -12.47 48.20
C TYR B 94 -12.79 -13.40 47.17
N TYR B 95 -13.34 -12.80 46.12
CA TYR B 95 -13.97 -13.54 45.05
C TYR B 95 -13.16 -13.64 43.81
N CYS B 96 -13.20 -14.81 43.22
CA CYS B 96 -12.60 -15.06 41.94
C CYS B 96 -13.67 -14.87 40.91
N ALA B 97 -13.41 -14.04 39.91
CA ALA B 97 -14.44 -13.84 38.90
C ALA B 97 -13.89 -13.81 37.50
N ARG B 98 -14.71 -14.30 36.58
CA ARG B 98 -14.39 -14.34 35.17
C ARG B 98 -15.08 -13.22 34.44
N GLN B 99 -14.30 -12.49 33.65
CA GLN B 99 -14.78 -11.37 32.88
C GLN B 99 -15.36 -11.76 31.55
N GLY B 100 -16.21 -10.90 31.06
CA GLY B 100 -16.79 -11.06 29.74
C GLY B 100 -15.92 -10.30 28.77
N ASP B 101 -16.47 -9.74 27.72
CA ASP B 101 -15.61 -9.08 26.77
C ASP B 101 -14.87 -7.85 27.30
N TYR B 102 -15.45 -7.14 28.28
CA TYR B 102 -14.81 -5.98 28.84
C TYR B 102 -14.59 -6.19 30.33
N ALA B 103 -15.36 -5.53 31.19
CA ALA B 103 -15.13 -5.79 32.61
C ALA B 103 -16.42 -5.94 33.38
N TRP B 104 -17.34 -6.72 32.84
CA TRP B 104 -18.46 -7.10 33.61
C TRP B 104 -18.00 -8.45 34.11
N PHE B 105 -18.48 -8.85 35.26
CA PHE B 105 -18.04 -10.12 35.83
C PHE B 105 -19.15 -11.13 35.67
N ALA B 106 -18.95 -12.04 34.72
CA ALA B 106 -19.99 -12.97 34.34
C ALA B 106 -20.11 -14.16 35.27
N TYR B 107 -18.98 -14.64 35.77
CA TYR B 107 -19.02 -15.79 36.66
C TYR B 107 -18.23 -15.55 37.89
N TRP B 108 -18.81 -15.90 39.02
CA TRP B 108 -18.16 -15.69 40.30
C TRP B 108 -18.05 -17.00 41.06
N GLY B 109 -17.01 -17.16 41.83
CA GLY B 109 -16.87 -18.32 42.69
C GLY B 109 -17.58 -18.04 44.01
N GLN B 110 -17.52 -18.98 44.94
CA GLN B 110 -18.15 -18.80 46.24
C GLN B 110 -17.43 -17.77 47.09
N GLY B 111 -16.13 -17.72 46.93
CA GLY B 111 -15.29 -16.77 47.64
C GLY B 111 -14.69 -17.35 48.90
N THR B 112 -13.54 -16.81 49.29
CA THR B 112 -12.90 -17.22 50.54
C THR B 112 -12.71 -16.04 51.45
N LEU B 113 -12.30 -16.32 52.66
CA LEU B 113 -12.20 -15.24 53.65
C LEU B 113 -10.80 -14.94 54.13
N VAL B 114 -10.45 -13.66 54.07
CA VAL B 114 -9.17 -13.21 54.57
C VAL B 114 -9.39 -12.28 55.73
N THR B 115 -8.82 -12.62 56.87
CA THR B 115 -8.95 -11.80 58.08
C THR B 115 -7.63 -11.33 58.58
N VAL B 116 -7.54 -10.04 58.89
CA VAL B 116 -6.28 -9.53 59.39
C VAL B 116 -6.49 -8.98 60.79
N SER B 117 -5.75 -9.52 61.74
CA SER B 117 -5.94 -9.12 63.13
C SER B 117 -4.77 -9.45 64.02
N SER B 118 -4.47 -8.58 64.99
CA SER B 118 -3.41 -8.82 65.97
C SER B 118 -3.88 -9.68 67.15
N ALA B 119 -5.19 -9.94 67.21
CA ALA B 119 -5.90 -10.64 68.27
C ALA B 119 -5.53 -12.12 68.39
N SER B 120 -5.68 -12.71 69.60
CA SER B 120 -5.34 -14.11 69.82
C SER B 120 -6.57 -14.99 70.00
N ASP C 1 -10.75 9.09 39.15
CA ASP C 1 -11.61 7.93 39.30
C ASP C 1 -13.05 8.26 38.96
N ILE C 2 -13.79 7.25 38.60
CA ILE C 2 -15.20 7.41 38.32
C ILE C 2 -15.93 6.72 39.41
N GLN C 3 -16.86 7.42 39.99
CA GLN C 3 -17.64 6.86 41.07
C GLN C 3 -19.08 7.14 40.78
N MET C 4 -19.97 6.33 41.33
CA MET C 4 -21.37 6.62 41.12
C MET C 4 -22.15 6.46 42.42
N THR C 5 -23.22 7.21 42.51
CA THR C 5 -24.08 7.18 43.69
C THR C 5 -25.35 6.44 43.40
N GLN C 6 -25.65 5.46 44.23
CA GLN C 6 -26.83 4.63 44.05
C GLN C 6 -27.87 4.98 45.08
N SER C 7 -29.11 5.11 44.64
CA SER C 7 -30.17 5.44 45.58
C SER C 7 -31.54 4.92 45.12
N PRO C 8 -32.49 4.75 46.06
CA PRO C 8 -32.49 5.00 47.50
C PRO C 8 -31.62 3.93 48.09
N ALA C 9 -31.04 4.11 49.27
CA ALA C 9 -30.27 2.98 49.81
C ALA C 9 -31.20 1.80 50.05
N SER C 10 -32.41 2.11 50.49
CA SER C 10 -33.38 1.06 50.71
C SER C 10 -34.75 1.55 50.34
N GLN C 11 -35.58 0.64 49.86
CA GLN C 11 -37.00 0.96 49.63
C GLN C 11 -37.84 -0.27 49.89
N SER C 12 -39.08 -0.06 50.28
CA SER C 12 -39.98 -1.18 50.47
C SER C 12 -40.91 -1.36 49.29
N ALA C 13 -41.49 -2.54 49.21
CA ALA C 13 -42.46 -2.84 48.18
C ALA C 13 -43.38 -3.98 48.57
N SER C 14 -44.52 -4.09 47.90
CA SER C 14 -45.40 -5.21 48.11
C SER C 14 -45.07 -6.26 47.08
N LEU C 15 -45.55 -7.46 47.28
CA LEU C 15 -45.27 -8.45 46.26
C LEU C 15 -46.12 -8.12 45.06
N GLY C 16 -45.53 -8.22 43.89
CA GLY C 16 -46.19 -7.97 42.62
C GLY C 16 -46.05 -6.51 42.19
N GLU C 17 -45.50 -5.68 43.07
CA GLU C 17 -45.32 -4.25 42.81
C GLU C 17 -44.09 -4.01 41.95
N SER C 18 -44.13 -2.95 41.14
CA SER C 18 -42.99 -2.57 40.31
C SER C 18 -42.05 -1.68 41.12
N VAL C 19 -40.74 -1.88 41.02
CA VAL C 19 -39.80 -0.99 41.73
C VAL C 19 -38.65 -0.50 40.85
N THR C 20 -38.10 0.69 41.15
CA THR C 20 -36.95 1.21 40.37
C THR C 20 -35.85 1.75 41.26
N ILE C 21 -34.60 1.51 40.87
CA ILE C 21 -33.44 2.10 41.55
C ILE C 21 -32.57 2.86 40.53
N THR C 22 -31.87 3.91 40.99
CA THR C 22 -31.03 4.74 40.11
C THR C 22 -29.58 4.92 40.55
N CYS C 23 -28.68 4.93 39.55
CA CYS C 23 -27.27 5.26 39.77
C CYS C 23 -26.88 6.50 38.95
N LEU C 24 -26.16 7.41 39.58
CA LEU C 24 -25.70 8.62 38.90
C LEU C 24 -24.19 8.70 38.86
N ALA C 25 -23.65 8.69 37.65
CA ALA C 25 -22.22 8.72 37.47
C ALA C 25 -21.65 10.12 37.63
N SER C 26 -20.45 10.20 38.22
CA SER C 26 -19.72 11.45 38.38
C SER C 26 -19.31 12.10 37.06
N GLN C 27 -19.12 11.28 36.06
CA GLN C 27 -18.80 11.74 34.72
C GLN C 27 -19.46 10.80 33.81
N THR C 28 -19.85 11.30 32.65
CA THR C 28 -20.49 10.46 31.67
C THR C 28 -19.69 9.23 31.30
N ILE C 29 -20.40 8.09 31.24
CA ILE C 29 -19.80 6.83 30.88
C ILE C 29 -20.44 6.12 29.69
N GLY C 30 -21.05 6.85 28.78
CA GLY C 30 -21.66 6.15 27.65
C GLY C 30 -22.69 5.17 28.20
N THR C 31 -22.62 3.91 27.77
CA THR C 31 -23.51 2.85 28.24
C THR C 31 -22.68 1.75 28.89
N TRP C 32 -21.46 2.06 29.28
CA TRP C 32 -20.54 1.08 29.85
C TRP C 32 -20.84 0.83 31.34
N LEU C 33 -22.04 0.34 31.61
CA LEU C 33 -22.50 0.09 32.98
C LEU C 33 -23.19 -1.24 33.18
N ALA C 34 -22.90 -1.88 34.30
CA ALA C 34 -23.53 -3.18 34.58
C ALA C 34 -24.26 -3.23 35.91
N TRP C 35 -25.31 -4.07 35.96
CA TRP C 35 -26.08 -4.30 37.18
C TRP C 35 -25.97 -5.76 37.64
N TYR C 36 -25.89 -5.93 38.96
CA TYR C 36 -25.79 -7.21 39.68
C TYR C 36 -26.83 -7.41 40.77
N GLN C 37 -27.15 -8.68 41.05
CA GLN C 37 -28.06 -9.07 42.13
C GLN C 37 -27.39 -10.03 43.11
N GLN C 38 -27.44 -9.72 44.39
CA GLN C 38 -26.80 -10.58 45.39
C GLN C 38 -27.75 -11.14 46.43
N LYS C 39 -27.69 -12.45 46.61
CA LYS C 39 -28.52 -13.12 47.60
C LYS C 39 -27.68 -13.32 48.86
N PRO C 40 -28.24 -13.39 50.06
CA PRO C 40 -27.50 -13.65 51.27
C PRO C 40 -26.75 -14.95 51.21
N GLY C 41 -25.50 -14.97 51.65
CA GLY C 41 -24.70 -16.16 51.72
C GLY C 41 -24.04 -16.52 50.39
N LYS C 42 -24.31 -15.73 49.37
CA LYS C 42 -23.81 -16.02 48.04
C LYS C 42 -23.05 -14.90 47.36
N SER C 43 -22.37 -15.27 46.28
CA SER C 43 -21.69 -14.30 45.44
C SER C 43 -22.76 -13.55 44.67
N PRO C 44 -22.46 -12.36 44.14
CA PRO C 44 -23.25 -11.63 43.17
C PRO C 44 -23.40 -12.35 41.84
N GLN C 45 -24.52 -12.11 41.16
CA GLN C 45 -24.71 -12.61 39.80
C GLN C 45 -25.03 -11.43 38.87
N LEU C 46 -24.55 -11.51 37.62
CA LEU C 46 -24.79 -10.49 36.61
C LEU C 46 -26.18 -10.53 36.07
N LEU C 47 -26.83 -9.38 35.98
CA LEU C 47 -28.13 -9.37 35.34
C LEU C 47 -28.11 -8.59 34.06
N ILE C 48 -27.54 -7.38 34.11
CA ILE C 48 -27.54 -6.51 32.95
C ILE C 48 -26.15 -5.96 32.61
N TYR C 49 -25.62 -6.28 31.42
CA TYR C 49 -24.32 -5.73 31.04
C TYR C 49 -24.56 -4.75 29.89
N ALA C 50 -23.64 -3.82 29.73
CA ALA C 50 -23.71 -2.82 28.66
C ALA C 50 -25.03 -2.08 28.70
N ALA C 51 -25.46 -1.71 29.91
CA ALA C 51 -26.66 -0.98 30.27
C ALA C 51 -28.04 -1.61 29.90
N THR C 52 -28.21 -2.09 28.67
CA THR C 52 -29.53 -2.61 28.25
C THR C 52 -29.73 -4.11 27.92
N SER C 53 -28.68 -4.96 27.92
CA SER C 53 -28.94 -6.38 27.59
C SER C 53 -29.04 -7.25 28.79
N LEU C 54 -29.89 -8.27 28.71
CA LEU C 54 -29.97 -9.17 29.84
C LEU C 54 -28.95 -10.27 29.70
N ALA C 55 -28.44 -10.70 30.83
CA ALA C 55 -27.51 -11.82 30.91
C ALA C 55 -28.24 -13.14 30.68
N ASP C 56 -27.50 -14.13 30.24
CA ASP C 56 -28.06 -15.43 29.97
C ASP C 56 -28.68 -16.02 31.24
N GLY C 57 -29.96 -16.37 31.15
CA GLY C 57 -30.71 -16.94 32.27
C GLY C 57 -31.50 -15.94 33.10
N VAL C 58 -31.39 -14.66 32.78
CA VAL C 58 -32.10 -13.65 33.54
C VAL C 58 -33.60 -13.61 33.17
N PRO C 59 -34.51 -13.66 34.16
CA PRO C 59 -35.94 -13.62 33.99
C PRO C 59 -36.38 -12.32 33.37
N SER C 60 -37.50 -12.37 32.64
CA SER C 60 -38.11 -11.22 31.94
C SER C 60 -38.58 -10.13 32.87
N ARG C 61 -38.62 -10.42 34.15
CA ARG C 61 -39.02 -9.48 35.17
C ARG C 61 -38.08 -8.31 35.21
N PHE C 62 -36.81 -8.57 34.85
CA PHE C 62 -35.78 -7.55 34.93
C PHE C 62 -35.55 -6.83 33.62
N SER C 63 -35.31 -5.54 33.74
CA SER C 63 -34.96 -4.72 32.59
C SER C 63 -34.23 -3.48 33.05
N GLY C 64 -33.67 -2.73 32.11
CA GLY C 64 -33.01 -1.49 32.46
C GLY C 64 -32.59 -0.68 31.25
N SER C 65 -32.23 0.56 31.53
CA SER C 65 -31.85 1.52 30.49
C SER C 65 -31.12 2.72 31.07
N GLY C 66 -30.57 3.53 30.17
CA GLY C 66 -29.86 4.74 30.56
C GLY C 66 -28.56 4.87 29.82
N SER C 67 -28.06 6.09 29.79
CA SER C 67 -26.83 6.40 29.13
C SER C 67 -26.30 7.68 29.68
N GLY C 68 -25.04 7.92 29.44
CA GLY C 68 -24.44 9.14 29.88
C GLY C 68 -24.23 9.12 31.37
N THR C 69 -24.83 10.04 32.10
CA THR C 69 -24.60 10.01 33.54
C THR C 69 -25.67 9.25 34.34
N LYS C 70 -26.93 9.32 33.93
CA LYS C 70 -28.03 8.70 34.68
C LYS C 70 -28.51 7.35 34.19
N PHE C 71 -28.51 6.35 35.08
CA PHE C 71 -28.94 4.99 34.74
C PHE C 71 -30.02 4.45 35.68
N SER C 72 -30.92 3.60 35.16
CA SER C 72 -31.91 2.99 36.06
C SER C 72 -32.20 1.52 35.79
N PHE C 73 -32.63 0.85 36.85
CA PHE C 73 -32.96 -0.58 36.88
C PHE C 73 -34.36 -0.83 37.34
N LYS C 74 -35.09 -1.67 36.62
CA LYS C 74 -36.47 -1.91 36.95
C LYS C 74 -36.87 -3.39 37.04
N ILE C 75 -37.71 -3.64 38.02
CA ILE C 75 -38.36 -4.95 38.17
C ILE C 75 -39.83 -4.66 37.94
N SER C 76 -40.42 -5.26 36.92
CA SER C 76 -41.79 -4.89 36.65
C SER C 76 -42.74 -5.52 37.69
N SER C 77 -42.40 -6.74 38.13
CA SER C 77 -43.29 -7.50 39.04
C SER C 77 -42.56 -8.26 40.16
N LEU C 78 -42.26 -7.58 41.23
CA LEU C 78 -41.41 -8.08 42.28
C LEU C 78 -41.89 -9.34 43.04
N GLN C 79 -41.00 -10.34 43.15
CA GLN C 79 -41.29 -11.61 43.86
C GLN C 79 -40.61 -11.68 45.22
N ALA C 80 -41.05 -12.58 46.09
CA ALA C 80 -40.38 -12.68 47.42
C ALA C 80 -38.89 -12.96 47.28
N GLU C 81 -38.55 -13.74 46.26
CA GLU C 81 -37.19 -14.14 45.97
C GLU C 81 -36.32 -13.00 45.44
N ASP C 82 -36.94 -11.88 45.10
CA ASP C 82 -36.24 -10.72 44.60
C ASP C 82 -35.91 -9.71 45.70
N PHE C 83 -36.32 -9.96 46.94
CA PHE C 83 -36.03 -8.93 47.97
C PHE C 83 -34.64 -9.10 48.58
N VAL C 84 -33.67 -8.76 47.76
CA VAL C 84 -32.26 -8.93 48.02
C VAL C 84 -31.48 -7.65 47.68
N SER C 85 -30.14 -7.69 47.70
CA SER C 85 -29.35 -6.51 47.36
C SER C 85 -29.08 -6.35 45.87
N TYR C 86 -29.03 -5.09 45.43
CA TYR C 86 -28.71 -4.75 44.04
C TYR C 86 -27.54 -3.77 43.93
N TYR C 87 -26.69 -3.97 42.91
CA TYR C 87 -25.50 -3.12 42.67
C TYR C 87 -25.32 -2.67 41.23
N CYS C 88 -24.66 -1.53 41.06
CA CYS C 88 -24.23 -1.08 39.73
C CYS C 88 -22.74 -0.82 39.71
N GLN C 89 -22.10 -1.05 38.57
CA GLN C 89 -20.67 -0.74 38.42
C GLN C 89 -20.35 -0.22 37.03
N GLN C 90 -19.30 0.57 36.94
CA GLN C 90 -18.93 1.10 35.63
C GLN C 90 -17.73 0.38 35.14
N PHE C 91 -17.74 0.08 33.85
CA PHE C 91 -16.60 -0.57 33.27
C PHE C 91 -16.01 0.26 32.13
N TYR C 92 -16.28 1.56 32.19
CA TYR C 92 -15.84 2.55 31.22
C TYR C 92 -14.34 2.66 31.22
N SER C 93 -13.77 2.79 32.41
CA SER C 93 -12.31 2.90 32.56
C SER C 93 -11.84 2.36 33.89
N THR C 94 -10.56 2.04 33.98
CA THR C 94 -10.07 1.60 35.27
C THR C 94 -9.89 2.80 36.18
N PRO C 95 -9.89 2.59 37.49
CA PRO C 95 -10.21 1.40 38.24
C PRO C 95 -11.67 1.20 38.09
N PHE C 96 -12.10 -0.02 38.12
CA PHE C 96 -13.51 -0.23 37.97
C PHE C 96 -14.10 -0.01 39.31
N THR C 97 -15.26 0.62 39.39
CA THR C 97 -15.84 0.77 40.71
C THR C 97 -17.28 0.38 40.72
N PHE C 98 -17.75 0.10 41.91
CA PHE C 98 -19.11 -0.27 42.21
C PHE C 98 -19.75 0.83 43.03
N GLY C 99 -21.06 0.94 42.90
CA GLY C 99 -21.82 1.90 43.69
C GLY C 99 -22.02 1.29 45.05
N GLY C 100 -22.72 2.00 45.93
CA GLY C 100 -22.91 1.54 47.29
C GLY C 100 -23.81 0.33 47.51
N GLY C 101 -24.73 0.05 46.61
CA GLY C 101 -25.63 -1.06 46.83
C GLY C 101 -26.93 -0.56 47.41
N THR C 102 -28.01 -1.21 47.04
CA THR C 102 -29.34 -0.87 47.50
C THR C 102 -30.08 -2.15 47.92
N LYS C 103 -31.05 -2.01 48.82
CA LYS C 103 -31.78 -3.16 49.34
C LYS C 103 -33.30 -3.03 49.28
N LEU C 104 -33.99 -4.09 48.85
CA LEU C 104 -35.44 -4.02 48.89
C LEU C 104 -35.99 -4.68 50.16
N GLU C 105 -37.00 -4.05 50.77
CA GLU C 105 -37.68 -4.58 51.95
C GLU C 105 -39.14 -4.91 51.66
N ILE C 106 -39.74 -5.78 52.44
CA ILE C 106 -41.14 -6.07 52.20
C ILE C 106 -42.04 -5.29 53.16
N LYS C 107 -42.93 -4.50 52.60
CA LYS C 107 -43.86 -3.69 53.40
C LYS C 107 -44.54 -4.50 54.49
N ILE D 27 11.27 -19.78 -30.59
CA ILE D 27 10.62 -20.62 -31.59
C ILE D 27 9.31 -20.01 -32.02
N LEU D 28 9.17 -18.73 -31.75
CA LEU D 28 7.94 -18.00 -32.06
C LEU D 28 7.94 -17.56 -33.51
N HIS D 29 6.77 -17.53 -34.13
CA HIS D 29 6.67 -17.03 -35.49
C HIS D 29 6.35 -15.56 -35.48
N TYR D 30 7.38 -14.73 -35.34
CA TYR D 30 7.15 -13.31 -35.17
C TYR D 30 6.55 -12.70 -36.41
N GLU D 31 6.84 -13.28 -37.57
CA GLU D 31 6.25 -12.79 -38.82
C GLU D 31 4.74 -12.88 -38.83
N LYS D 32 4.16 -13.91 -38.22
CA LYS D 32 2.73 -14.06 -38.25
C LYS D 32 2.12 -13.19 -37.14
N LEU D 33 2.82 -13.14 -36.01
CA LEU D 33 2.34 -12.44 -34.82
C LEU D 33 2.25 -10.94 -35.04
N SER D 34 3.16 -10.39 -35.84
CA SER D 34 3.16 -8.98 -36.13
C SER D 34 1.96 -8.53 -36.94
N LYS D 35 1.25 -9.42 -37.64
CA LYS D 35 0.08 -8.95 -38.37
C LYS D 35 -1.11 -9.01 -37.44
N ILE D 36 -1.04 -9.93 -36.50
CA ILE D 36 -2.05 -10.12 -35.46
C ILE D 36 -1.99 -8.90 -34.55
N GLY D 37 -0.80 -8.37 -34.32
CA GLY D 37 -0.65 -7.17 -33.50
C GLY D 37 0.32 -7.27 -32.37
N LEU D 38 1.14 -8.30 -32.37
CA LEU D 38 2.11 -8.49 -31.32
C LEU D 38 3.51 -8.34 -31.87
N VAL D 39 4.13 -7.21 -31.59
CA VAL D 39 5.42 -6.88 -32.14
C VAL D 39 6.56 -7.34 -31.23
N LYS D 40 7.54 -8.02 -31.79
CA LYS D 40 8.65 -8.52 -30.98
C LYS D 40 9.34 -7.39 -30.25
N GLY D 41 9.50 -7.53 -28.94
CA GLY D 41 10.19 -6.55 -28.14
C GLY D 41 11.54 -7.11 -27.68
N VAL D 42 11.92 -6.72 -26.48
CA VAL D 42 13.19 -7.08 -25.87
C VAL D 42 13.30 -8.50 -25.30
N THR D 43 14.42 -9.19 -25.57
CA THR D 43 14.66 -10.50 -24.99
C THR D 43 15.52 -10.31 -23.76
N ARG D 44 15.10 -10.87 -22.64
CA ARG D 44 15.82 -10.78 -21.36
C ARG D 44 16.25 -12.13 -20.82
N LYS D 45 17.28 -12.14 -19.99
CA LYS D 45 17.73 -13.38 -19.33
C LYS D 45 16.91 -13.68 -18.09
N TYR D 46 16.85 -14.93 -17.66
CA TYR D 46 16.06 -15.27 -16.48
C TYR D 46 16.90 -15.86 -15.36
N LYS D 47 16.81 -15.26 -14.17
CA LYS D 47 17.56 -15.77 -13.02
C LYS D 47 16.76 -15.76 -11.71
N ILE D 48 17.04 -16.77 -10.88
CA ILE D 48 16.35 -17.01 -9.61
C ILE D 48 17.27 -17.13 -8.39
N LYS D 49 16.85 -16.53 -7.29
CA LYS D 49 17.56 -16.57 -5.98
C LYS D 49 17.77 -17.98 -5.37
N SER D 50 19.01 -18.26 -4.88
CA SER D 50 19.33 -19.55 -4.22
C SER D 50 20.55 -19.48 -3.27
N ASN D 51 20.74 -20.53 -2.44
CA ASN D 51 21.99 -20.70 -1.66
C ASN D 51 22.60 -19.48 -0.98
N PRO D 52 21.94 -18.83 -0.03
CA PRO D 52 22.41 -17.66 0.67
C PRO D 52 23.51 -17.86 1.69
N LEU D 53 24.24 -16.78 1.93
CA LEU D 53 25.25 -16.67 2.97
C LEU D 53 24.59 -15.90 4.10
N THR D 54 25.09 -15.99 5.33
CA THR D 54 24.39 -15.21 6.36
C THR D 54 25.23 -14.33 7.24
N LYS D 55 24.55 -13.33 7.79
CA LYS D 55 25.07 -12.43 8.83
C LYS D 55 24.04 -12.25 9.94
N ASP D 56 24.49 -12.19 11.20
CA ASP D 56 23.59 -11.99 12.35
C ASP D 56 23.71 -10.59 12.96
N ILE D 57 22.56 -9.91 13.13
CA ILE D 57 22.56 -8.55 13.74
C ILE D 57 21.56 -8.43 14.90
N VAL D 58 21.87 -7.62 15.92
CA VAL D 58 20.99 -7.45 17.07
C VAL D 58 20.21 -6.15 17.08
N ILE D 59 18.91 -6.24 17.25
CA ILE D 59 18.10 -5.03 17.30
C ILE D 59 17.43 -4.83 18.66
N LYS D 60 17.68 -3.69 19.28
CA LYS D 60 17.08 -3.36 20.57
C LYS D 60 15.82 -2.54 20.35
N MET D 61 14.72 -2.96 20.93
CA MET D 61 13.47 -2.24 20.77
C MET D 61 13.20 -1.22 21.85
N ILE D 62 14.12 -1.08 22.77
CA ILE D 62 13.94 -0.13 23.85
C ILE D 62 15.18 0.77 23.90
N PRO D 63 15.03 2.10 23.93
CA PRO D 63 16.10 3.06 24.03
C PRO D 63 16.73 3.17 25.40
N ASN D 64 17.95 3.71 25.44
CA ASN D 64 18.70 4.02 26.65
C ASN D 64 18.36 5.43 27.12
N VAL D 65 17.75 5.53 28.29
CA VAL D 65 17.29 6.82 28.79
C VAL D 65 18.08 7.31 30.00
N SER D 66 19.27 6.77 30.20
CA SER D 66 20.07 7.10 31.38
C SER D 66 20.42 8.57 31.56
N ASN D 67 20.66 9.32 30.49
CA ASN D 67 21.08 10.69 30.65
C ASN D 67 19.92 11.65 30.86
N MET D 68 18.73 11.10 30.94
CA MET D 68 17.61 11.93 31.24
C MET D 68 16.76 11.19 32.23
N SER D 69 17.39 10.29 33.01
CA SER D 69 16.70 9.43 33.98
C SER D 69 16.00 10.19 35.07
N GLN D 70 16.33 11.45 35.20
CA GLN D 70 15.72 12.31 36.17
C GLN D 70 14.24 12.55 35.88
N CYS D 71 13.87 12.59 34.57
CA CYS D 71 12.51 12.95 34.26
C CYS D 71 11.86 12.08 33.15
N THR D 72 11.69 10.78 33.49
CA THR D 72 11.05 9.83 32.57
C THR D 72 9.67 9.40 33.10
N GLY D 73 9.33 9.87 34.29
CA GLY D 73 8.07 9.53 34.91
C GLY D 73 7.93 8.03 35.04
N SER D 74 6.80 7.52 34.56
CA SER D 74 6.47 6.10 34.57
C SER D 74 6.26 5.63 33.14
N VAL D 75 6.85 6.39 32.23
CA VAL D 75 6.71 6.13 30.82
C VAL D 75 7.41 4.88 30.39
N MET D 76 8.65 4.70 30.83
CA MET D 76 9.37 3.55 30.37
C MET D 76 8.76 2.28 30.90
N GLU D 77 8.16 2.33 32.09
CA GLU D 77 7.57 1.14 32.63
C GLU D 77 6.39 0.68 31.79
N ASN D 78 5.54 1.61 31.37
CA ASN D 78 4.41 1.20 30.54
C ASN D 78 4.88 0.71 29.20
N TYR D 79 5.95 1.31 28.70
CA TYR D 79 6.52 0.91 27.43
C TYR D 79 7.02 -0.53 27.49
N LYS D 80 7.76 -0.85 28.54
CA LYS D 80 8.26 -2.22 28.69
C LYS D 80 7.13 -3.23 28.74
N THR D 81 6.04 -2.90 29.43
CA THR D 81 4.90 -3.81 29.51
C THR D 81 4.34 -4.07 28.14
N ARG D 82 4.17 -3.02 27.34
CA ARG D 82 3.60 -3.28 26.05
C ARG D 82 4.55 -4.08 25.17
N LEU D 83 5.86 -3.83 25.25
CA LEU D 83 6.74 -4.63 24.42
C LEU D 83 6.66 -6.08 24.80
N ASN D 84 6.53 -6.41 26.09
CA ASN D 84 6.44 -7.82 26.38
C ASN D 84 5.17 -8.38 25.79
N GLY D 85 4.08 -7.63 25.82
CA GLY D 85 2.86 -8.14 25.21
C GLY D 85 3.02 -8.42 23.72
N ILE D 86 3.79 -7.59 23.02
CA ILE D 86 4.03 -7.74 21.59
C ILE D 86 4.99 -8.88 21.28
N LEU D 87 6.08 -8.95 22.01
CA LEU D 87 7.09 -9.97 21.80
C LEU D 87 6.76 -11.34 22.39
N THR D 88 5.98 -11.42 23.46
CA THR D 88 5.70 -12.71 24.07
C THR D 88 5.19 -13.75 23.07
N PRO D 89 4.20 -13.47 22.20
CA PRO D 89 3.69 -14.38 21.18
C PRO D 89 4.71 -14.77 20.10
N ILE D 90 5.78 -13.98 19.94
CA ILE D 90 6.78 -14.30 18.94
C ILE D 90 7.67 -15.32 19.57
N LYS D 91 8.01 -15.06 20.82
CA LYS D 91 8.86 -15.97 21.54
C LYS D 91 8.19 -17.31 21.64
N GLY D 92 6.93 -17.30 22.05
CA GLY D 92 6.22 -18.56 22.22
C GLY D 92 6.08 -19.32 20.93
N ALA D 93 5.78 -18.63 19.84
CA ALA D 93 5.61 -19.33 18.60
C ALA D 93 6.89 -19.92 18.05
N LEU D 94 8.01 -19.21 18.14
CA LEU D 94 9.21 -19.84 17.60
C LEU D 94 9.70 -20.90 18.56
N GLU D 95 9.45 -20.73 19.86
CA GLU D 95 9.92 -21.64 20.87
C GLU D 95 9.40 -23.07 20.67
N ILE D 96 8.21 -23.25 20.12
CA ILE D 96 7.78 -24.63 19.96
C ILE D 96 8.61 -25.43 18.95
N TYR D 97 9.38 -24.78 18.08
CA TYR D 97 10.22 -25.52 17.12
C TYR D 97 11.61 -25.56 17.67
N LYS D 98 11.74 -25.15 18.90
CA LYS D 98 12.99 -25.08 19.58
C LYS D 98 12.99 -26.18 20.63
N ASN D 99 11.85 -26.53 21.25
CA ASN D 99 11.84 -27.62 22.18
C ASN D 99 11.93 -29.01 21.54
N CYS D 100 11.37 -29.04 20.29
CA CYS D 100 11.07 -30.23 19.61
C CYS D 100 12.14 -30.75 18.61
N THR D 101 13.42 -30.43 19.02
CA THR D 101 14.58 -30.92 18.28
C THR D 101 15.62 -31.36 19.27
N HIS D 102 16.52 -32.21 18.82
CA HIS D 102 17.70 -32.61 19.58
C HIS D 102 18.78 -33.02 18.61
N ASP D 103 20.03 -32.97 19.03
CA ASP D 103 21.11 -33.25 18.09
C ASP D 103 21.08 -34.74 17.75
N LEU D 104 21.51 -35.09 16.54
CA LEU D 104 21.54 -36.49 16.14
C LEU D 104 22.89 -37.12 16.29
N GLY D 120 23.06 -34.58 11.38
CA GLY D 120 22.72 -33.22 11.78
C GLY D 120 21.87 -33.19 13.04
N VAL D 121 20.61 -32.85 12.84
CA VAL D 121 19.62 -32.71 13.88
C VAL D 121 18.40 -33.50 13.55
N ILE D 122 17.81 -34.08 14.56
CA ILE D 122 16.57 -34.79 14.34
C ILE D 122 15.44 -34.03 14.97
N MET D 123 14.44 -33.78 14.14
CA MET D 123 13.29 -33.00 14.50
C MET D 123 12.15 -33.95 14.89
N ALA D 124 11.42 -33.60 15.93
CA ALA D 124 10.37 -34.49 16.41
C ALA D 124 9.04 -34.28 15.70
N GLY D 125 8.62 -35.30 14.95
CA GLY D 125 7.40 -35.17 14.15
C GLY D 125 6.11 -35.18 14.95
N VAL D 126 6.10 -35.77 16.14
CA VAL D 126 4.86 -35.85 16.91
C VAL D 126 4.81 -34.72 17.90
N CYS D 127 5.91 -34.00 18.00
CA CYS D 127 6.02 -32.89 18.90
C CYS D 127 5.45 -31.69 18.16
N ILE D 128 5.92 -31.45 16.92
CA ILE D 128 5.30 -30.33 16.21
C ILE D 128 3.94 -30.80 15.63
N GLY D 129 3.80 -32.06 15.18
CA GLY D 129 2.51 -32.63 14.79
C GLY D 129 1.98 -32.23 13.43
N ILE D 130 1.76 -30.93 13.24
CA ILE D 130 1.30 -30.40 11.96
C ILE D 130 2.25 -29.35 11.44
N ALA D 131 2.74 -29.53 10.22
CA ALA D 131 3.62 -28.52 9.64
C ALA D 131 3.69 -28.59 8.11
N THR D 132 4.03 -27.47 7.49
CA THR D 132 4.26 -27.46 6.04
C THR D 132 5.71 -27.74 5.76
N ALA D 133 6.06 -28.05 4.52
CA ALA D 133 7.47 -28.25 4.21
C ALA D 133 8.29 -27.00 4.44
N ALA D 134 7.74 -25.84 4.09
CA ALA D 134 8.50 -24.61 4.25
C ALA D 134 8.74 -24.31 5.70
N GLN D 135 7.72 -24.57 6.51
CA GLN D 135 7.77 -24.34 7.93
C GLN D 135 8.80 -25.24 8.61
N ILE D 136 8.90 -26.48 8.14
CA ILE D 136 9.86 -27.42 8.70
C ILE D 136 11.27 -27.03 8.37
N THR D 137 11.52 -26.63 7.11
CA THR D 137 12.86 -26.26 6.72
C THR D 137 13.33 -25.13 7.61
N ALA D 138 12.47 -24.14 7.83
CA ALA D 138 12.82 -23.01 8.66
C ALA D 138 13.10 -23.43 10.09
N GLY D 139 12.31 -24.35 10.65
CA GLY D 139 12.57 -24.80 12.01
C GLY D 139 13.97 -25.41 12.14
N VAL D 140 14.41 -26.11 11.11
CA VAL D 140 15.74 -26.67 11.19
C VAL D 140 16.76 -25.55 11.21
N ALA D 141 16.60 -24.56 10.34
CA ALA D 141 17.53 -23.45 10.30
C ALA D 141 17.61 -22.75 11.65
N LEU D 142 16.46 -22.62 12.33
CA LEU D 142 16.39 -22.01 13.64
C LEU D 142 17.27 -22.75 14.63
N TYR D 143 17.25 -24.08 14.58
CA TYR D 143 18.10 -24.89 15.46
C TYR D 143 19.57 -24.66 15.24
N GLU D 144 20.00 -24.74 13.99
CA GLU D 144 21.43 -24.62 13.70
C GLU D 144 21.96 -23.26 14.13
N ALA D 145 21.11 -22.26 13.97
CA ALA D 145 21.40 -20.88 14.27
C ALA D 145 21.71 -20.62 15.74
N MET D 146 21.36 -21.52 16.64
CA MET D 146 21.66 -21.26 18.03
C MET D 146 23.12 -21.20 18.33
N LYS D 147 23.99 -21.82 17.54
CA LYS D 147 25.38 -21.70 17.91
C LYS D 147 25.76 -20.23 18.03
N ASN D 148 25.31 -19.42 17.08
CA ASN D 148 25.64 -18.02 17.13
C ASN D 148 24.79 -17.28 18.13
N ALA D 149 23.51 -17.65 18.27
CA ALA D 149 22.68 -16.92 19.21
C ALA D 149 23.23 -17.05 20.61
N ASP D 150 23.78 -18.21 20.93
CA ASP D 150 24.32 -18.44 22.25
C ASP D 150 25.53 -17.55 22.47
N ASN D 151 26.41 -17.45 21.48
CA ASN D 151 27.57 -16.58 21.69
C ASN D 151 27.18 -15.11 21.78
N ILE D 152 26.15 -14.72 21.04
CA ILE D 152 25.69 -13.34 21.13
C ILE D 152 25.08 -13.07 22.49
N ASN D 153 24.27 -13.98 22.99
CA ASN D 153 23.59 -13.80 24.26
C ASN D 153 24.57 -13.61 25.42
N LYS D 154 25.75 -14.19 25.33
CA LYS D 154 26.77 -14.03 26.35
C LYS D 154 27.21 -12.56 26.51
N LEU D 155 26.90 -11.73 25.50
CA LEU D 155 27.23 -10.31 25.48
C LEU D 155 26.10 -9.47 26.01
N LYS D 156 25.02 -10.09 26.47
CA LYS D 156 23.85 -9.38 26.95
C LYS D 156 24.20 -8.30 27.93
N SER D 157 25.17 -8.51 28.78
CA SER D 157 25.50 -7.46 29.72
C SER D 157 25.92 -6.16 29.01
N SER D 158 26.63 -6.26 27.87
CA SER D 158 27.06 -5.05 27.20
C SER D 158 25.99 -4.55 26.23
N ILE D 159 25.12 -5.45 25.78
CA ILE D 159 24.02 -5.09 24.90
C ILE D 159 23.05 -4.25 25.73
N GLU D 160 22.77 -4.71 26.95
CA GLU D 160 21.86 -4.03 27.86
C GLU D 160 22.25 -2.57 28.07
N SER D 161 23.55 -2.27 28.13
CA SER D 161 24.02 -0.94 28.43
C SER D 161 24.62 -0.17 27.25
N THR D 162 24.19 -0.42 26.01
CA THR D 162 24.75 0.42 24.96
C THR D 162 24.02 1.74 25.06
N ASN D 163 24.62 2.79 24.49
CA ASN D 163 24.03 4.12 24.52
C ASN D 163 24.34 4.91 23.26
N GLU D 164 24.00 4.35 22.10
CA GLU D 164 24.23 4.94 20.79
C GLU D 164 23.25 4.31 19.81
N ALA D 165 22.93 4.96 18.71
CA ALA D 165 22.03 4.33 17.76
C ALA D 165 22.67 3.12 17.08
N VAL D 166 23.94 3.21 16.71
CA VAL D 166 24.64 2.07 16.09
C VAL D 166 25.99 1.84 16.79
N VAL D 167 26.20 0.65 17.32
CA VAL D 167 27.44 0.31 18.00
C VAL D 167 27.97 -1.11 17.74
N LYS D 168 29.29 -1.26 17.65
CA LYS D 168 29.87 -2.60 17.53
C LYS D 168 30.36 -3.09 18.87
N LEU D 169 29.98 -4.28 19.25
CA LEU D 169 30.49 -4.84 20.47
C LEU D 169 31.49 -5.90 20.10
N GLN D 170 32.61 -5.96 20.81
CA GLN D 170 33.54 -7.04 20.54
C GLN D 170 34.44 -7.31 21.71
N GLU D 171 34.47 -8.57 22.12
CA GLU D 171 35.36 -8.99 23.18
C GLU D 171 36.28 -10.10 22.73
N THR D 172 35.77 -11.03 21.93
CA THR D 172 36.54 -12.19 21.50
C THR D 172 36.30 -12.47 20.05
N ALA D 173 37.11 -13.34 19.46
CA ALA D 173 36.83 -13.72 18.09
C ALA D 173 35.49 -14.43 17.98
N GLU D 174 35.24 -15.24 18.99
CA GLU D 174 34.01 -16.01 19.12
C GLU D 174 32.79 -15.12 19.27
N LYS D 175 32.89 -14.01 20.00
CA LYS D 175 31.73 -13.15 20.16
C LYS D 175 31.95 -11.65 19.97
N THR D 176 31.34 -11.18 18.87
CA THR D 176 31.28 -9.82 18.40
C THR D 176 29.89 -9.67 17.82
N VAL D 177 29.33 -8.48 17.80
CA VAL D 177 28.05 -8.30 17.12
C VAL D 177 27.72 -6.82 16.89
N TYR D 178 27.00 -6.50 15.83
CA TYR D 178 26.51 -5.13 15.70
C TYR D 178 25.18 -5.01 16.39
N VAL D 179 24.99 -3.89 17.09
CA VAL D 179 23.73 -3.65 17.77
C VAL D 179 23.11 -2.34 17.29
N LEU D 180 21.86 -2.40 16.86
CA LEU D 180 21.11 -1.23 16.43
C LEU D 180 20.08 -0.89 17.50
N THR D 181 19.95 0.37 17.88
CA THR D 181 18.98 0.70 18.92
C THR D 181 17.89 1.63 18.44
N ALA D 182 16.66 1.19 18.55
CA ALA D 182 15.59 2.02 18.08
C ALA D 182 15.48 3.28 18.91
N LEU D 183 15.22 4.40 18.23
CA LEU D 183 14.98 5.71 18.83
C LEU D 183 16.12 6.28 19.66
N GLN D 184 17.30 5.71 19.60
CA GLN D 184 18.32 6.27 20.46
C GLN D 184 18.76 7.65 20.07
N ASP D 185 18.77 7.96 18.77
CA ASP D 185 19.25 9.26 18.32
C ASP D 185 18.21 10.30 18.62
N TYR D 186 16.98 9.91 18.53
CA TYR D 186 15.94 10.84 18.87
C TYR D 186 16.18 11.32 20.27
N ILE D 187 16.41 10.40 21.17
CA ILE D 187 16.62 10.82 22.52
C ILE D 187 17.89 11.64 22.69
N ASN D 188 19.06 11.19 22.18
CA ASN D 188 20.23 12.01 22.48
C ASN D 188 20.39 13.29 21.65
N THR D 189 19.65 13.46 20.55
CA THR D 189 19.70 14.71 19.81
C THR D 189 18.54 15.63 20.13
N ASN D 190 17.33 15.11 20.26
CA ASN D 190 16.20 16.00 20.47
C ASN D 190 15.72 16.13 21.90
N LEU D 191 15.89 15.12 22.76
CA LEU D 191 15.34 15.36 24.11
C LEU D 191 16.37 15.76 25.11
N VAL D 192 17.49 15.06 25.12
CA VAL D 192 18.47 15.29 26.17
C VAL D 192 19.00 16.74 26.22
N PRO D 193 19.34 17.41 25.12
CA PRO D 193 19.87 18.76 25.09
C PRO D 193 18.88 19.82 25.59
N THR D 194 17.61 19.46 25.76
CA THR D 194 16.58 20.40 26.15
C THR D 194 16.09 20.14 27.57
N ILE D 195 16.75 19.24 28.28
CA ILE D 195 16.28 18.92 29.62
C ILE D 195 16.26 20.15 30.54
N ASP D 196 17.12 21.13 30.30
CA ASP D 196 17.16 22.33 31.12
C ASP D 196 16.29 23.49 30.54
N LYS D 197 15.50 23.22 29.49
CA LYS D 197 14.63 24.24 28.89
C LYS D 197 13.15 23.86 28.96
N ILE D 198 12.87 22.58 28.85
CA ILE D 198 11.52 22.04 28.80
C ILE D 198 11.22 21.47 30.18
N SER D 199 10.08 21.80 30.75
CA SER D 199 9.79 21.38 32.11
C SER D 199 9.73 19.86 32.14
N CYS D 200 10.14 19.22 33.23
CA CYS D 200 10.14 17.76 33.24
C CYS D 200 8.82 17.11 32.85
N LYS D 201 7.69 17.66 33.27
CA LYS D 201 6.46 17.01 32.83
C LYS D 201 6.37 17.01 31.30
N GLN D 202 6.84 18.08 30.67
CA GLN D 202 6.75 18.20 29.24
C GLN D 202 7.69 17.21 28.56
N THR D 203 8.88 16.98 29.14
CA THR D 203 9.79 16.01 28.51
C THR D 203 9.22 14.61 28.66
N GLU D 204 8.50 14.34 29.76
CA GLU D 204 7.90 13.03 29.93
C GLU D 204 6.86 12.82 28.84
N LEU D 205 6.08 13.85 28.53
CA LEU D 205 5.07 13.71 27.52
C LEU D 205 5.67 13.51 26.12
N SER D 206 6.77 14.19 25.82
CA SER D 206 7.40 14.01 24.51
C SER D 206 7.99 12.62 24.35
N LEU D 207 8.57 12.08 25.42
CA LEU D 207 9.10 10.74 25.35
C LEU D 207 7.99 9.76 25.13
N ASP D 208 6.89 9.95 25.83
CA ASP D 208 5.76 9.06 25.69
C ASP D 208 5.21 9.11 24.27
N LEU D 209 5.10 10.30 23.68
CA LEU D 209 4.59 10.34 22.33
C LEU D 209 5.54 9.69 21.34
N ALA D 210 6.85 9.89 21.51
CA ALA D 210 7.78 9.27 20.58
C ALA D 210 7.72 7.75 20.65
N LEU D 211 7.57 7.22 21.86
CA LEU D 211 7.49 5.79 22.02
C LEU D 211 6.20 5.25 21.46
N SER D 212 5.10 5.97 21.63
CA SER D 212 3.84 5.48 21.10
C SER D 212 3.83 5.50 19.58
N LYS D 213 4.54 6.45 18.96
CA LYS D 213 4.62 6.46 17.50
C LYS D 213 5.39 5.25 17.03
N TYR D 214 6.47 4.93 17.73
CA TYR D 214 7.27 3.76 17.40
C TYR D 214 6.45 2.48 17.49
N LEU D 215 5.71 2.29 18.58
CA LEU D 215 4.92 1.08 18.73
C LEU D 215 3.87 1.01 17.65
N SER D 216 3.29 2.14 17.29
CA SER D 216 2.29 2.08 16.24
C SER D 216 2.88 1.49 14.99
N ASP D 217 4.08 1.91 14.61
CA ASP D 217 4.66 1.34 13.41
C ASP D 217 5.06 -0.14 13.60
N LEU D 218 5.56 -0.53 14.77
CA LEU D 218 5.95 -1.92 14.93
C LEU D 218 4.78 -2.85 14.78
N LEU D 219 3.62 -2.43 15.26
CA LEU D 219 2.43 -3.26 15.23
C LEU D 219 1.98 -3.66 13.85
N PHE D 220 2.41 -3.00 12.78
CA PHE D 220 1.97 -3.44 11.47
C PHE D 220 2.76 -4.67 11.01
N VAL D 221 3.93 -4.90 11.62
CA VAL D 221 4.82 -5.99 11.25
C VAL D 221 4.98 -7.05 12.33
N PHE D 222 5.19 -6.63 13.57
CA PHE D 222 5.45 -7.55 14.67
C PHE D 222 4.23 -7.71 15.55
N GLY D 223 3.13 -7.14 15.12
CA GLY D 223 1.85 -7.21 15.83
C GLY D 223 1.30 -8.55 15.43
N PRO D 224 0.09 -8.95 15.83
CA PRO D 224 -0.48 -10.24 15.54
C PRO D 224 -0.99 -10.27 14.13
N ASN D 225 -0.10 -10.01 13.20
CA ASN D 225 -0.37 -10.01 11.81
C ASN D 225 0.63 -11.08 11.40
N LEU D 226 1.74 -11.10 12.18
CA LEU D 226 2.85 -12.05 12.00
C LEU D 226 2.49 -13.28 12.76
N GLN D 227 1.60 -14.10 12.20
CA GLN D 227 1.07 -15.24 12.96
C GLN D 227 1.97 -16.48 12.81
N ASP D 228 3.05 -16.31 12.07
CA ASP D 228 4.08 -17.32 11.80
C ASP D 228 5.45 -16.69 11.73
N PRO D 229 6.18 -16.59 12.84
CA PRO D 229 7.49 -16.01 12.91
C PRO D 229 8.58 -17.03 12.71
N VAL D 230 8.28 -18.20 12.15
CA VAL D 230 9.31 -19.21 12.03
C VAL D 230 9.88 -19.14 10.64
N SER D 231 8.99 -19.02 9.67
CA SER D 231 9.39 -18.96 8.26
C SER D 231 10.34 -17.82 7.95
N ASN D 232 11.25 -18.04 7.00
CA ASN D 232 12.26 -17.05 6.63
C ASN D 232 11.94 -16.21 5.39
N SER D 233 10.68 -16.17 4.98
CA SER D 233 10.29 -15.37 3.80
C SER D 233 10.17 -13.85 4.04
N MET D 234 10.21 -13.43 5.28
CA MET D 234 10.04 -12.02 5.63
C MET D 234 11.16 -11.18 5.04
N THR D 235 10.82 -10.09 4.34
CA THR D 235 11.85 -9.25 3.74
C THR D 235 12.53 -8.35 4.72
N ILE D 236 13.70 -7.89 4.34
CA ILE D 236 14.45 -6.99 5.19
C ILE D 236 13.76 -5.64 5.35
N GLN D 237 13.00 -5.21 4.35
CA GLN D 237 12.26 -3.95 4.46
C GLN D 237 11.16 -4.01 5.55
N ALA D 238 10.74 -5.21 5.94
CA ALA D 238 9.74 -5.36 6.99
C ALA D 238 10.45 -5.44 8.32
N ILE D 239 11.57 -6.15 8.34
CA ILE D 239 12.31 -6.34 9.57
C ILE D 239 12.81 -5.03 10.09
N SER D 240 13.30 -4.20 9.18
CA SER D 240 13.85 -2.91 9.48
C SER D 240 12.89 -1.93 10.12
N GLN D 241 11.59 -2.26 10.18
CA GLN D 241 10.64 -1.40 10.86
C GLN D 241 11.03 -1.35 12.33
N ALA D 242 11.70 -2.41 12.81
CA ALA D 242 12.17 -2.51 14.18
C ALA D 242 13.18 -1.43 14.52
N PHE D 243 13.81 -0.81 13.52
CA PHE D 243 14.80 0.21 13.73
C PHE D 243 14.33 1.54 13.12
N GLY D 244 13.02 1.66 12.86
CA GLY D 244 12.47 2.88 12.30
C GLY D 244 12.31 2.87 10.77
N GLY D 245 12.47 1.71 10.13
CA GLY D 245 12.32 1.55 8.70
C GLY D 245 13.57 1.89 7.96
N ASN D 246 14.62 2.16 8.70
CA ASN D 246 15.88 2.55 8.09
C ASN D 246 16.69 1.34 7.66
N TYR D 247 16.25 0.72 6.56
CA TYR D 247 16.93 -0.47 6.07
C TYR D 247 18.29 -0.15 5.49
N GLU D 248 18.51 1.09 5.07
CA GLU D 248 19.83 1.43 4.57
C GLU D 248 20.86 1.39 5.66
N THR D 249 20.53 1.83 6.85
CA THR D 249 21.52 1.77 7.89
C THR D 249 21.83 0.34 8.20
N LEU D 250 20.81 -0.49 8.29
CA LEU D 250 21.04 -1.88 8.63
C LEU D 250 21.94 -2.56 7.60
N LEU D 251 21.61 -2.40 6.34
CA LEU D 251 22.37 -3.09 5.31
C LEU D 251 23.76 -2.53 5.11
N ARG D 252 23.94 -1.22 5.24
CA ARG D 252 25.27 -0.65 5.10
C ARG D 252 26.11 -1.04 6.30
N THR D 253 25.51 -1.17 7.48
CA THR D 253 26.26 -1.62 8.64
C THR D 253 26.87 -2.99 8.36
N LEU D 254 26.09 -3.88 7.78
CA LEU D 254 26.55 -5.21 7.48
C LEU D 254 27.47 -5.38 6.25
N GLY D 255 27.24 -4.64 5.15
CA GLY D 255 28.01 -4.83 3.92
C GLY D 255 28.63 -3.58 3.26
N TYR D 256 28.46 -3.50 1.93
CA TYR D 256 28.99 -2.47 1.05
C TYR D 256 28.05 -2.37 -0.14
N ALA D 257 28.17 -1.33 -0.99
CA ALA D 257 27.20 -1.18 -2.07
C ALA D 257 27.71 -1.45 -3.47
N THR D 258 26.91 -2.18 -4.23
CA THR D 258 27.15 -2.46 -5.64
C THR D 258 25.81 -2.36 -6.35
N GLU D 259 25.79 -2.11 -7.67
CA GLU D 259 24.52 -2.02 -8.40
C GLU D 259 23.67 -3.32 -8.33
N ASP D 260 24.34 -4.46 -8.26
CA ASP D 260 23.67 -5.75 -8.20
C ASP D 260 22.89 -5.90 -6.91
N PHE D 261 23.38 -5.29 -5.85
CA PHE D 261 22.75 -5.40 -4.57
C PHE D 261 21.43 -4.66 -4.64
N ASP D 262 21.43 -3.46 -5.23
CA ASP D 262 20.15 -2.78 -5.31
C ASP D 262 19.10 -3.63 -6.04
N ASP D 263 19.51 -4.38 -7.07
CA ASP D 263 18.54 -5.24 -7.73
C ASP D 263 18.02 -6.34 -6.80
N LEU D 264 18.89 -6.92 -5.97
CA LEU D 264 18.42 -7.95 -5.03
C LEU D 264 17.48 -7.42 -4.00
N LEU D 265 17.74 -6.21 -3.57
CA LEU D 265 16.91 -5.66 -2.53
C LEU D 265 15.52 -5.35 -3.08
N GLU D 266 15.41 -4.79 -4.28
CA GLU D 266 14.10 -4.46 -4.86
C GLU D 266 13.32 -5.66 -5.36
N SER D 267 14.02 -6.72 -5.71
CA SER D 267 13.42 -7.96 -6.14
C SER D 267 12.97 -8.79 -4.96
N ASP D 268 13.18 -8.27 -3.74
CA ASP D 268 12.82 -8.92 -2.50
C ASP D 268 13.45 -10.29 -2.30
N SER D 269 14.73 -10.42 -2.66
CA SER D 269 15.44 -11.64 -2.45
C SER D 269 16.19 -11.69 -1.15
N ILE D 270 16.28 -10.53 -0.51
CA ILE D 270 16.97 -10.38 0.76
C ILE D 270 15.95 -10.34 1.88
N THR D 271 16.03 -11.39 2.68
CA THR D 271 15.14 -11.72 3.76
C THR D 271 15.88 -12.02 5.03
N GLY D 272 15.14 -12.11 6.13
CA GLY D 272 15.78 -12.51 7.37
C GLY D 272 14.85 -13.32 8.25
N GLN D 273 15.38 -13.78 9.36
CA GLN D 273 14.64 -14.63 10.28
C GLN D 273 14.89 -14.21 11.72
N ILE D 274 13.88 -14.27 12.56
CA ILE D 274 14.16 -13.98 13.96
C ILE D 274 14.60 -15.28 14.59
N ILE D 275 15.78 -15.27 15.17
CA ILE D 275 16.27 -16.51 15.77
C ILE D 275 16.15 -16.49 17.27
N TYR D 276 16.20 -15.32 17.85
CA TYR D 276 16.11 -15.27 19.29
C TYR D 276 15.47 -14.02 19.82
N VAL D 277 14.62 -14.19 20.83
CA VAL D 277 13.95 -13.07 21.49
C VAL D 277 14.28 -13.02 22.99
N ASP D 278 14.75 -11.86 23.46
CA ASP D 278 15.04 -11.72 24.88
C ASP D 278 14.08 -10.75 25.53
N LEU D 279 13.11 -11.31 26.26
CA LEU D 279 12.01 -10.55 26.85
C LEU D 279 12.41 -9.82 28.10
N SER D 280 13.65 -10.03 28.54
CA SER D 280 14.14 -9.37 29.71
C SER D 280 15.03 -8.17 29.34
N SER D 281 15.50 -8.09 28.08
CA SER D 281 16.30 -6.96 27.63
C SER D 281 15.67 -6.25 26.44
N TYR D 282 14.59 -6.84 25.92
CA TYR D 282 13.83 -6.32 24.81
C TYR D 282 14.59 -6.22 23.51
N TYR D 283 15.32 -7.27 23.20
CA TYR D 283 16.04 -7.28 21.91
C TYR D 283 15.81 -8.56 21.15
N ILE D 284 15.99 -8.48 19.84
CA ILE D 284 15.89 -9.66 19.01
C ILE D 284 17.15 -9.87 18.18
N ILE D 285 17.47 -11.13 17.91
CA ILE D 285 18.62 -11.44 17.08
C ILE D 285 18.08 -11.89 15.73
N VAL D 286 18.50 -11.18 14.68
CA VAL D 286 18.01 -11.41 13.33
C VAL D 286 19.08 -11.92 12.39
N ARG D 287 18.77 -13.01 11.73
CA ARG D 287 19.66 -13.58 10.73
C ARG D 287 19.27 -13.06 9.36
N VAL D 288 20.21 -12.45 8.67
CA VAL D 288 19.96 -11.88 7.36
C VAL D 288 20.64 -12.71 6.29
N TYR D 289 19.85 -13.10 5.29
CA TYR D 289 20.34 -13.94 4.22
C TYR D 289 20.75 -13.13 3.02
N PHE D 290 21.88 -13.50 2.43
CA PHE D 290 22.46 -12.87 1.26
C PHE D 290 22.62 -13.87 0.11
N PRO D 291 21.66 -13.99 -0.83
CA PRO D 291 21.55 -14.96 -1.90
C PRO D 291 22.55 -14.82 -3.01
N ILE D 292 22.78 -15.92 -3.70
CA ILE D 292 23.60 -16.00 -4.88
C ILE D 292 22.61 -16.17 -6.03
N LEU D 293 22.67 -15.33 -7.05
CA LEU D 293 21.68 -15.48 -8.12
C LEU D 293 22.12 -16.51 -9.13
N THR D 294 21.25 -17.44 -9.47
CA THR D 294 21.62 -18.44 -10.45
C THR D 294 20.75 -18.38 -11.69
N GLU D 295 21.40 -18.20 -12.82
CA GLU D 295 20.67 -18.10 -14.07
C GLU D 295 20.32 -19.46 -14.58
N ILE D 296 19.25 -19.52 -15.32
CA ILE D 296 18.84 -20.76 -15.92
C ILE D 296 19.35 -20.86 -17.33
N GLN D 297 20.01 -21.95 -17.61
CA GLN D 297 20.61 -22.15 -18.91
C GLN D 297 19.57 -22.48 -19.92
N GLN D 298 19.84 -22.12 -21.17
CA GLN D 298 18.93 -22.40 -22.26
C GLN D 298 17.56 -21.84 -21.92
N ALA D 299 17.54 -20.60 -21.42
CA ALA D 299 16.28 -19.99 -21.07
C ALA D 299 16.31 -18.50 -21.26
N TYR D 300 15.16 -17.95 -21.60
CA TYR D 300 14.98 -16.53 -21.75
C TYR D 300 13.53 -16.09 -21.64
N ILE D 301 13.33 -14.80 -21.43
CA ILE D 301 11.99 -14.22 -21.43
C ILE D 301 11.84 -13.20 -22.54
N GLN D 302 10.84 -13.42 -23.38
CA GLN D 302 10.59 -12.54 -24.50
C GLN D 302 9.34 -11.71 -24.32
N GLU D 303 9.45 -10.40 -24.48
CA GLU D 303 8.24 -9.59 -24.36
C GLU D 303 7.66 -9.28 -25.73
N LEU D 304 6.34 -9.05 -25.80
CA LEU D 304 5.69 -8.60 -27.02
C LEU D 304 4.97 -7.27 -26.79
N LEU D 305 5.01 -6.39 -27.77
CA LEU D 305 4.39 -5.06 -27.70
C LEU D 305 3.06 -5.06 -28.49
N PRO D 306 1.89 -4.94 -27.86
CA PRO D 306 0.62 -5.00 -28.56
C PRO D 306 0.36 -3.74 -29.34
N VAL D 307 -0.24 -3.88 -30.51
CA VAL D 307 -0.72 -2.77 -31.33
C VAL D 307 -2.15 -3.05 -31.77
N SER D 308 -3.10 -2.15 -31.58
CA SER D 308 -4.43 -2.54 -32.07
C SER D 308 -4.47 -2.57 -33.58
N PHE D 309 -5.33 -3.42 -34.10
CA PHE D 309 -5.39 -3.64 -35.54
C PHE D 309 -6.83 -3.76 -35.95
N ASN D 310 -7.11 -3.71 -37.24
CA ASN D 310 -8.52 -3.88 -37.61
C ASN D 310 -8.72 -5.10 -38.49
N ASN D 311 -9.88 -5.73 -38.40
CA ASN D 311 -10.17 -6.88 -39.25
C ASN D 311 -11.29 -6.62 -40.24
N ASP D 312 -12.19 -5.74 -39.85
CA ASP D 312 -13.40 -5.44 -40.58
C ASP D 312 -13.73 -3.95 -40.50
N ASN D 313 -14.54 -3.55 -39.50
CA ASN D 313 -14.89 -2.15 -39.35
C ASN D 313 -14.74 -1.70 -37.91
N SER D 314 -13.73 -2.20 -37.19
CA SER D 314 -13.52 -1.79 -35.79
C SER D 314 -12.09 -2.07 -35.45
N GLU D 315 -11.67 -1.60 -34.31
CA GLU D 315 -10.36 -1.89 -33.79
C GLU D 315 -10.43 -3.06 -32.83
N TRP D 316 -9.40 -3.92 -32.87
CA TRP D 316 -9.27 -5.11 -32.06
C TRP D 316 -7.88 -5.26 -31.40
N ILE D 317 -7.84 -5.91 -30.23
CA ILE D 317 -6.57 -6.27 -29.57
C ILE D 317 -6.41 -7.76 -29.42
N SER D 318 -5.29 -8.29 -29.87
CA SER D 318 -5.03 -9.72 -29.71
C SER D 318 -4.61 -9.99 -28.28
N ILE D 319 -5.13 -11.07 -27.67
CA ILE D 319 -4.75 -11.40 -26.30
C ILE D 319 -3.84 -12.59 -26.15
N VAL D 320 -2.62 -12.29 -25.75
CA VAL D 320 -1.58 -13.26 -25.48
C VAL D 320 -0.95 -12.79 -24.19
N PRO D 321 -0.20 -13.60 -23.47
CA PRO D 321 0.60 -13.14 -22.37
C PRO D 321 1.61 -12.18 -22.98
N ASN D 322 1.92 -11.09 -22.29
CA ASN D 322 2.92 -10.18 -22.84
C ASN D 322 4.32 -10.71 -22.71
N PHE D 323 4.55 -11.49 -21.66
CA PHE D 323 5.87 -12.05 -21.40
C PHE D 323 5.85 -13.53 -21.51
N ILE D 324 6.63 -14.05 -22.42
CA ILE D 324 6.67 -15.47 -22.64
C ILE D 324 7.98 -16.08 -22.21
N LEU D 325 7.90 -17.11 -21.39
CA LEU D 325 9.08 -17.77 -20.89
C LEU D 325 9.43 -18.97 -21.72
N VAL D 326 10.64 -19.00 -22.22
CA VAL D 326 11.08 -20.12 -23.04
C VAL D 326 12.24 -20.83 -22.39
N ARG D 327 12.09 -22.13 -22.27
CA ARG D 327 13.12 -22.99 -21.68
C ARG D 327 13.34 -24.13 -22.63
N ASN D 328 14.57 -24.35 -23.07
CA ASN D 328 14.79 -25.39 -24.05
C ASN D 328 13.86 -25.14 -25.24
N THR D 329 12.94 -26.07 -25.51
CA THR D 329 12.02 -25.94 -26.64
C THR D 329 10.57 -25.77 -26.19
N LEU D 330 10.34 -25.51 -24.90
CA LEU D 330 8.97 -25.35 -24.44
C LEU D 330 8.66 -23.92 -24.07
N ILE D 331 7.40 -23.59 -24.22
CA ILE D 331 6.88 -22.28 -23.88
C ILE D 331 5.98 -22.39 -22.67
N SER D 332 6.20 -21.53 -21.70
CA SER D 332 5.39 -21.51 -20.50
C SER D 332 5.09 -20.06 -20.10
N ASN D 333 4.15 -19.89 -19.18
CA ASN D 333 3.77 -18.55 -18.74
C ASN D 333 4.53 -18.12 -17.51
N ILE D 334 4.78 -16.83 -17.35
CA ILE D 334 5.46 -16.42 -16.13
C ILE D 334 4.70 -15.35 -15.39
N GLU D 335 4.56 -15.52 -14.07
CA GLU D 335 3.85 -14.51 -13.29
C GLU D 335 4.81 -13.41 -12.92
N ILE D 336 5.21 -12.69 -13.95
CA ILE D 336 6.26 -11.70 -13.94
C ILE D 336 5.94 -10.50 -13.07
N GLY D 337 4.69 -10.34 -12.71
CA GLY D 337 4.25 -9.23 -11.86
C GLY D 337 4.92 -9.29 -10.49
N PHE D 338 5.48 -10.44 -10.14
CA PHE D 338 6.18 -10.60 -8.88
C PHE D 338 7.69 -10.54 -9.04
N CYS D 339 8.21 -10.25 -10.20
CA CYS D 339 9.62 -10.24 -10.50
C CYS D 339 10.18 -8.94 -10.89
N LEU D 340 11.24 -8.45 -10.38
CA LEU D 340 11.87 -7.26 -10.87
C LEU D 340 12.31 -7.39 -12.31
N ILE D 341 11.97 -6.42 -13.14
CA ILE D 341 12.40 -6.44 -14.53
C ILE D 341 13.46 -5.40 -14.73
N THR D 342 14.61 -5.84 -15.24
CA THR D 342 15.73 -5.01 -15.56
C THR D 342 15.88 -4.93 -17.05
N LYS D 343 16.75 -4.04 -17.54
CA LYS D 343 16.94 -3.96 -18.96
C LYS D 343 17.61 -5.23 -19.55
N ARG D 344 18.33 -5.98 -18.70
CA ARG D 344 19.02 -7.18 -19.16
C ARG D 344 18.38 -8.51 -18.73
N SER D 345 17.72 -8.55 -17.57
CA SER D 345 17.18 -9.78 -17.04
C SER D 345 15.97 -9.64 -16.14
N VAL D 346 15.32 -10.76 -15.86
CA VAL D 346 14.23 -10.79 -14.91
C VAL D 346 14.68 -11.51 -13.66
N ILE D 347 14.59 -10.82 -12.53
CA ILE D 347 15.07 -11.41 -11.30
C ILE D 347 13.96 -11.77 -10.37
N CYS D 348 13.82 -13.05 -10.14
CA CYS D 348 12.75 -13.53 -9.32
C CYS D 348 13.30 -14.10 -8.03
N ASN D 349 12.49 -14.05 -6.98
CA ASN D 349 12.92 -14.56 -5.71
C ASN D 349 12.38 -15.98 -5.46
N GLN D 350 11.93 -16.61 -6.54
CA GLN D 350 11.41 -17.98 -6.59
C GLN D 350 11.11 -18.32 -8.04
N ASP D 351 10.86 -19.57 -8.34
CA ASP D 351 10.43 -20.00 -9.65
C ASP D 351 8.94 -19.71 -9.90
N TYR D 352 8.63 -18.82 -10.85
CA TYR D 352 7.25 -18.40 -11.15
C TYR D 352 6.71 -18.93 -12.46
N ALA D 353 7.32 -20.00 -12.99
CA ALA D 353 6.81 -20.55 -14.24
C ALA D 353 5.43 -21.19 -14.00
N THR D 354 4.54 -21.03 -14.97
CA THR D 354 3.20 -21.61 -14.89
C THR D 354 2.77 -22.30 -16.21
N PRO D 355 1.77 -23.20 -16.20
CA PRO D 355 1.22 -23.89 -17.34
C PRO D 355 0.60 -22.96 -18.35
N MET D 356 0.53 -23.45 -19.58
CA MET D 356 -0.10 -22.76 -20.68
C MET D 356 -0.92 -23.79 -21.46
N THR D 357 -2.05 -23.38 -22.03
CA THR D 357 -2.85 -24.31 -22.82
C THR D 357 -2.28 -24.56 -24.20
N ASN D 358 -2.72 -25.66 -24.82
CA ASN D 358 -2.25 -26.00 -26.16
C ASN D 358 -2.67 -25.02 -27.22
N ASN D 359 -3.80 -24.36 -27.03
CA ASN D 359 -4.24 -23.41 -28.02
C ASN D 359 -3.33 -22.19 -28.05
N MET D 360 -2.66 -21.87 -26.93
CA MET D 360 -1.80 -20.72 -26.97
C MET D 360 -0.52 -21.11 -27.61
N ARG D 361 -0.13 -22.38 -27.51
CA ARG D 361 1.08 -22.77 -28.20
C ARG D 361 0.84 -22.68 -29.70
N GLU D 362 -0.34 -23.10 -30.14
CA GLU D 362 -0.61 -23.06 -31.57
C GLU D 362 -0.68 -21.62 -32.04
N CYS D 363 -1.25 -20.70 -31.33
CA CYS D 363 -1.27 -19.32 -31.51
C CYS D 363 0.14 -18.70 -31.87
N LEU D 364 0.96 -18.98 -30.76
CA LEU D 364 2.33 -18.49 -30.79
C LEU D 364 3.26 -19.10 -31.83
N THR D 365 3.07 -20.37 -32.19
CA THR D 365 3.94 -20.99 -33.16
C THR D 365 3.38 -20.89 -34.59
N GLY D 366 2.39 -20.03 -34.83
CA GLY D 366 1.92 -19.78 -36.19
C GLY D 366 0.49 -20.15 -36.57
N SER D 367 -0.23 -20.94 -35.80
CA SER D 367 -1.60 -21.23 -36.22
C SER D 367 -2.47 -20.15 -35.59
N THR D 368 -2.40 -18.96 -36.19
CA THR D 368 -3.00 -17.74 -35.63
C THR D 368 -4.50 -17.67 -35.62
N GLU D 369 -5.10 -18.63 -36.28
CA GLU D 369 -6.53 -18.82 -36.33
C GLU D 369 -7.05 -19.02 -34.90
N LYS D 370 -6.20 -19.54 -34.01
CA LYS D 370 -6.58 -19.81 -32.63
C LYS D 370 -6.27 -18.67 -31.66
N CYS D 371 -5.78 -17.53 -32.12
CA CYS D 371 -5.46 -16.43 -31.21
C CYS D 371 -6.72 -15.57 -30.98
N PRO D 372 -7.27 -15.50 -29.76
CA PRO D 372 -8.48 -14.75 -29.42
C PRO D 372 -8.24 -13.24 -29.43
N ARG D 373 -9.28 -12.45 -29.73
CA ARG D 373 -9.18 -10.98 -29.73
C ARG D 373 -10.30 -10.25 -28.99
N GLU D 374 -10.01 -9.09 -28.41
CA GLU D 374 -11.07 -8.28 -27.79
C GLU D 374 -11.33 -7.02 -28.59
N LEU D 375 -12.53 -6.48 -28.45
CA LEU D 375 -12.92 -5.26 -29.16
C LEU D 375 -12.38 -4.03 -28.48
N VAL D 376 -11.93 -3.06 -29.26
CA VAL D 376 -11.53 -1.79 -28.70
C VAL D 376 -12.68 -0.80 -28.61
N VAL D 377 -12.88 -0.31 -27.41
CA VAL D 377 -13.91 0.67 -27.11
C VAL D 377 -13.29 2.03 -26.77
N SER D 378 -12.23 1.97 -25.95
CA SER D 378 -11.47 3.10 -25.43
C SER D 378 -10.55 3.70 -26.44
N SER D 379 -10.40 5.00 -26.35
CA SER D 379 -9.50 5.77 -27.18
C SER D 379 -8.02 5.69 -26.70
N HIS D 380 -7.75 5.03 -25.55
CA HIS D 380 -6.40 4.95 -24.97
C HIS D 380 -5.50 3.84 -25.57
N VAL D 381 -6.06 2.94 -26.34
CA VAL D 381 -5.31 1.83 -26.91
C VAL D 381 -4.25 2.36 -27.86
N PRO D 382 -2.97 1.96 -27.75
CA PRO D 382 -1.90 2.46 -28.59
C PRO D 382 -2.14 1.86 -29.94
N ARG D 383 -1.82 2.61 -30.99
CA ARG D 383 -2.06 2.13 -32.32
C ARG D 383 -0.81 1.93 -33.17
N PHE D 384 0.36 2.01 -32.56
CA PHE D 384 1.58 1.75 -33.31
C PHE D 384 2.74 1.33 -32.40
N ALA D 385 3.77 0.72 -33.01
CA ALA D 385 5.00 0.38 -32.27
C ALA D 385 6.24 0.36 -33.16
N LEU D 386 7.40 0.60 -32.55
CA LEU D 386 8.67 0.55 -33.27
C LEU D 386 9.46 -0.67 -32.90
N SER D 387 9.91 -1.38 -33.91
CA SER D 387 10.76 -2.55 -33.74
C SER D 387 11.90 -2.66 -34.74
N ASN D 388 13.13 -2.51 -34.27
CA ASN D 388 14.36 -2.60 -35.06
C ASN D 388 14.36 -1.65 -36.22
N GLY D 389 13.85 -0.46 -35.97
CA GLY D 389 13.80 0.57 -36.99
C GLY D 389 12.54 0.48 -37.87
N VAL D 390 11.67 -0.46 -37.62
CA VAL D 390 10.48 -0.60 -38.44
C VAL D 390 9.19 -0.25 -37.74
N LEU D 391 8.29 0.42 -38.45
CA LEU D 391 7.02 0.77 -37.86
C LEU D 391 5.89 -0.11 -38.22
N PHE D 392 5.19 -0.53 -37.20
CA PHE D 392 4.00 -1.32 -37.36
C PHE D 392 2.90 -0.43 -36.91
N ALA D 393 2.02 -0.05 -37.81
CA ALA D 393 1.01 0.90 -37.42
C ALA D 393 -0.32 0.68 -38.06
N ASN D 394 -1.34 1.11 -37.35
CA ASN D 394 -2.67 1.08 -37.86
C ASN D 394 -2.98 2.38 -38.59
N CYS D 395 -3.04 2.33 -39.89
CA CYS D 395 -3.26 3.64 -40.66
C CYS D 395 -4.67 3.80 -41.02
N ILE D 396 -5.63 3.11 -40.46
CA ILE D 396 -7.03 3.38 -40.77
C ILE D 396 -7.50 4.37 -39.71
N SER D 397 -7.04 4.16 -38.46
CA SER D 397 -7.40 4.97 -37.30
C SER D 397 -6.34 6.01 -36.89
N VAL D 398 -5.24 6.06 -37.62
CA VAL D 398 -4.12 6.98 -37.39
C VAL D 398 -3.80 7.68 -38.68
N THR D 399 -3.54 8.97 -38.61
CA THR D 399 -3.16 9.64 -39.82
C THR D 399 -1.69 9.38 -40.07
N CYS D 400 -1.43 8.72 -41.20
CA CYS D 400 -0.09 8.34 -41.59
C CYS D 400 0.27 8.97 -42.90
N GLN D 401 1.43 9.55 -42.97
CA GLN D 401 1.84 10.09 -44.25
C GLN D 401 3.33 10.05 -44.35
N CYS D 402 3.82 10.11 -45.61
CA CYS D 402 5.26 9.98 -45.78
C CYS D 402 5.90 11.31 -46.17
N GLN D 403 6.60 11.82 -45.14
CA GLN D 403 7.21 13.14 -45.15
C GLN D 403 8.19 13.39 -46.24
N THR D 404 8.88 12.36 -46.63
CA THR D 404 9.85 12.50 -47.66
C THR D 404 9.20 12.96 -48.95
N THR D 405 8.00 12.48 -49.25
CA THR D 405 7.34 12.86 -50.49
C THR D 405 6.08 13.71 -50.35
N GLY D 406 5.44 13.67 -49.19
CA GLY D 406 4.16 14.33 -48.97
C GLY D 406 2.97 13.40 -49.28
N ARG D 407 3.26 12.22 -49.82
CA ARG D 407 2.27 11.22 -50.20
C ARG D 407 1.63 10.64 -48.97
N ALA D 408 0.33 10.40 -49.00
CA ALA D 408 -0.26 9.72 -47.88
C ALA D 408 0.08 8.25 -47.89
N ILE D 409 0.08 7.68 -46.73
CA ILE D 409 0.20 6.26 -46.51
C ILE D 409 -1.19 5.83 -46.14
N SER D 410 -1.66 4.75 -46.70
CA SER D 410 -3.01 4.33 -46.35
C SER D 410 -3.06 2.84 -46.21
N GLN D 411 -4.06 2.38 -45.51
CA GLN D 411 -4.26 0.96 -45.28
C GLN D 411 -5.57 0.53 -45.86
N SER D 412 -5.58 -0.57 -46.58
CA SER D 412 -6.81 -1.06 -47.17
C SER D 412 -7.49 -1.85 -46.09
N GLY D 413 -8.72 -2.27 -46.33
CA GLY D 413 -9.43 -3.06 -45.33
C GLY D 413 -8.92 -4.51 -45.29
N GLU D 414 -8.00 -4.87 -46.19
CA GLU D 414 -7.43 -6.22 -46.25
C GLU D 414 -6.25 -6.42 -45.28
N GLN D 415 -5.64 -5.33 -44.80
CA GLN D 415 -4.51 -5.47 -43.90
C GLN D 415 -5.00 -5.25 -42.51
N THR D 416 -4.36 -5.90 -41.55
CA THR D 416 -4.60 -5.77 -40.12
C THR D 416 -3.88 -4.52 -39.67
N LEU D 417 -2.54 -4.61 -39.70
CA LEU D 417 -1.61 -3.51 -39.47
C LEU D 417 -0.88 -3.31 -40.75
N LEU D 418 -0.41 -2.11 -40.99
CA LEU D 418 0.41 -1.85 -42.15
C LEU D 418 1.88 -1.71 -41.70
N MET D 419 2.80 -2.33 -42.40
CA MET D 419 4.23 -2.20 -42.03
C MET D 419 4.92 -1.15 -42.89
N ILE D 420 5.59 -0.21 -42.24
CA ILE D 420 6.24 0.88 -42.94
C ILE D 420 7.77 0.88 -42.69
N ASP D 421 8.56 0.89 -43.76
CA ASP D 421 10.01 0.97 -43.55
C ASP D 421 10.64 1.89 -44.60
N ASN D 422 11.97 2.00 -44.59
CA ASN D 422 12.72 2.93 -45.37
C ASN D 422 12.96 2.56 -46.83
N THR D 423 12.33 1.46 -47.27
CA THR D 423 12.49 1.13 -48.67
C THR D 423 11.28 1.62 -49.45
N THR D 424 10.24 2.01 -48.72
CA THR D 424 9.02 2.57 -49.27
C THR D 424 8.92 4.04 -48.92
N CYS D 425 9.36 4.39 -47.72
CA CYS D 425 9.29 5.73 -47.22
C CYS D 425 10.47 6.00 -46.26
N PRO D 426 11.56 6.65 -46.68
CA PRO D 426 12.76 6.88 -45.88
C PRO D 426 12.46 7.44 -44.47
N THR D 427 11.44 8.29 -44.37
CA THR D 427 11.01 8.89 -43.10
C THR D 427 9.52 9.00 -43.07
N ALA D 428 8.91 8.90 -41.92
CA ALA D 428 7.46 9.06 -41.95
C ALA D 428 6.89 9.72 -40.74
N VAL D 429 5.67 10.23 -40.88
CA VAL D 429 5.00 10.86 -39.77
C VAL D 429 3.70 10.20 -39.39
N LEU D 430 3.59 9.98 -38.09
CA LEU D 430 2.37 9.44 -37.51
C LEU D 430 1.84 10.45 -36.55
N GLY D 431 0.66 10.97 -36.79
CA GLY D 431 0.20 12.01 -35.88
C GLY D 431 1.14 13.20 -36.00
N ASN D 432 1.76 13.61 -34.90
CA ASN D 432 2.67 14.74 -34.94
C ASN D 432 4.13 14.36 -34.67
N VAL D 433 4.50 13.10 -34.84
CA VAL D 433 5.88 12.70 -34.60
C VAL D 433 6.58 12.21 -35.85
N ILE D 434 7.76 12.79 -36.11
CA ILE D 434 8.54 12.43 -37.27
C ILE D 434 9.59 11.39 -36.92
N ILE D 435 9.52 10.23 -37.57
CA ILE D 435 10.44 9.13 -37.27
C ILE D 435 11.22 8.67 -38.50
N SER D 436 12.55 8.66 -38.41
CA SER D 436 13.31 8.14 -39.55
C SER D 436 13.10 6.66 -39.52
N LEU D 437 13.17 5.97 -40.65
CA LEU D 437 13.00 4.52 -40.59
C LEU D 437 14.21 3.70 -40.96
N GLY D 438 14.24 2.45 -40.49
CA GLY D 438 15.24 1.47 -40.89
C GLY D 438 14.61 0.61 -41.96
N LYS D 439 15.20 -0.55 -42.27
CA LYS D 439 14.72 -1.47 -43.30
C LYS D 439 14.10 -2.70 -42.66
N TYR D 440 13.04 -3.24 -43.23
CA TYR D 440 12.52 -4.48 -42.69
C TYR D 440 13.28 -5.65 -43.27
N LEU D 441 14.00 -6.32 -42.41
CA LEU D 441 14.82 -7.48 -42.77
C LEU D 441 13.91 -8.68 -42.62
N GLY D 442 13.05 -8.87 -43.58
CA GLY D 442 12.04 -9.91 -43.53
C GLY D 442 11.43 -10.05 -44.91
N SER D 443 10.20 -10.57 -45.01
CA SER D 443 9.67 -10.76 -46.35
C SER D 443 9.53 -9.41 -46.97
N VAL D 444 9.66 -9.36 -48.28
CA VAL D 444 9.54 -8.14 -49.06
C VAL D 444 8.11 -7.70 -49.32
N ASN D 445 7.21 -8.67 -49.46
CA ASN D 445 5.82 -8.46 -49.75
C ASN D 445 4.93 -8.68 -48.52
N TYR D 446 5.41 -8.23 -47.37
CA TYR D 446 4.75 -8.37 -46.08
C TYR D 446 3.32 -7.88 -46.11
N ASN D 447 3.13 -6.71 -46.71
CA ASN D 447 1.85 -6.04 -46.73
C ASN D 447 0.91 -6.55 -47.82
N SER D 448 1.34 -7.57 -48.56
CA SER D 448 0.51 -8.17 -49.58
C SER D 448 -0.20 -9.44 -49.10
N GLU D 449 0.12 -9.91 -47.90
CA GLU D 449 -0.47 -11.19 -47.50
C GLU D 449 -1.37 -11.07 -46.28
N GLY D 450 -2.39 -11.91 -46.26
CA GLY D 450 -3.34 -11.96 -45.14
C GLY D 450 -2.88 -12.91 -44.04
N ILE D 451 -3.73 -13.07 -43.04
CA ILE D 451 -3.51 -13.94 -41.91
C ILE D 451 -4.88 -14.34 -41.39
N ALA D 452 -5.06 -15.55 -40.88
CA ALA D 452 -6.34 -15.89 -40.29
C ALA D 452 -6.50 -15.17 -38.98
N ILE D 453 -7.72 -14.75 -38.66
CA ILE D 453 -7.97 -14.11 -37.37
C ILE D 453 -8.90 -14.99 -36.54
N GLY D 454 -8.58 -15.16 -35.27
CA GLY D 454 -9.38 -15.98 -34.37
C GLY D 454 -10.66 -15.27 -33.91
N PRO D 455 -11.44 -15.88 -33.00
CA PRO D 455 -12.72 -15.39 -32.52
C PRO D 455 -12.63 -14.21 -31.55
N PRO D 456 -13.69 -13.40 -31.44
CA PRO D 456 -13.93 -12.40 -30.42
C PRO D 456 -14.10 -13.00 -29.05
N VAL D 457 -13.55 -12.33 -28.06
CA VAL D 457 -13.74 -12.67 -26.68
C VAL D 457 -14.04 -11.45 -25.84
N PHE D 458 -14.52 -11.70 -24.64
CA PHE D 458 -14.76 -10.69 -23.64
C PHE D 458 -14.01 -11.15 -22.38
N THR D 459 -13.34 -10.23 -21.69
CA THR D 459 -12.56 -10.59 -20.51
C THR D 459 -13.06 -10.07 -19.15
N ASP D 460 -14.07 -9.21 -19.14
CA ASP D 460 -14.56 -8.64 -17.90
C ASP D 460 -15.12 -9.66 -16.92
N LYS D 461 -14.89 -9.44 -15.63
CA LYS D 461 -15.38 -10.37 -14.62
C LYS D 461 -16.88 -10.70 -14.76
N VAL D 462 -17.72 -9.72 -15.06
CA VAL D 462 -19.14 -9.97 -15.20
C VAL D 462 -19.35 -10.71 -16.49
N ASP D 463 -18.65 -10.27 -17.54
CA ASP D 463 -18.83 -10.92 -18.83
C ASP D 463 -18.47 -12.39 -18.76
N ILE D 464 -17.46 -12.76 -17.99
CA ILE D 464 -17.09 -14.16 -17.88
C ILE D 464 -18.22 -14.94 -17.27
N SER D 465 -18.81 -14.44 -16.19
CA SER D 465 -19.92 -15.20 -15.63
C SER D 465 -21.08 -15.34 -16.63
N SER D 466 -21.39 -14.27 -17.36
CA SER D 466 -22.46 -14.34 -18.34
C SER D 466 -22.17 -15.30 -19.48
N GLN D 467 -20.93 -15.34 -19.95
CA GLN D 467 -20.56 -16.25 -21.03
C GLN D 467 -20.69 -17.69 -20.59
N ILE D 468 -20.35 -17.98 -19.34
CA ILE D 468 -20.48 -19.33 -18.84
C ILE D 468 -21.95 -19.74 -18.84
N SER D 469 -22.82 -18.85 -18.36
CA SER D 469 -24.24 -19.16 -18.32
C SER D 469 -24.80 -19.40 -19.70
N SER D 470 -24.37 -18.59 -20.67
CA SER D 470 -24.87 -18.71 -22.01
C SER D 470 -24.49 -20.05 -22.62
N MET D 471 -23.24 -20.44 -22.44
CA MET D 471 -22.80 -21.72 -23.01
C MET D 471 -23.57 -22.87 -22.39
N ASN D 472 -23.82 -22.82 -21.10
CA ASN D 472 -24.53 -23.85 -20.40
C ASN D 472 -25.98 -23.97 -20.87
N GLN D 473 -26.61 -22.82 -21.13
CA GLN D 473 -28.00 -22.90 -21.58
C GLN D 473 -28.12 -23.51 -22.96
N SER D 474 -27.17 -23.18 -23.84
CA SER D 474 -27.23 -23.75 -25.17
C SER D 474 -26.95 -25.25 -25.13
N LEU D 475 -25.96 -25.66 -24.34
CA LEU D 475 -25.58 -27.06 -24.24
C LEU D 475 -26.72 -27.89 -23.67
N GLN D 476 -27.39 -27.37 -22.64
CA GLN D 476 -28.49 -28.10 -22.05
C GLN D 476 -29.66 -28.28 -23.03
N GLN D 477 -29.96 -27.28 -23.87
CA GLN D 477 -31.04 -27.51 -24.85
C GLN D 477 -30.62 -28.57 -25.91
N SER D 478 -29.36 -28.55 -26.35
CA SER D 478 -28.91 -29.53 -27.34
C SER D 478 -28.94 -30.96 -26.80
N LYS D 479 -28.65 -31.12 -25.51
CA LYS D 479 -28.71 -32.45 -24.92
C LYS D 479 -30.12 -33.07 -25.07
N ASP D 480 -31.16 -32.25 -24.98
CA ASP D 480 -32.53 -32.78 -25.12
C ASP D 480 -32.81 -33.12 -26.57
N TYR D 481 -32.21 -32.35 -27.48
CA TYR D 481 -32.45 -32.61 -28.89
C TYR D 481 -31.78 -33.92 -29.30
N ILE D 482 -30.60 -34.25 -28.73
CA ILE D 482 -29.99 -35.54 -29.09
C ILE D 482 -30.86 -36.65 -28.50
N LYS D 483 -31.47 -36.47 -27.32
CA LYS D 483 -32.37 -37.51 -26.85
C LYS D 483 -33.52 -37.78 -27.82
N GLU D 484 -34.14 -36.73 -28.39
CA GLU D 484 -35.22 -37.00 -29.36
C GLU D 484 -34.68 -37.69 -30.61
N ALA D 485 -33.48 -37.29 -31.04
CA ALA D 485 -32.81 -37.86 -32.20
C ALA D 485 -32.51 -39.34 -31.99
N GLN D 486 -32.15 -39.72 -30.77
CA GLN D 486 -31.85 -41.11 -30.43
C GLN D 486 -33.11 -41.99 -30.30
N ARG D 487 -34.20 -41.47 -29.72
CA ARG D 487 -35.41 -42.28 -29.52
C ARG D 487 -36.13 -42.64 -30.83
N LEU D 488 -36.31 -41.67 -31.72
CA LEU D 488 -37.00 -41.92 -32.98
C LEU D 488 -36.09 -42.75 -33.90
N GLU E 1 36.40 -19.04 -22.89
CA GLU E 1 37.51 -18.96 -21.97
C GLU E 1 37.74 -17.53 -21.52
N VAL E 2 37.81 -17.31 -20.22
CA VAL E 2 38.09 -15.98 -19.75
C VAL E 2 39.57 -15.70 -19.86
N GLN E 3 39.91 -14.65 -20.59
CA GLN E 3 41.31 -14.32 -20.78
C GLN E 3 41.66 -12.89 -20.38
N LEU E 4 41.99 -12.68 -19.12
CA LEU E 4 42.32 -11.34 -18.67
C LEU E 4 43.78 -11.10 -18.98
N VAL E 5 44.10 -9.97 -19.60
CA VAL E 5 45.50 -9.71 -19.92
C VAL E 5 46.02 -8.37 -19.43
N GLU E 6 46.91 -8.43 -18.45
CA GLU E 6 47.51 -7.24 -17.89
C GLU E 6 48.68 -6.73 -18.71
N SER E 7 48.84 -5.42 -18.72
CA SER E 7 50.00 -4.78 -19.25
C SER E 7 50.26 -3.46 -18.58
N GLY E 8 51.26 -2.77 -19.09
CA GLY E 8 51.65 -1.48 -18.54
C GLY E 8 52.60 -1.55 -17.34
N GLY E 9 53.29 -2.66 -17.12
CA GLY E 9 54.18 -2.71 -15.97
C GLY E 9 55.51 -2.06 -16.32
N GLY E 10 56.49 -2.18 -15.44
CA GLY E 10 57.78 -1.53 -15.67
C GLY E 10 58.43 -0.98 -14.40
N LEU E 11 59.51 -0.21 -14.60
CA LEU E 11 60.31 0.39 -13.53
C LEU E 11 59.97 1.86 -13.32
N VAL E 12 59.65 2.20 -12.08
CA VAL E 12 59.26 3.53 -11.66
C VAL E 12 60.21 4.05 -10.59
N LYS E 13 60.66 5.29 -10.69
CA LYS E 13 61.52 5.80 -9.64
C LYS E 13 60.57 6.12 -8.45
N PRO E 14 60.98 6.06 -7.19
CA PRO E 14 60.12 6.34 -6.06
C PRO E 14 59.62 7.74 -6.23
N GLY E 15 58.36 7.95 -5.88
CA GLY E 15 57.72 9.24 -5.98
C GLY E 15 57.07 9.42 -7.34
N GLY E 16 57.27 8.44 -8.24
CA GLY E 16 56.72 8.48 -9.58
C GLY E 16 55.30 7.93 -9.70
N SER E 17 54.91 7.62 -10.93
CA SER E 17 53.57 7.17 -11.25
C SER E 17 53.59 6.13 -12.35
N LEU E 18 52.52 5.34 -12.45
CA LEU E 18 52.43 4.32 -13.48
C LEU E 18 51.00 3.90 -13.73
N LYS E 19 50.58 3.88 -14.99
CA LYS E 19 49.22 3.44 -15.29
C LYS E 19 49.19 2.02 -15.85
N LEU E 20 48.38 1.16 -15.23
CA LEU E 20 48.26 -0.24 -15.66
C LEU E 20 46.93 -0.47 -16.36
N SER E 21 46.86 -1.44 -17.24
CA SER E 21 45.59 -1.75 -17.83
C SER E 21 45.46 -3.22 -18.11
N CYS E 22 44.28 -3.68 -17.94
CA CYS E 22 43.89 -5.09 -18.11
C CYS E 22 42.74 -5.30 -19.07
N ALA E 23 43.04 -5.73 -20.28
CA ALA E 23 42.00 -5.96 -21.28
C ALA E 23 41.29 -7.27 -20.98
N ALA E 24 39.98 -7.27 -21.23
CA ALA E 24 39.18 -8.46 -21.03
C ALA E 24 38.68 -9.03 -22.32
N SER E 25 38.48 -10.34 -22.30
CA SER E 25 37.95 -11.07 -23.43
C SER E 25 37.27 -12.37 -23.01
N GLY E 26 36.23 -12.78 -23.74
CA GLY E 26 35.59 -14.09 -23.52
C GLY E 26 34.35 -14.13 -22.61
N PHE E 27 33.97 -12.99 -22.09
CA PHE E 27 32.83 -12.88 -21.19
C PHE E 27 32.34 -11.48 -21.32
N THR E 28 31.18 -11.19 -20.76
CA THR E 28 30.76 -9.82 -20.88
C THR E 28 31.28 -9.01 -19.73
N PHE E 29 32.14 -8.08 -20.11
CA PHE E 29 32.87 -7.23 -19.20
C PHE E 29 31.89 -6.46 -18.37
N SER E 30 30.88 -5.93 -19.02
CA SER E 30 29.91 -5.05 -18.42
C SER E 30 29.02 -5.71 -17.35
N SER E 31 29.10 -7.04 -17.22
CA SER E 31 28.31 -7.77 -16.23
C SER E 31 29.03 -8.08 -14.92
N TYR E 32 30.33 -7.81 -14.79
CA TYR E 32 31.02 -8.22 -13.57
C TYR E 32 31.87 -7.16 -12.92
N ASP E 33 31.92 -7.20 -11.59
CA ASP E 33 32.81 -6.36 -10.84
C ASP E 33 34.21 -6.93 -10.87
N MET E 34 35.21 -6.07 -10.69
CA MET E 34 36.59 -6.52 -10.80
C MET E 34 37.52 -5.86 -9.82
N SER E 35 38.70 -6.43 -9.68
CA SER E 35 39.69 -5.95 -8.74
C SER E 35 41.11 -6.15 -9.14
N TRP E 36 41.97 -5.47 -8.41
CA TRP E 36 43.40 -5.71 -8.51
C TRP E 36 43.87 -6.33 -7.21
N VAL E 37 44.71 -7.34 -7.37
CA VAL E 37 45.32 -8.08 -6.27
C VAL E 37 46.82 -8.03 -6.42
N ARG E 38 47.50 -7.70 -5.36
CA ARG E 38 48.93 -7.58 -5.40
C ARG E 38 49.65 -8.71 -4.71
N GLN E 39 50.71 -9.21 -5.34
CA GLN E 39 51.51 -10.27 -4.74
C GLN E 39 52.94 -9.82 -4.48
N THR E 40 53.33 -9.86 -3.22
CA THR E 40 54.64 -9.33 -2.84
C THR E 40 55.70 -10.36 -3.25
N PRO E 41 56.99 -10.02 -3.31
CA PRO E 41 58.10 -10.95 -3.53
C PRO E 41 58.10 -12.13 -2.55
N GLU E 42 57.60 -11.88 -1.34
CA GLU E 42 57.47 -12.85 -0.23
C GLU E 42 56.28 -13.78 -0.39
N LYS E 43 55.50 -13.58 -1.45
CA LYS E 43 54.30 -14.31 -1.80
C LYS E 43 53.10 -14.02 -0.91
N ARG E 44 53.00 -12.80 -0.37
CA ARG E 44 51.80 -12.48 0.38
C ARG E 44 50.81 -11.84 -0.57
N LEU E 45 49.55 -12.21 -0.48
CA LEU E 45 48.57 -11.57 -1.35
C LEU E 45 47.86 -10.45 -0.61
N GLU E 46 47.66 -9.34 -1.29
CA GLU E 46 46.95 -8.20 -0.76
C GLU E 46 45.89 -7.66 -1.72
N TRP E 47 44.76 -7.27 -1.19
CA TRP E 47 43.75 -6.66 -2.03
C TRP E 47 44.20 -5.23 -2.29
N VAL E 48 44.12 -4.76 -3.54
CA VAL E 48 44.50 -3.38 -3.82
C VAL E 48 43.30 -2.51 -4.05
N ALA E 49 42.38 -2.94 -4.89
CA ALA E 49 41.19 -2.11 -5.14
C ALA E 49 40.10 -2.87 -5.86
N MET E 50 38.85 -2.40 -5.76
CA MET E 50 37.79 -2.97 -6.60
C MET E 50 36.89 -1.93 -7.15
N ILE E 51 36.29 -2.25 -8.28
CA ILE E 51 35.29 -1.37 -8.85
C ILE E 51 34.09 -2.22 -9.18
N SER E 52 32.91 -1.72 -8.83
CA SER E 52 31.69 -2.43 -9.09
C SER E 52 31.35 -2.42 -10.56
N SER E 53 30.34 -3.23 -10.91
CA SER E 53 29.94 -3.43 -12.29
C SER E 53 29.61 -2.17 -13.08
N GLY E 54 28.91 -1.22 -12.50
CA GLY E 54 28.56 -0.07 -13.30
C GLY E 54 29.52 1.09 -13.16
N GLY E 55 30.56 0.91 -12.37
CA GLY E 55 31.52 1.96 -12.13
C GLY E 55 31.05 3.02 -11.14
N SER E 56 29.90 2.84 -10.47
CA SER E 56 29.45 3.90 -9.57
C SER E 56 30.06 3.86 -8.19
N TYR E 57 30.63 2.72 -7.85
CA TYR E 57 31.17 2.50 -6.53
C TYR E 57 32.55 1.89 -6.66
N SER E 58 33.45 2.26 -5.74
CA SER E 58 34.77 1.66 -5.70
C SER E 58 35.25 1.62 -4.28
N TYR E 59 36.12 0.68 -4.00
CA TYR E 59 36.67 0.56 -2.67
C TYR E 59 38.17 0.36 -2.66
N TYR E 60 38.82 0.91 -1.65
CA TYR E 60 40.27 0.77 -1.49
C TYR E 60 40.68 0.47 -0.06
N PRO E 61 41.80 -0.23 0.18
CA PRO E 61 42.49 -0.38 1.43
C PRO E 61 43.03 0.96 1.82
N ASP E 62 43.17 1.20 3.10
CA ASP E 62 43.71 2.48 3.55
C ASP E 62 45.09 2.81 3.01
N SER E 63 45.93 1.80 2.77
CA SER E 63 47.29 2.03 2.30
C SER E 63 47.41 2.56 0.87
N VAL E 64 46.35 2.45 0.07
CA VAL E 64 46.39 2.97 -1.30
C VAL E 64 45.26 3.97 -1.53
N LYS E 65 44.31 4.02 -0.61
CA LYS E 65 43.22 4.95 -0.78
C LYS E 65 43.78 6.35 -0.78
N GLY E 66 43.39 7.12 -1.78
CA GLY E 66 43.85 8.50 -1.93
C GLY E 66 45.05 8.60 -2.86
N ARG E 67 45.66 7.46 -3.17
CA ARG E 67 46.81 7.43 -4.06
C ARG E 67 46.45 6.77 -5.36
N PHE E 68 45.69 5.69 -5.29
CA PHE E 68 45.36 4.96 -6.50
C PHE E 68 43.95 5.22 -6.98
N THR E 69 43.78 5.19 -8.29
CA THR E 69 42.46 5.28 -8.88
C THR E 69 42.13 4.07 -9.73
N ILE E 70 40.99 3.47 -9.48
CA ILE E 70 40.58 2.31 -10.26
C ILE E 70 39.42 2.81 -11.10
N SER E 71 39.41 2.45 -12.36
CA SER E 71 38.36 2.92 -13.27
C SER E 71 38.09 1.88 -14.36
N ARG E 72 36.95 1.97 -15.05
CA ARG E 72 36.75 1.01 -16.12
C ARG E 72 36.07 1.66 -17.31
N ASP E 73 36.44 1.19 -18.48
CA ASP E 73 35.83 1.63 -19.72
C ASP E 73 35.08 0.45 -20.29
N ASN E 74 33.76 0.45 -20.15
CA ASN E 74 33.04 -0.74 -20.56
C ASN E 74 33.03 -0.92 -22.06
N ALA E 75 33.04 0.19 -22.80
CA ALA E 75 33.02 0.12 -24.26
C ALA E 75 34.27 -0.57 -24.79
N LYS E 76 35.38 -0.35 -24.12
CA LYS E 76 36.65 -0.93 -24.54
C LYS E 76 36.98 -2.23 -23.83
N ASN E 77 36.08 -2.72 -22.98
CA ASN E 77 36.32 -3.92 -22.22
C ASN E 77 37.63 -3.85 -21.45
N THR E 78 37.93 -2.68 -20.88
CA THR E 78 39.22 -2.53 -20.20
C THR E 78 39.18 -2.02 -18.77
N LEU E 79 39.90 -2.71 -17.90
CA LEU E 79 40.03 -2.31 -16.49
C LEU E 79 41.33 -1.53 -16.30
N TYR E 80 41.28 -0.37 -15.65
CA TYR E 80 42.49 0.43 -15.47
C TYR E 80 42.81 0.70 -14.00
N LEU E 81 44.10 0.83 -13.69
CA LEU E 81 44.52 1.27 -12.37
C LEU E 81 45.61 2.31 -12.50
N GLN E 82 45.36 3.48 -11.95
CA GLN E 82 46.34 4.56 -11.99
C GLN E 82 47.05 4.65 -10.67
N MET E 83 48.32 4.35 -10.68
CA MET E 83 49.08 4.35 -9.45
C MET E 83 49.79 5.70 -9.30
N SER E 84 49.97 6.19 -8.08
CA SER E 84 50.72 7.43 -7.89
C SER E 84 51.53 7.38 -6.60
N SER E 85 52.54 8.27 -6.52
CA SER E 85 53.45 8.42 -5.40
C SER E 85 54.00 7.07 -5.03
N LEU E 86 54.54 6.37 -6.01
CA LEU E 86 54.94 5.00 -5.74
C LEU E 86 56.08 4.92 -4.74
N ARG E 87 56.00 3.91 -3.89
CA ARG E 87 56.98 3.64 -2.84
C ARG E 87 57.67 2.31 -3.09
N SER E 88 58.81 2.04 -2.44
CA SER E 88 59.47 0.73 -2.61
C SER E 88 58.58 -0.40 -2.08
N GLU E 89 57.65 0.00 -1.23
CA GLU E 89 56.65 -0.81 -0.56
C GLU E 89 55.68 -1.41 -1.55
N ASP E 90 55.59 -0.82 -2.73
CA ASP E 90 54.67 -1.24 -3.75
C ASP E 90 55.29 -2.20 -4.77
N THR E 91 56.53 -2.65 -4.58
CA THR E 91 57.04 -3.57 -5.59
C THR E 91 56.30 -4.90 -5.46
N ALA E 92 55.70 -5.33 -6.56
CA ALA E 92 54.88 -6.53 -6.55
C ALA E 92 54.38 -6.95 -7.91
N MET E 93 53.83 -8.16 -7.99
CA MET E 93 53.07 -8.53 -9.18
C MET E 93 51.68 -7.96 -9.02
N TYR E 94 51.15 -7.42 -10.08
CA TYR E 94 49.79 -6.91 -10.08
C TYR E 94 48.87 -7.72 -10.95
N TYR E 95 47.89 -8.34 -10.30
CA TYR E 95 46.94 -9.19 -10.99
C TYR E 95 45.60 -8.57 -11.20
N CYS E 96 45.06 -8.82 -12.36
CA CYS E 96 43.72 -8.43 -12.72
C CYS E 96 42.84 -9.61 -12.41
N ALA E 97 41.79 -9.39 -11.64
CA ALA E 97 40.92 -10.53 -11.34
C ALA E 97 39.45 -10.17 -11.40
N ARG E 98 38.67 -11.16 -11.81
CA ARG E 98 37.23 -11.03 -11.91
C ARG E 98 36.57 -11.68 -10.72
N GLN E 99 35.65 -10.94 -10.11
CA GLN E 99 34.92 -11.39 -8.95
C GLN E 99 33.69 -12.19 -9.30
N GLY E 100 33.29 -12.99 -8.35
CA GLY E 100 32.06 -13.76 -8.45
C GLY E 100 30.96 -12.94 -7.82
N ASP E 101 29.97 -13.56 -7.22
CA ASP E 101 28.89 -12.76 -6.69
C ASP E 101 29.28 -11.83 -5.54
N TYR E 102 30.31 -12.18 -4.77
CA TYR E 102 30.73 -11.35 -3.66
C TYR E 102 32.18 -10.95 -3.88
N ALA E 103 33.13 -11.52 -3.12
CA ALA E 103 34.51 -11.14 -3.38
C ALA E 103 35.44 -12.31 -3.36
N TRP E 104 35.05 -13.37 -4.02
CA TRP E 104 35.99 -14.42 -4.27
C TRP E 104 36.46 -14.05 -5.65
N PHE E 105 37.68 -14.42 -5.97
CA PHE E 105 38.23 -14.05 -7.27
C PHE E 105 38.25 -15.28 -8.15
N ALA E 106 37.32 -15.32 -9.09
CA ALA E 106 37.10 -16.50 -9.90
C ALA E 106 38.08 -16.63 -11.05
N TYR E 107 38.44 -15.50 -11.64
CA TYR E 107 39.37 -15.55 -12.78
C TYR E 107 40.47 -14.59 -12.60
N TRP E 108 41.68 -15.03 -12.87
CA TRP E 108 42.86 -14.20 -12.71
C TRP E 108 43.64 -14.15 -14.00
N GLY E 109 44.26 -13.02 -14.28
CA GLY E 109 45.14 -12.91 -15.43
C GLY E 109 46.53 -13.39 -15.05
N GLN E 110 47.49 -13.31 -15.98
CA GLN E 110 48.85 -13.74 -15.69
C GLN E 110 49.55 -12.80 -14.74
N GLY E 111 49.22 -11.54 -14.85
CA GLY E 111 49.79 -10.51 -14.00
C GLY E 111 50.98 -9.82 -14.62
N THR E 112 51.18 -8.56 -14.21
CA THR E 112 52.35 -7.81 -14.67
C THR E 112 53.19 -7.37 -13.50
N LEU E 113 54.35 -6.83 -13.80
CA LEU E 113 55.27 -6.46 -12.74
C LEU E 113 55.56 -5.00 -12.59
N VAL E 114 55.41 -4.51 -11.37
CA VAL E 114 55.72 -3.13 -11.06
C VAL E 114 56.86 -3.09 -10.09
N THR E 115 57.93 -2.40 -10.47
CA THR E 115 59.12 -2.28 -9.62
C THR E 115 59.42 -0.85 -9.30
N VAL E 116 59.68 -0.57 -8.03
CA VAL E 116 59.99 0.79 -7.66
C VAL E 116 61.38 0.83 -7.06
N SER E 117 62.24 1.62 -7.67
CA SER E 117 63.63 1.68 -7.23
C SER E 117 64.37 2.91 -7.68
N SER E 118 65.26 3.44 -6.83
CA SER E 118 66.10 4.58 -7.17
C SER E 118 67.36 4.18 -7.95
N ALA E 119 67.59 2.88 -8.06
CA ALA E 119 68.77 2.24 -8.66
C ALA E 119 68.89 2.45 -10.16
N SER E 120 70.13 2.39 -10.70
CA SER E 120 70.35 2.60 -12.13
C SER E 120 70.72 1.31 -12.86
N ASP F 1 39.90 -4.22 11.00
CA ASP F 1 40.20 -5.18 9.95
C ASP F 1 40.05 -6.60 10.44
N ILE F 2 39.82 -7.49 9.51
CA ILE F 2 39.72 -8.90 9.83
C ILE F 2 40.93 -9.55 9.26
N GLN F 3 41.61 -10.30 10.06
CA GLN F 3 42.80 -11.00 9.63
C GLN F 3 42.68 -12.41 10.08
N MET F 4 43.38 -13.32 9.39
CA MET F 4 43.36 -14.69 9.83
C MET F 4 44.73 -15.30 9.79
N THR F 5 44.95 -16.25 10.67
CA THR F 5 46.24 -16.93 10.75
C THR F 5 46.14 -18.32 10.17
N GLN F 6 47.05 -18.61 9.24
CA GLN F 6 47.04 -19.89 8.55
C GLN F 6 48.19 -20.73 9.05
N SER F 7 47.91 -22.00 9.32
CA SER F 7 48.97 -22.87 9.79
C SER F 7 48.72 -24.34 9.41
N PRO F 8 49.78 -25.18 9.39
CA PRO F 8 51.19 -24.95 9.66
C PRO F 8 51.70 -24.14 8.51
N ALA F 9 52.79 -23.38 8.64
CA ALA F 9 53.26 -22.69 7.43
C ALA F 9 53.66 -23.70 6.37
N SER F 10 54.24 -24.80 6.83
CA SER F 10 54.63 -25.84 5.91
C SER F 10 54.43 -27.18 6.55
N GLN F 11 54.09 -28.18 5.74
CA GLN F 11 54.05 -29.56 6.21
C GLN F 11 54.44 -30.49 5.11
N SER F 12 55.00 -31.64 5.47
CA SER F 12 55.34 -32.62 4.46
C SER F 12 54.31 -33.73 4.37
N ALA F 13 54.33 -34.43 3.26
CA ALA F 13 53.46 -35.57 3.06
C ALA F 13 54.00 -36.55 2.05
N SER F 14 53.50 -37.78 2.07
CA SER F 14 53.86 -38.75 1.06
C SER F 14 52.83 -38.67 -0.04
N LEU F 15 53.13 -39.26 -1.17
CA LEU F 15 52.12 -39.23 -2.20
C LEU F 15 51.03 -40.20 -1.80
N GLY F 16 49.79 -39.78 -2.00
CA GLY F 16 48.63 -40.59 -1.68
C GLY F 16 48.12 -40.33 -0.26
N GLU F 17 48.89 -39.58 0.52
CA GLU F 17 48.58 -39.27 1.90
C GLU F 17 47.54 -38.15 1.99
N SER F 18 46.70 -38.18 3.03
CA SER F 18 45.72 -37.13 3.26
C SER F 18 46.38 -35.99 4.04
N VAL F 19 46.10 -34.73 3.68
CA VAL F 19 46.66 -33.62 4.48
C VAL F 19 45.61 -32.54 4.80
N THR F 20 45.79 -31.82 5.92
CA THR F 20 44.86 -30.75 6.29
C THR F 20 45.58 -29.48 6.72
N ILE F 21 45.02 -28.33 6.32
CA ILE F 21 45.53 -27.02 6.79
C ILE F 21 44.38 -26.23 7.42
N THR F 22 44.70 -25.35 8.39
CA THR F 22 43.68 -24.55 9.10
C THR F 22 43.92 -23.04 9.11
N CYS F 23 42.82 -22.27 9.00
CA CYS F 23 42.84 -20.83 9.17
C CYS F 23 41.94 -20.42 10.33
N LEU F 24 42.43 -19.51 11.16
CA LEU F 24 41.66 -19.03 12.30
C LEU F 24 41.42 -17.53 12.19
N ALA F 25 40.15 -17.16 12.10
CA ALA F 25 39.77 -15.77 11.96
C ALA F 25 39.81 -15.04 13.29
N SER F 26 40.23 -13.77 13.23
CA SER F 26 40.24 -12.87 14.39
C SER F 26 38.87 -12.58 14.95
N GLN F 27 37.88 -12.63 14.11
CA GLN F 27 36.50 -12.44 14.50
C GLN F 27 35.70 -13.32 13.63
N THR F 28 34.61 -13.81 14.15
CA THR F 28 33.74 -14.65 13.37
C THR F 28 33.31 -14.06 12.05
N ILE F 29 33.38 -14.90 11.01
CA ILE F 29 32.99 -14.50 9.68
C ILE F 29 31.92 -15.37 9.03
N GLY F 30 31.07 -16.02 9.80
CA GLY F 30 30.06 -16.86 9.16
C GLY F 30 30.78 -17.91 8.33
N THR F 31 30.37 -18.04 7.05
CA THR F 31 31.00 -18.97 6.11
C THR F 31 31.58 -18.19 4.93
N TRP F 32 31.79 -16.90 5.11
CA TRP F 32 32.26 -16.04 4.03
C TRP F 32 33.78 -16.15 3.85
N LEU F 33 34.23 -17.36 3.51
CA LEU F 33 35.66 -17.65 3.34
C LEU F 33 35.98 -18.46 2.11
N ALA F 34 37.08 -18.10 1.45
CA ALA F 34 37.48 -18.83 0.25
C ALA F 34 38.90 -19.37 0.31
N TRP F 35 39.12 -20.49 -0.41
CA TRP F 35 40.43 -21.11 -0.52
C TRP F 35 40.92 -21.11 -1.97
N TYR F 36 42.23 -20.87 -2.12
CA TYR F 36 42.97 -20.82 -3.40
C TYR F 36 44.20 -21.72 -3.45
N GLN F 37 44.56 -22.14 -4.67
CA GLN F 37 45.77 -22.93 -4.93
C GLN F 37 46.67 -22.25 -5.95
N GLN F 38 47.95 -22.09 -5.61
CA GLN F 38 48.87 -21.43 -6.52
C GLN F 38 50.05 -22.28 -6.95
N LYS F 39 50.26 -22.34 -8.26
CA LYS F 39 51.37 -23.11 -8.79
C LYS F 39 52.52 -22.13 -9.08
N PRO F 40 53.78 -22.53 -9.06
CA PRO F 40 54.90 -21.67 -9.38
C PRO F 40 54.78 -21.09 -10.76
N GLY F 41 55.06 -19.81 -10.92
CA GLY F 41 55.06 -19.14 -12.21
C GLY F 41 53.66 -18.72 -12.66
N LYS F 42 52.66 -19.03 -11.86
CA LYS F 42 51.29 -18.75 -12.23
C LYS F 42 50.47 -17.97 -11.22
N SER F 43 49.32 -17.49 -11.68
CA SER F 43 48.38 -16.82 -10.83
C SER F 43 47.71 -17.89 -9.95
N PRO F 44 47.12 -17.53 -8.83
CA PRO F 44 46.24 -18.36 -8.02
C PRO F 44 44.96 -18.77 -8.74
N GLN F 45 44.43 -19.94 -8.39
CA GLN F 45 43.12 -20.36 -8.88
C GLN F 45 42.21 -20.66 -7.69
N LEU F 46 40.91 -20.38 -7.85
CA LEU F 46 39.91 -20.63 -6.83
C LEU F 46 39.56 -22.07 -6.71
N LEU F 47 39.52 -22.60 -5.50
CA LEU F 47 39.05 -23.96 -5.34
C LEU F 47 37.76 -24.02 -4.59
N ILE F 48 37.70 -23.32 -3.46
CA ILE F 48 36.52 -23.38 -2.61
C ILE F 48 35.97 -21.99 -2.24
N TYR F 49 34.73 -21.67 -2.64
CA TYR F 49 34.16 -20.37 -2.26
C TYR F 49 33.03 -20.66 -1.28
N ALA F 50 32.72 -19.66 -0.47
CA ALA F 50 31.63 -19.76 0.52
C ALA F 50 31.83 -20.98 1.42
N ALA F 51 33.07 -21.19 1.85
CA ALA F 51 33.55 -22.25 2.73
C ALA F 51 33.40 -23.72 2.26
N THR F 52 32.22 -24.11 1.77
CA THR F 52 31.99 -25.52 1.41
C THR F 52 31.74 -25.94 -0.05
N SER F 53 31.63 -25.01 -1.03
CA SER F 53 31.37 -25.46 -2.41
C SER F 53 32.62 -25.50 -3.24
N LEU F 54 32.69 -26.47 -4.16
CA LEU F 54 33.84 -26.50 -5.03
C LEU F 54 33.61 -25.64 -6.24
N ALA F 55 34.67 -25.03 -6.71
CA ALA F 55 34.68 -24.23 -7.93
C ALA F 55 34.58 -25.13 -9.15
N ASP F 56 34.08 -24.58 -10.23
CA ASP F 56 33.94 -25.33 -11.45
C ASP F 56 35.29 -25.82 -11.96
N GLY F 57 35.39 -27.13 -12.16
CA GLY F 57 36.61 -27.79 -12.61
C GLY F 57 37.50 -28.33 -11.50
N VAL F 58 37.14 -28.13 -10.26
CA VAL F 58 37.94 -28.60 -9.15
C VAL F 58 37.78 -30.12 -8.94
N PRO F 59 38.87 -30.89 -8.88
CA PRO F 59 38.89 -32.32 -8.66
C PRO F 59 38.29 -32.69 -7.33
N SER F 60 37.72 -33.89 -7.26
CA SER F 60 37.07 -34.45 -6.06
C SER F 60 38.02 -34.67 -4.90
N ARG F 61 39.31 -34.56 -5.17
CA ARG F 61 40.34 -34.72 -4.16
C ARG F 61 40.20 -33.64 -3.11
N PHE F 62 39.69 -32.48 -3.52
CA PHE F 62 39.60 -31.33 -2.64
C PHE F 62 38.25 -31.21 -1.97
N SER F 63 38.29 -30.80 -0.72
CA SER F 63 37.08 -30.52 0.03
C SER F 63 37.39 -29.59 1.19
N GLY F 64 36.37 -29.09 1.85
CA GLY F 64 36.58 -28.24 3.00
C GLY F 64 35.31 -27.91 3.74
N SER F 65 35.49 -27.36 4.93
CA SER F 65 34.38 -27.04 5.83
C SER F 65 34.81 -26.09 6.93
N GLY F 66 33.82 -25.58 7.67
CA GLY F 66 34.08 -24.69 8.78
C GLY F 66 33.17 -23.50 8.75
N SER F 67 33.04 -22.88 9.90
CA SER F 67 32.20 -21.72 10.06
C SER F 67 32.63 -20.96 11.27
N GLY F 68 32.22 -19.74 11.35
CA GLY F 68 32.53 -18.94 12.50
C GLY F 68 33.98 -18.53 12.49
N THR F 69 34.76 -18.92 13.49
CA THR F 69 36.16 -18.51 13.45
C THR F 69 37.11 -19.54 12.83
N LYS F 70 36.87 -20.82 13.05
CA LYS F 70 37.78 -21.88 12.58
C LYS F 70 37.40 -22.56 11.28
N PHE F 71 38.33 -22.57 10.31
CA PHE F 71 38.09 -23.19 9.00
C PHE F 71 39.17 -24.18 8.61
N SER F 72 38.82 -25.24 7.86
CA SER F 72 39.86 -26.15 7.38
C SER F 72 39.67 -26.65 5.96
N PHE F 73 40.81 -27.02 5.36
CA PHE F 73 40.92 -27.49 3.98
C PHE F 73 41.58 -28.84 3.90
N LYS F 74 40.99 -29.74 3.15
CA LYS F 74 41.51 -31.10 3.08
C LYS F 74 41.69 -31.64 1.66
N ILE F 75 42.80 -32.37 1.53
CA ILE F 75 43.07 -33.13 0.31
C ILE F 75 43.02 -34.58 0.77
N SER F 76 42.12 -35.37 0.22
CA SER F 76 42.01 -36.70 0.74
C SER F 76 43.20 -37.58 0.26
N SER F 77 43.62 -37.32 -0.99
CA SER F 77 44.67 -38.16 -1.63
C SER F 77 45.70 -37.38 -2.44
N LEU F 78 46.70 -36.86 -1.79
CA LEU F 78 47.65 -35.93 -2.37
C LEU F 78 48.51 -36.45 -3.54
N GLN F 79 48.54 -35.68 -4.65
CA GLN F 79 49.32 -36.01 -5.86
C GLN F 79 50.58 -35.17 -5.98
N ALA F 80 51.53 -35.58 -6.81
CA ALA F 80 52.76 -34.75 -6.96
C ALA F 80 52.42 -33.34 -7.42
N GLU F 81 51.40 -33.23 -8.26
CA GLU F 81 50.95 -31.97 -8.82
C GLU F 81 50.27 -31.06 -7.80
N ASP F 82 49.98 -31.59 -6.61
CA ASP F 82 49.34 -30.84 -5.56
C ASP F 82 50.36 -30.25 -4.57
N PHE F 83 51.65 -30.51 -4.74
CA PHE F 83 52.60 -29.97 -3.74
C PHE F 83 53.02 -28.54 -4.06
N VAL F 84 52.07 -27.65 -3.85
CA VAL F 84 52.15 -26.25 -4.20
C VAL F 84 51.67 -25.39 -3.02
N SER F 85 51.52 -24.07 -3.23
CA SER F 85 51.03 -23.20 -2.15
C SER F 85 49.50 -23.12 -2.04
N TYR F 86 49.02 -22.98 -0.81
CA TYR F 86 47.59 -22.82 -0.54
C TYR F 86 47.30 -21.57 0.29
N TYR F 87 46.18 -20.89 -0.02
CA TYR F 87 45.77 -19.66 0.68
C TYR F 87 44.30 -19.62 1.07
N CYS F 88 44.00 -18.86 2.13
CA CYS F 88 42.62 -18.58 2.50
C CYS F 88 42.38 -17.08 2.59
N GLN F 89 41.17 -16.63 2.26
CA GLN F 89 40.83 -15.21 2.40
C GLN F 89 39.39 -15.02 2.85
N GLN F 90 39.13 -13.91 3.51
CA GLN F 90 37.77 -13.66 3.97
C GLN F 90 37.15 -12.64 3.10
N PHE F 91 35.89 -12.85 2.79
CA PHE F 91 35.18 -11.89 1.99
C PHE F 91 33.95 -11.36 2.72
N TYR F 92 33.99 -11.47 4.05
CA TYR F 92 32.94 -11.06 4.96
C TYR F 92 32.74 -9.56 4.89
N SER F 93 33.85 -8.83 4.97
CA SER F 93 33.79 -7.36 4.92
C SER F 93 35.06 -6.78 4.36
N THR F 94 35.00 -5.55 3.88
CA THR F 94 36.22 -4.94 3.41
C THR F 94 37.06 -4.50 4.59
N PRO F 95 38.36 -4.34 4.41
CA PRO F 95 39.19 -4.69 3.28
C PRO F 95 39.24 -6.17 3.25
N PHE F 96 39.37 -6.73 2.09
CA PHE F 96 39.41 -8.16 2.04
C PHE F 96 40.82 -8.54 2.36
N THR F 97 41.03 -9.59 3.12
CA THR F 97 42.40 -9.97 3.37
C THR F 97 42.62 -11.44 3.15
N PHE F 98 43.87 -11.76 2.94
CA PHE F 98 44.36 -13.10 2.75
C PHE F 98 45.22 -13.50 3.92
N GLY F 99 45.26 -14.79 4.19
CA GLY F 99 46.11 -15.32 5.25
C GLY F 99 47.50 -15.40 4.69
N GLY F 100 48.44 -15.88 5.49
CA GLY F 100 49.83 -15.94 5.08
C GLY F 100 50.21 -16.94 3.99
N GLY F 101 49.45 -18.01 3.80
CA GLY F 101 49.82 -18.98 2.82
C GLY F 101 50.56 -20.13 3.49
N THR F 102 50.35 -21.31 2.96
CA THR F 102 50.98 -22.53 3.46
C THR F 102 51.53 -23.34 2.29
N LYS F 103 52.55 -24.15 2.55
CA LYS F 103 53.21 -24.93 1.50
C LYS F 103 53.33 -26.43 1.81
N LEU F 104 53.04 -27.29 0.84
CA LEU F 104 53.27 -28.71 1.09
C LEU F 104 54.61 -29.15 0.52
N GLU F 105 55.33 -29.99 1.27
CA GLU F 105 56.62 -30.56 0.84
C GLU F 105 56.53 -32.06 0.68
N ILE F 106 57.42 -32.66 -0.10
CA ILE F 106 57.37 -34.10 -0.22
C ILE F 106 58.41 -34.76 0.68
N LYS F 107 57.96 -35.63 1.55
CA LYS F 107 58.83 -36.33 2.48
C LYS F 107 60.04 -36.95 1.78
N ILE G 27 -31.13 4.67 -21.52
CA ILE G 27 -32.02 3.80 -22.29
C ILE G 27 -32.28 2.52 -21.53
N LEU G 28 -32.04 2.56 -20.24
CA LEU G 28 -32.21 1.40 -19.39
C LEU G 28 -33.66 1.25 -18.98
N HIS G 29 -34.11 0.01 -18.81
CA HIS G 29 -35.47 -0.22 -18.32
C HIS G 29 -35.47 -0.36 -16.82
N TYR G 30 -35.50 0.77 -16.13
CA TYR G 30 -35.34 0.74 -14.69
C TYR G 30 -36.52 0.04 -14.03
N GLU G 31 -37.68 0.10 -14.66
CA GLU G 31 -38.85 -0.58 -14.14
C GLU G 31 -38.66 -2.09 -14.03
N LYS G 32 -37.95 -2.69 -14.99
CA LYS G 32 -37.78 -4.12 -14.96
C LYS G 32 -36.63 -4.46 -14.01
N LEU G 33 -35.60 -3.63 -14.02
CA LEU G 33 -34.39 -3.85 -13.25
C LEU G 33 -34.64 -3.80 -11.75
N SER G 34 -35.57 -2.95 -11.33
CA SER G 34 -35.91 -2.83 -9.94
C SER G 34 -36.56 -4.07 -9.36
N LYS G 35 -37.13 -4.97 -10.17
CA LYS G 35 -37.72 -6.16 -9.57
C LYS G 35 -36.64 -7.21 -9.47
N ILE G 36 -35.69 -7.12 -10.38
CA ILE G 36 -34.52 -7.99 -10.43
C ILE G 36 -33.66 -7.68 -9.22
N GLY G 37 -33.61 -6.40 -8.83
CA GLY G 37 -32.86 -6.02 -7.63
C GLY G 37 -31.86 -4.91 -7.84
N LEU G 38 -31.94 -4.22 -8.95
CA LEU G 38 -31.02 -3.15 -9.24
C LEU G 38 -31.76 -1.83 -9.26
N VAL G 39 -31.60 -1.06 -8.20
CA VAL G 39 -32.33 0.18 -8.05
C VAL G 39 -31.56 1.37 -8.62
N LYS G 40 -32.23 2.18 -9.42
CA LYS G 40 -31.55 3.33 -10.03
C LYS G 40 -30.96 4.23 -8.97
N GLY G 41 -29.68 4.55 -9.11
CA GLY G 41 -29.01 5.46 -8.21
C GLY G 41 -28.71 6.78 -8.92
N VAL G 42 -27.59 7.36 -8.56
CA VAL G 42 -27.14 8.66 -9.05
C VAL G 42 -26.54 8.68 -10.46
N THR G 43 -26.93 9.65 -11.28
CA THR G 43 -26.34 9.82 -12.61
C THR G 43 -25.25 10.86 -12.50
N ARG G 44 -24.06 10.54 -12.98
CA ARG G 44 -22.90 11.42 -12.94
C ARG G 44 -22.37 11.77 -14.34
N LYS G 45 -21.68 12.90 -14.46
CA LYS G 45 -21.05 13.28 -15.72
C LYS G 45 -19.70 12.61 -15.90
N TYR G 46 -19.23 12.46 -17.13
CA TYR G 46 -17.94 11.81 -17.36
C TYR G 46 -16.93 12.72 -18.01
N LYS G 47 -15.75 12.86 -17.39
CA LYS G 47 -14.70 13.70 -17.97
C LYS G 47 -13.29 13.09 -17.84
N ILE G 48 -12.47 13.36 -18.86
CA ILE G 48 -11.12 12.83 -18.99
C ILE G 48 -10.03 13.88 -19.21
N LYS G 49 -8.90 13.70 -18.54
CA LYS G 49 -7.70 14.57 -18.64
C LYS G 49 -7.08 14.69 -20.05
N SER G 50 -6.74 15.95 -20.48
CA SER G 50 -6.09 16.20 -21.78
C SER G 50 -5.31 17.54 -21.83
N ASN G 51 -4.49 17.72 -22.88
CA ASN G 51 -3.88 19.03 -23.18
C ASN G 51 -3.32 19.87 -22.03
N PRO G 52 -2.31 19.43 -21.29
CA PRO G 52 -1.73 20.11 -20.17
C PRO G 52 -0.85 21.31 -20.49
N LEU G 53 -0.74 22.19 -19.50
CA LEU G 53 0.14 23.34 -19.48
C LEU G 53 1.33 22.93 -18.63
N THR G 54 2.49 23.57 -18.75
CA THR G 54 3.58 23.11 -17.88
C THR G 54 4.31 24.16 -17.08
N LYS G 55 4.91 23.68 -16.00
CA LYS G 55 5.83 24.44 -15.15
C LYS G 55 7.07 23.60 -14.83
N ASP G 56 8.25 24.22 -14.80
CA ASP G 56 9.51 23.52 -14.48
C ASP G 56 10.05 23.87 -13.09
N ILE G 57 10.35 22.84 -12.28
CA ILE G 57 10.90 23.08 -10.92
C ILE G 57 12.18 22.27 -10.66
N VAL G 58 13.12 22.81 -9.88
CA VAL G 58 14.37 22.12 -9.58
C VAL G 58 14.44 21.51 -8.20
N ILE G 59 14.79 20.23 -8.13
CA ILE G 59 14.91 19.58 -6.83
C ILE G 59 16.34 19.13 -6.53
N LYS G 60 16.89 19.59 -5.42
CA LYS G 60 18.23 19.21 -4.99
C LYS G 60 18.15 18.05 -4.03
N MET G 61 18.89 16.98 -4.31
CA MET G 61 18.86 15.82 -3.45
C MET G 61 19.93 15.82 -2.39
N ILE G 62 20.72 16.86 -2.34
CA ILE G 62 21.77 16.94 -1.36
C ILE G 62 21.64 18.26 -0.61
N PRO G 63 21.64 18.28 0.72
CA PRO G 63 21.56 19.46 1.56
C PRO G 63 22.83 20.28 1.62
N ASN G 64 22.69 21.54 2.01
CA ASN G 64 23.78 22.48 2.25
C ASN G 64 24.25 22.38 3.69
N VAL G 65 25.48 21.94 3.89
CA VAL G 65 25.99 21.70 5.23
C VAL G 65 27.07 22.70 5.66
N SER G 66 27.13 23.84 4.98
CA SER G 66 28.18 24.83 5.23
C SER G 66 28.26 25.37 6.65
N ASN G 67 27.15 25.55 7.34
CA ASN G 67 27.20 26.13 8.66
C ASN G 67 27.53 25.13 9.75
N MET G 68 27.79 23.91 9.35
CA MET G 68 28.21 22.94 10.31
C MET G 68 29.33 22.15 9.70
N SER G 69 30.05 22.77 8.74
CA SER G 69 31.13 22.13 7.99
C SER G 69 32.28 21.68 8.84
N GLN G 70 32.32 22.17 10.06
CA GLN G 70 33.33 21.80 11.00
C GLN G 70 33.22 20.33 11.42
N CYS G 71 31.98 19.79 11.47
CA CYS G 71 31.85 18.46 11.98
C CYS G 71 30.87 17.56 11.18
N THR G 72 31.27 17.29 9.91
CA THR G 72 30.47 16.43 9.02
C THR G 72 31.18 15.09 8.79
N GLY G 73 32.39 14.98 9.30
CA GLY G 73 33.18 13.77 9.13
C GLY G 73 33.38 13.49 7.66
N SER G 74 33.08 12.26 7.27
CA SER G 74 33.18 11.75 5.90
C SER G 74 31.81 11.31 5.44
N VAL G 75 30.80 11.86 6.10
CA VAL G 75 29.43 11.49 5.84
C VAL G 75 28.95 11.98 4.51
N MET G 76 29.23 13.23 4.20
CA MET G 76 28.72 13.75 2.96
C MET G 76 29.37 13.08 1.78
N GLU G 77 30.62 12.65 1.92
CA GLU G 77 31.28 12.01 0.81
C GLU G 77 30.62 10.68 0.49
N ASN G 78 30.28 9.89 1.51
CA ASN G 78 29.63 8.63 1.21
C ASN G 78 28.25 8.85 0.65
N TYR G 79 27.59 9.90 1.11
CA TYR G 79 26.28 10.24 0.62
C TYR G 79 26.32 10.57 -0.86
N LYS G 80 27.27 11.42 -1.26
CA LYS G 80 27.40 11.77 -2.67
C LYS G 80 27.63 10.55 -3.54
N THR G 81 28.45 9.60 -3.06
CA THR G 81 28.71 8.39 -3.84
C THR G 81 27.43 7.63 -4.05
N ARG G 82 26.63 7.47 -3.00
CA ARG G 82 25.43 6.70 -3.22
C ARG G 82 24.47 7.42 -4.14
N LEU G 83 24.36 8.76 -4.05
CA LEU G 83 23.45 9.41 -4.96
C LEU G 83 23.89 9.23 -6.39
N ASN G 84 25.19 9.23 -6.67
CA ASN G 84 25.54 9.02 -8.06
C ASN G 84 25.15 7.62 -8.47
N GLY G 85 25.29 6.65 -7.60
CA GLY G 85 24.87 5.30 -7.98
C GLY G 85 23.37 5.22 -8.30
N ILE G 86 22.56 5.99 -7.57
CA ILE G 86 21.11 6.01 -7.78
C ILE G 86 20.71 6.77 -9.02
N LEU G 87 21.30 7.94 -9.21
CA LEU G 87 20.98 8.80 -10.35
C LEU G 87 21.65 8.39 -11.66
N THR G 88 22.82 7.75 -11.63
CA THR G 88 23.51 7.42 -12.86
C THR G 88 22.62 6.66 -13.86
N PRO G 89 21.88 5.60 -13.48
CA PRO G 89 20.97 4.86 -14.34
C PRO G 89 19.78 5.66 -14.86
N ILE G 90 19.45 6.79 -14.21
CA ILE G 90 18.34 7.59 -14.66
C ILE G 90 18.88 8.44 -15.76
N LYS G 91 20.06 8.98 -15.52
CA LYS G 91 20.70 9.81 -16.52
C LYS G 91 20.93 9.00 -17.77
N GLY G 92 21.50 7.82 -17.60
CA GLY G 92 21.81 7.01 -18.77
C GLY G 92 20.58 6.60 -19.53
N ALA G 93 19.51 6.24 -18.83
CA ALA G 93 18.33 5.82 -19.53
C ALA G 93 17.64 6.94 -20.27
N LEU G 94 17.55 8.14 -19.69
CA LEU G 94 16.88 9.17 -20.47
C LEU G 94 17.80 9.66 -21.56
N GLU G 95 19.12 9.61 -21.35
CA GLU G 95 20.08 10.12 -22.30
C GLU G 95 20.00 9.40 -23.64
N ILE G 96 19.62 8.14 -23.70
CA ILE G 96 19.57 7.53 -25.02
C ILE G 96 18.49 8.13 -25.93
N TYR G 97 17.49 8.84 -25.39
CA TYR G 97 16.46 9.45 -26.24
C TYR G 97 16.82 10.88 -26.44
N LYS G 98 18.01 11.23 -26.02
CA LYS G 98 18.52 12.56 -26.09
C LYS G 98 19.59 12.58 -27.17
N ASN G 99 20.37 11.50 -27.37
CA ASN G 99 21.33 11.48 -28.43
C ASN G 99 20.73 11.33 -29.83
N CYS G 100 19.56 10.61 -29.81
CA CYS G 100 18.97 10.09 -30.98
C CYS G 100 17.86 10.94 -31.63
N THR G 101 18.09 12.29 -31.46
CA THR G 101 17.21 13.28 -32.10
C THR G 101 18.06 14.39 -32.64
N HIS G 102 17.53 15.11 -33.60
CA HIS G 102 18.14 16.32 -34.13
C HIS G 102 17.04 17.22 -34.68
N ASP G 103 17.30 18.51 -34.77
CA ASP G 103 16.24 19.41 -35.19
C ASP G 103 15.95 19.16 -36.67
N LEU G 104 14.71 19.38 -37.09
CA LEU G 104 14.35 19.19 -38.49
C LEU G 104 14.35 20.48 -39.28
N GLY G 120 9.37 20.26 -36.85
CA GLY G 120 9.77 20.14 -35.46
C GLY G 120 11.13 19.48 -35.30
N VAL G 121 11.08 18.25 -34.83
CA VAL G 121 12.24 17.44 -34.55
C VAL G 121 12.11 16.10 -35.21
N ILE G 122 13.21 15.58 -35.69
CA ILE G 122 13.17 14.26 -36.25
C ILE G 122 13.93 13.31 -35.35
N MET G 123 13.22 12.25 -34.99
CA MET G 123 13.71 11.25 -34.08
C MET G 123 14.27 10.08 -34.88
N ALA G 124 15.39 9.53 -34.42
CA ALA G 124 16.04 8.47 -35.17
C ALA G 124 15.50 7.09 -34.83
N GLY G 125 14.86 6.44 -35.80
CA GLY G 125 14.22 5.16 -35.55
C GLY G 125 15.19 3.99 -35.38
N VAL G 126 16.38 4.08 -35.95
CA VAL G 126 17.31 2.97 -35.88
C VAL G 126 18.26 3.17 -34.73
N CYS G 127 18.19 4.35 -34.14
CA CYS G 127 19.03 4.71 -33.03
C CYS G 127 18.33 4.19 -31.79
N ILE G 128 17.03 4.51 -31.62
CA ILE G 128 16.37 3.94 -30.46
C ILE G 128 16.00 2.46 -30.76
N GLY G 129 15.61 2.11 -32.00
CA GLY G 129 15.41 0.73 -32.42
C GLY G 129 14.11 0.07 -31.98
N ILE G 130 13.92 -0.03 -30.68
CA ILE G 130 12.70 -0.59 -30.13
C ILE G 130 12.02 0.40 -29.20
N ALA G 131 10.75 0.69 -29.45
CA ALA G 131 10.02 1.60 -28.57
C ALA G 131 8.50 1.45 -28.67
N THR G 132 7.81 1.82 -27.62
CA THR G 132 6.34 1.85 -27.66
C THR G 132 5.87 3.21 -28.11
N ALA G 133 4.61 3.35 -28.48
CA ALA G 133 4.13 4.67 -28.85
C ALA G 133 4.20 5.66 -27.70
N ALA G 134 3.88 5.19 -26.49
CA ALA G 134 3.90 6.11 -25.36
C ALA G 134 5.30 6.59 -25.06
N GLN G 135 6.25 5.66 -25.19
CA GLN G 135 7.65 5.93 -24.94
C GLN G 135 8.21 6.93 -25.94
N ILE G 136 7.77 6.82 -27.19
CA ILE G 136 8.23 7.73 -28.23
C ILE G 136 7.70 9.12 -28.02
N THR G 137 6.41 9.24 -27.68
CA THR G 137 5.83 10.54 -27.47
C THR G 137 6.61 11.26 -26.40
N ALA G 138 6.92 10.55 -25.30
CA ALA G 138 7.65 11.14 -24.21
C ALA G 138 9.04 11.57 -24.63
N GLY G 139 9.73 10.76 -25.44
CA GLY G 139 11.06 11.15 -25.90
C GLY G 139 11.03 12.47 -26.66
N VAL G 140 9.97 12.69 -27.43
CA VAL G 140 9.89 13.94 -28.14
C VAL G 140 9.74 15.08 -27.16
N ALA G 141 8.87 14.91 -26.16
CA ALA G 141 8.67 15.96 -25.18
C ALA G 141 9.97 16.29 -24.46
N LEU G 142 10.78 15.28 -24.19
CA LEU G 142 12.08 15.45 -23.54
C LEU G 142 12.97 16.37 -24.38
N TYR G 143 12.96 16.20 -25.70
CA TYR G 143 13.75 17.04 -26.57
C TYR G 143 13.33 18.49 -26.53
N GLU G 144 12.03 18.73 -26.67
CA GLU G 144 11.56 20.11 -26.74
C GLU G 144 11.87 20.85 -25.44
N ALA G 145 11.78 20.12 -24.35
CA ALA G 145 11.99 20.60 -23.01
C ALA G 145 13.39 21.13 -22.76
N MET G 146 14.37 20.80 -23.60
CA MET G 146 15.70 21.32 -23.36
C MET G 146 15.79 22.80 -23.46
N LYS G 147 14.92 23.48 -24.19
CA LYS G 147 15.10 24.91 -24.23
C LYS G 147 15.12 25.47 -22.82
N ASN G 148 14.22 24.99 -21.97
CA ASN G 148 14.17 25.49 -20.62
C ASN G 148 15.25 24.87 -19.77
N ALA G 149 15.57 23.59 -19.98
CA ALA G 149 16.59 22.98 -19.14
C ALA G 149 17.90 23.69 -19.31
N ASP G 150 18.19 24.15 -20.52
CA ASP G 150 19.43 24.82 -20.79
C ASP G 150 19.46 26.16 -20.05
N ASN G 151 18.35 26.90 -20.07
CA ASN G 151 18.38 28.16 -19.34
C ASN G 151 18.47 27.97 -17.84
N ILE G 152 17.86 26.89 -17.33
CA ILE G 152 17.97 26.61 -15.91
C ILE G 152 19.39 26.23 -15.54
N ASN G 153 20.03 25.40 -16.35
CA ASN G 153 21.36 24.92 -16.05
C ASN G 153 22.37 26.05 -15.96
N LYS G 154 22.14 27.14 -16.68
CA LYS G 154 23.02 28.31 -16.64
C LYS G 154 23.07 28.94 -15.23
N LEU G 155 22.08 28.59 -14.38
CA LEU G 155 21.97 29.07 -13.01
C LEU G 155 22.61 28.13 -12.02
N LYS G 156 23.25 27.06 -12.51
CA LYS G 156 23.85 26.05 -11.66
C LYS G 156 24.74 26.65 -10.61
N SER G 157 25.45 27.70 -10.91
CA SER G 157 26.31 28.28 -9.90
C SER G 157 25.51 28.74 -8.67
N SER G 158 24.29 29.27 -8.87
CA SER G 158 23.52 29.74 -7.73
C SER G 158 22.69 28.61 -7.14
N ILE G 159 22.39 27.59 -7.93
CA ILE G 159 21.65 26.43 -7.45
C ILE G 159 22.58 25.69 -6.49
N GLU G 160 23.83 25.52 -6.90
CA GLU G 160 24.83 24.83 -6.09
C GLU G 160 24.94 25.41 -4.69
N SER G 161 24.81 26.74 -4.55
CA SER G 161 25.00 27.40 -3.28
C SER G 161 23.73 27.90 -2.59
N THR G 162 22.57 27.30 -2.83
CA THR G 162 21.42 27.78 -2.07
C THR G 162 21.57 27.24 -0.67
N ASN G 163 20.90 27.87 0.29
CA ASN G 163 20.96 27.45 1.68
C ASN G 163 19.64 27.67 2.41
N GLU G 164 18.56 27.12 1.87
CA GLU G 164 17.20 27.23 2.41
C GLU G 164 16.40 26.06 1.88
N ALA G 165 15.33 25.67 2.54
CA ALA G 165 14.53 24.59 2.00
C ALA G 165 13.81 24.98 0.71
N VAL G 166 13.27 26.19 0.64
CA VAL G 166 12.60 26.67 -0.58
C VAL G 166 13.12 28.07 -0.95
N VAL G 167 13.66 28.21 -2.15
CA VAL G 167 14.18 29.49 -2.62
C VAL G 167 13.90 29.80 -4.09
N LYS G 168 13.64 31.07 -4.41
CA LYS G 168 13.48 31.47 -5.80
C LYS G 168 14.77 32.08 -6.32
N LEU G 169 15.24 31.62 -7.46
CA LEU G 169 16.40 32.22 -8.06
C LEU G 169 15.94 33.03 -9.23
N GLN G 170 16.48 34.23 -9.40
CA GLN G 170 16.13 34.98 -10.60
C GLN G 170 17.17 36.01 -10.96
N GLU G 171 17.62 35.94 -12.20
CA GLU G 171 18.57 36.91 -12.69
C GLU G 171 18.04 37.64 -13.92
N THR G 172 17.35 36.90 -14.79
CA THR G 172 16.86 37.47 -16.05
C THR G 172 15.46 37.01 -16.33
N ALA G 173 14.79 37.63 -17.29
CA ALA G 173 13.49 37.12 -17.67
C ALA G 173 13.59 35.71 -18.22
N GLU G 174 14.65 35.50 -18.97
CA GLU G 174 14.96 34.23 -19.58
C GLU G 174 15.24 33.14 -18.55
N LYS G 175 15.92 33.47 -17.45
CA LYS G 175 16.20 32.44 -16.45
C LYS G 175 15.93 32.81 -14.99
N THR G 176 14.91 32.12 -14.48
CA THR G 176 14.40 32.14 -13.12
C THR G 176 14.01 30.72 -12.82
N VAL G 177 14.03 30.31 -11.58
CA VAL G 177 13.51 28.97 -11.25
C VAL G 177 13.28 28.79 -9.76
N TYR G 178 12.31 27.97 -9.37
CA TYR G 178 12.21 27.62 -7.95
C TYR G 178 13.07 26.43 -7.66
N VAL G 179 13.75 26.46 -6.53
CA VAL G 179 14.57 25.34 -6.11
C VAL G 179 14.13 24.82 -4.75
N LEU G 180 13.88 23.53 -4.68
CA LEU G 180 13.51 22.87 -3.43
C LEU G 180 14.69 22.04 -2.96
N THR G 181 15.04 22.11 -1.67
CA THR G 181 16.21 21.32 -1.22
C THR G 181 15.84 20.29 -0.18
N ALA G 182 16.13 19.05 -0.46
CA ALA G 182 15.77 18.02 0.48
C ALA G 182 16.56 18.17 1.76
N LEU G 183 15.89 17.95 2.89
CA LEU G 183 16.47 17.96 4.22
C LEU G 183 17.12 19.26 4.67
N GLN G 184 16.93 20.35 3.97
CA GLN G 184 17.63 21.53 4.41
C GLN G 184 17.13 22.07 5.73
N ASP G 185 15.84 21.94 6.01
CA ASP G 185 15.28 22.50 7.23
C ASP G 185 15.68 21.64 8.39
N TYR G 186 15.77 20.36 8.16
CA TYR G 186 16.20 19.50 9.21
C TYR G 186 17.55 19.97 9.69
N ILE G 187 18.44 20.21 8.76
CA ILE G 187 19.74 20.65 9.18
C ILE G 187 19.71 22.02 9.84
N ASN G 188 19.07 23.05 9.25
CA ASN G 188 19.17 24.35 9.92
C ASN G 188 18.29 24.53 11.16
N THR G 189 17.29 23.68 11.40
CA THR G 189 16.51 23.76 12.63
C THR G 189 16.95 22.78 13.68
N ASN G 190 17.27 21.54 13.31
CA ASN G 190 17.59 20.56 14.33
C ASN G 190 19.06 20.30 14.54
N LEU G 191 19.93 20.46 13.53
CA LEU G 191 21.33 20.13 13.86
C LEU G 191 22.18 21.33 14.15
N VAL G 192 22.06 22.35 13.32
CA VAL G 192 22.95 23.49 13.46
C VAL G 192 22.89 24.18 14.84
N PRO G 193 21.72 24.45 15.44
CA PRO G 193 21.59 25.11 16.72
C PRO G 193 22.18 24.33 17.89
N THR G 194 22.52 23.07 17.69
CA THR G 194 23.02 22.21 18.76
C THR G 194 24.49 21.89 18.58
N ILE G 195 25.15 22.53 17.62
CA ILE G 195 26.55 22.21 17.39
C ILE G 195 27.43 22.47 18.62
N ASP G 196 27.04 23.38 19.50
CA ASP G 196 27.80 23.67 20.70
C ASP G 196 27.30 22.88 21.94
N LYS G 197 26.37 21.93 21.74
CA LYS G 197 25.87 21.10 22.85
C LYS G 197 26.14 19.61 22.64
N ILE G 198 26.11 19.17 21.41
CA ILE G 198 26.26 17.78 21.03
C ILE G 198 27.69 17.61 20.53
N SER G 199 28.40 16.60 21.00
CA SER G 199 29.79 16.45 20.64
C SER G 199 29.88 16.22 19.14
N CYS G 200 30.92 16.70 18.47
CA CYS G 200 30.98 16.53 17.03
C CYS G 200 30.80 15.12 16.52
N LYS G 201 31.33 14.12 17.21
CA LYS G 201 31.09 12.77 16.70
C LYS G 201 29.59 12.48 16.68
N GLN G 202 28.87 12.97 17.69
CA GLN G 202 27.46 12.71 17.79
C GLN G 202 26.69 13.42 16.68
N THR G 203 27.13 14.64 16.32
CA THR G 203 26.41 15.34 15.25
C THR G 203 26.68 14.64 13.92
N GLU G 204 27.87 14.06 13.76
CA GLU G 204 28.16 13.34 12.53
C GLU G 204 27.23 12.14 12.43
N LEU G 205 26.99 11.46 13.54
CA LEU G 205 26.12 10.30 13.50
C LEU G 205 24.67 10.68 13.20
N SER G 206 24.20 11.80 13.74
CA SER G 206 22.83 12.22 13.47
C SER G 206 22.64 12.62 12.02
N LEU G 207 23.64 13.28 11.43
CA LEU G 207 23.54 13.64 10.04
C LEU G 207 23.50 12.40 9.19
N ASP G 208 24.34 11.42 9.53
CA ASP G 208 24.38 10.20 8.77
C ASP G 208 23.05 9.46 8.87
N LEU G 209 22.44 9.42 10.05
CA LEU G 209 21.17 8.73 10.13
C LEU G 209 20.08 9.46 9.35
N ALA G 210 20.06 10.79 9.39
CA ALA G 210 19.04 11.52 8.65
C ALA G 210 19.17 11.29 7.15
N LEU G 211 20.40 11.26 6.66
CA LEU G 211 20.62 11.03 5.25
C LEU G 211 20.26 9.62 4.86
N SER G 212 20.55 8.64 5.71
CA SER G 212 20.21 7.27 5.36
C SER G 212 18.71 7.06 5.36
N LYS G 213 17.96 7.79 6.20
CA LYS G 213 16.51 7.66 6.18
C LYS G 213 15.98 8.23 4.87
N TYR G 214 16.53 9.35 4.44
CA TYR G 214 16.14 9.94 3.19
C TYR G 214 16.39 9.01 2.00
N LEU G 215 17.58 8.40 1.92
CA LEU G 215 17.87 7.50 0.82
C LEU G 215 16.94 6.33 0.85
N SER G 216 16.62 5.83 2.04
CA SER G 216 15.71 4.70 2.08
C SER G 216 14.42 5.05 1.39
N ASP G 217 13.87 6.22 1.67
CA ASP G 217 12.63 6.56 1.01
C ASP G 217 12.80 6.81 -0.49
N LEU G 218 13.92 7.42 -0.92
CA LEU G 218 14.07 7.66 -2.35
C LEU G 218 14.10 6.38 -3.13
N LEU G 219 14.71 5.36 -2.57
CA LEU G 219 14.87 4.08 -3.25
C LEU G 219 13.58 3.40 -3.61
N PHE G 220 12.44 3.76 -3.03
CA PHE G 220 11.22 3.10 -3.45
C PHE G 220 10.70 3.67 -4.77
N VAL G 221 11.16 4.88 -5.12
CA VAL G 221 10.71 5.58 -6.31
C VAL G 221 11.79 5.77 -7.37
N PHE G 222 12.97 6.19 -6.96
CA PHE G 222 14.06 6.50 -7.89
C PHE G 222 15.11 5.39 -7.88
N GLY G 223 14.80 4.31 -7.19
CA GLY G 223 15.68 3.14 -7.09
C GLY G 223 15.39 2.40 -8.37
N PRO G 224 15.97 1.20 -8.61
CA PRO G 224 15.79 0.47 -9.84
C PRO G 224 14.46 -0.24 -9.82
N ASN G 225 13.42 0.54 -9.69
CA ASN G 225 12.08 0.09 -9.68
C ASN G 225 11.57 0.90 -10.87
N LEU G 226 12.20 2.08 -11.01
CA LEU G 226 11.91 3.04 -12.08
C LEU G 226 12.76 2.65 -13.26
N GLN G 227 12.34 1.62 -13.97
CA GLN G 227 13.20 1.06 -15.02
C GLN G 227 12.98 1.79 -16.36
N ASP G 228 12.09 2.77 -16.34
CA ASP G 228 11.73 3.62 -17.46
C ASP G 228 11.46 5.04 -17.01
N PRO G 229 12.46 5.92 -16.97
CA PRO G 229 12.34 7.28 -16.55
C PRO G 229 12.03 8.22 -17.70
N VAL G 230 11.55 7.71 -18.83
CA VAL G 230 11.33 8.58 -19.96
C VAL G 230 9.87 8.96 -19.98
N SER G 231 9.03 7.97 -19.77
CA SER G 231 7.58 8.17 -19.79
C SER G 231 7.10 9.20 -18.78
N ASN G 232 6.04 9.95 -19.12
CA ASN G 232 5.52 11.00 -18.26
C ASN G 232 4.30 10.62 -17.42
N SER G 233 4.05 9.33 -17.23
CA SER G 233 2.91 8.87 -16.41
C SER G 233 3.12 8.96 -14.89
N MET G 234 4.33 9.22 -14.45
CA MET G 234 4.64 9.26 -13.03
C MET G 234 3.88 10.38 -12.33
N THR G 235 3.21 10.08 -11.22
CA THR G 235 2.44 11.10 -10.52
C THR G 235 3.30 12.01 -9.69
N ILE G 236 2.74 13.17 -9.39
CA ILE G 236 3.47 14.12 -8.56
C ILE G 236 3.67 13.61 -7.13
N GLN G 237 2.77 12.78 -6.63
CA GLN G 237 2.92 12.21 -5.29
C GLN G 237 4.14 11.28 -5.21
N ALA G 238 4.63 10.78 -6.35
CA ALA G 238 5.81 9.92 -6.36
C ALA G 238 7.04 10.79 -6.50
N ILE G 239 6.93 11.81 -7.33
CA ILE G 239 8.05 12.69 -7.58
C ILE G 239 8.46 13.41 -6.34
N SER G 240 7.47 13.85 -5.58
CA SER G 240 7.64 14.58 -4.35
C SER G 240 8.38 13.83 -3.26
N GLN G 241 8.63 12.52 -3.45
CA GLN G 241 9.39 11.78 -2.46
C GLN G 241 10.80 12.36 -2.43
N ALA G 242 11.22 12.98 -3.55
CA ALA G 242 12.51 13.62 -3.69
C ALA G 242 12.68 14.77 -2.72
N PHE G 243 11.58 15.33 -2.20
CA PHE G 243 11.63 16.45 -1.29
C PHE G 243 11.04 16.06 0.06
N GLY G 244 10.96 14.75 0.34
CA GLY G 244 10.43 14.28 1.61
C GLY G 244 8.94 13.90 1.59
N GLY G 245 8.32 13.84 0.40
CA GLY G 245 6.93 13.48 0.23
C GLY G 245 6.01 14.65 0.42
N ASN G 246 6.61 15.82 0.56
CA ASN G 246 5.83 17.02 0.79
C ASN G 246 5.32 17.62 -0.51
N TYR G 247 4.31 16.97 -1.09
CA TYR G 247 3.78 17.43 -2.36
C TYR G 247 3.01 18.73 -2.21
N GLU G 248 2.52 19.03 -1.02
CA GLU G 248 1.85 20.30 -0.84
C GLU G 248 2.78 21.46 -0.99
N THR G 249 4.00 21.34 -0.49
CA THR G 249 4.90 22.45 -0.65
C THR G 249 5.21 22.64 -2.10
N LEU G 250 5.47 21.55 -2.80
CA LEU G 250 5.82 21.65 -4.20
C LEU G 250 4.71 22.32 -5.00
N LEU G 251 3.49 21.85 -4.84
CA LEU G 251 2.40 22.38 -5.62
C LEU G 251 1.99 23.79 -5.23
N ARG G 252 2.05 24.13 -3.94
CA ARG G 252 1.72 25.48 -3.54
C ARG G 252 2.80 26.43 -4.01
N THR G 253 4.06 25.99 -4.05
CA THR G 253 5.12 26.83 -4.57
C THR G 253 4.82 27.23 -6.00
N LEU G 254 4.37 26.28 -6.80
CA LEU G 254 4.05 26.55 -8.19
C LEU G 254 2.73 27.26 -8.48
N GLY G 255 1.65 26.97 -7.74
CA GLY G 255 0.33 27.54 -8.05
C GLY G 255 -0.45 28.20 -6.89
N TYR G 256 -1.74 27.87 -6.82
CA TYR G 256 -2.72 28.39 -5.86
C TYR G 256 -3.78 27.31 -5.67
N ALA G 257 -4.67 27.44 -4.68
CA ALA G 257 -5.62 26.34 -4.42
C ALA G 257 -7.07 26.64 -4.79
N THR G 258 -7.68 25.66 -5.43
CA THR G 258 -9.10 25.66 -5.76
C THR G 258 -9.64 24.26 -5.51
N GLU G 259 -10.95 24.09 -5.28
CA GLU G 259 -11.50 22.75 -5.05
C GLU G 259 -11.28 21.78 -6.25
N ASP G 260 -11.26 22.32 -7.46
CA ASP G 260 -11.07 21.51 -8.65
C ASP G 260 -9.69 20.90 -8.69
N PHE G 261 -8.72 21.61 -8.13
CA PHE G 261 -7.37 21.15 -8.14
C PHE G 261 -7.28 19.92 -7.25
N ASP G 262 -7.91 19.98 -6.07
CA ASP G 262 -7.84 18.78 -5.23
C ASP G 262 -8.40 17.55 -5.98
N ASP G 263 -9.44 17.74 -6.79
CA ASP G 263 -9.95 16.59 -7.53
C ASP G 263 -8.91 16.08 -8.55
N LEU G 264 -8.19 16.99 -9.21
CA LEU G 264 -7.17 16.53 -10.16
C LEU G 264 -6.03 15.81 -9.50
N LEU G 265 -5.68 16.25 -8.33
CA LEU G 265 -4.57 15.65 -7.66
C LEU G 265 -4.93 14.23 -7.20
N GLU G 266 -6.13 14.04 -6.66
CA GLU G 266 -6.54 12.71 -6.19
C GLU G 266 -6.89 11.73 -7.29
N SER G 267 -7.29 12.25 -8.43
CA SER G 267 -7.60 11.45 -9.60
C SER G 267 -6.34 11.08 -10.35
N ASP G 268 -5.18 11.51 -9.85
CA ASP G 268 -3.88 11.26 -10.42
C ASP G 268 -3.72 11.74 -11.85
N SER G 269 -4.24 12.93 -12.13
CA SER G 269 -4.09 13.53 -13.44
C SER G 269 -2.89 14.44 -13.55
N ILE G 270 -2.30 14.73 -12.39
CA ILE G 270 -1.16 15.60 -12.29
C ILE G 270 0.09 14.76 -12.13
N THR G 271 0.91 14.83 -13.15
CA THR G 271 2.11 14.06 -13.36
C THR G 271 3.28 14.92 -13.73
N GLY G 272 4.47 14.34 -13.72
CA GLY G 272 5.62 15.09 -14.16
C GLY G 272 6.66 14.20 -14.84
N GLN G 273 7.70 14.82 -15.34
CA GLN G 273 8.74 14.12 -16.08
C GLN G 273 10.11 14.61 -15.66
N ILE G 274 11.08 13.73 -15.59
CA ILE G 274 12.42 14.22 -15.31
C ILE G 274 13.02 14.60 -16.64
N ILE G 275 13.45 15.83 -16.77
CA ILE G 275 14.01 16.26 -18.04
C ILE G 275 15.52 16.34 -17.99
N TYR G 276 16.04 16.60 -16.81
CA TYR G 276 17.49 16.72 -16.73
C TYR G 276 18.05 16.30 -15.40
N VAL G 277 19.16 15.58 -15.45
CA VAL G 277 19.87 15.15 -14.24
C VAL G 277 21.32 15.67 -14.21
N ASP G 278 21.68 16.33 -13.11
CA ASP G 278 23.04 16.83 -12.98
C ASP G 278 23.79 16.09 -11.90
N LEU G 279 24.65 15.16 -12.31
CA LEU G 279 25.36 14.25 -11.42
C LEU G 279 26.52 14.90 -10.72
N SER G 280 26.79 16.15 -11.07
CA SER G 280 27.87 16.87 -10.45
C SER G 280 27.34 17.83 -9.37
N SER G 281 26.03 18.14 -9.38
CA SER G 281 25.44 18.99 -8.35
C SER G 281 24.33 18.29 -7.60
N TYR G 282 23.97 17.09 -8.07
CA TYR G 282 22.96 16.25 -7.47
C TYR G 282 21.57 16.83 -7.48
N TYR G 283 21.18 17.40 -8.62
CA TYR G 283 19.82 17.92 -8.74
C TYR G 283 19.13 17.44 -10.00
N ILE G 284 17.81 17.45 -9.96
CA ILE G 284 17.05 17.10 -11.14
C ILE G 284 16.06 18.21 -11.51
N ILE G 285 15.80 18.35 -12.80
CA ILE G 285 14.83 19.33 -13.25
C ILE G 285 13.58 18.56 -13.66
N VAL G 286 12.46 18.91 -13.02
CA VAL G 286 11.20 18.22 -13.23
C VAL G 286 10.14 19.08 -13.87
N ARG G 287 9.56 18.57 -14.93
CA ARG G 287 8.47 19.24 -15.62
C ARG G 287 7.16 18.74 -15.09
N VAL G 288 6.32 19.64 -14.60
CA VAL G 288 5.03 19.28 -14.03
C VAL G 288 3.91 19.70 -14.96
N TYR G 289 3.05 18.75 -15.27
CA TYR G 289 1.95 18.98 -16.18
C TYR G 289 0.67 19.32 -15.43
N PHE G 290 -0.04 20.32 -15.95
CA PHE G 290 -1.30 20.79 -15.41
C PHE G 290 -2.43 20.68 -16.45
N PRO G 291 -3.23 19.59 -16.46
CA PRO G 291 -4.23 19.22 -17.45
C PRO G 291 -5.47 20.07 -17.44
N ILE G 292 -6.15 20.09 -18.58
CA ILE G 292 -7.44 20.72 -18.76
C ILE G 292 -8.43 19.57 -18.83
N LEU G 293 -9.49 19.59 -18.03
CA LEU G 293 -10.40 18.45 -18.08
C LEU G 293 -11.42 18.63 -19.18
N THR G 294 -11.62 17.62 -20.00
CA THR G 294 -12.59 17.74 -21.06
C THR G 294 -13.71 16.71 -20.91
N GLU G 295 -14.93 17.23 -20.83
CA GLU G 295 -16.07 16.35 -20.66
C GLU G 295 -16.48 15.79 -21.99
N ILE G 296 -17.08 14.62 -21.93
CA ILE G 296 -17.57 13.99 -23.13
C ILE G 296 -19.04 14.29 -23.31
N GLN G 297 -19.37 14.79 -24.48
CA GLN G 297 -20.72 15.17 -24.77
C GLN G 297 -21.57 13.97 -24.99
N GLN G 298 -22.86 14.11 -24.69
CA GLN G 298 -23.81 13.03 -24.88
C GLN G 298 -23.32 11.80 -24.15
N ALA G 299 -22.85 11.98 -22.91
CA ALA G 299 -22.36 10.86 -22.15
C ALA G 299 -22.60 11.04 -20.68
N TYR G 300 -22.80 9.92 -20.00
CA TYR G 300 -22.97 9.88 -18.56
C TYR G 300 -22.69 8.53 -17.95
N ILE G 301 -22.50 8.51 -16.65
CA ILE G 301 -22.35 7.26 -15.93
C ILE G 301 -23.45 7.07 -14.90
N GLN G 302 -24.15 5.95 -15.02
CA GLN G 302 -25.25 5.65 -14.14
C GLN G 302 -24.95 4.55 -13.16
N GLU G 303 -25.16 4.78 -11.88
CA GLU G 303 -24.89 3.69 -10.93
C GLU G 303 -26.20 2.97 -10.58
N LEU G 304 -26.09 1.70 -10.20
CA LEU G 304 -27.23 0.94 -9.69
C LEU G 304 -26.95 0.41 -8.28
N LEU G 305 -27.96 0.43 -7.43
CA LEU G 305 -27.86 -0.02 -6.04
C LEU G 305 -28.46 -1.43 -5.90
N PRO G 306 -27.68 -2.49 -5.62
CA PRO G 306 -28.21 -3.84 -5.55
C PRO G 306 -28.98 -4.06 -4.28
N VAL G 307 -30.06 -4.83 -4.37
CA VAL G 307 -30.84 -5.28 -3.22
C VAL G 307 -31.09 -6.78 -3.34
N SER G 308 -30.80 -7.59 -2.33
CA SER G 308 -31.10 -9.01 -2.57
C SER G 308 -32.59 -9.25 -2.62
N PHE G 309 -32.96 -10.26 -3.38
CA PHE G 309 -34.37 -10.55 -3.60
C PHE G 309 -34.58 -12.03 -3.56
N ASN G 310 -35.82 -12.49 -3.50
CA ASN G 310 -35.99 -13.94 -3.51
C ASN G 310 -36.80 -14.40 -4.71
N ASN G 311 -36.53 -15.59 -5.20
CA ASN G 311 -37.31 -16.12 -6.32
C ASN G 311 -38.13 -17.34 -5.95
N ASP G 312 -37.66 -18.07 -4.97
CA ASP G 312 -38.23 -19.33 -4.53
C ASP G 312 -38.16 -19.47 -3.01
N ASN G 313 -37.08 -20.08 -2.50
CA ASN G 313 -36.94 -20.24 -1.07
C ASN G 313 -35.54 -19.85 -0.61
N SER G 314 -34.94 -18.81 -1.22
CA SER G 314 -33.60 -18.37 -0.81
C SER G 314 -33.44 -16.94 -1.26
N GLU G 315 -32.39 -16.33 -0.81
CA GLU G 315 -32.03 -15.00 -1.25
C GLU G 315 -31.04 -15.07 -2.40
N TRP G 316 -31.18 -14.17 -3.36
CA TRP G 316 -30.35 -14.06 -4.55
C TRP G 316 -29.88 -12.62 -4.85
N ILE G 317 -28.71 -12.49 -5.48
CA ILE G 317 -28.21 -11.20 -5.97
C ILE G 317 -28.03 -11.19 -7.47
N SER G 318 -28.61 -10.21 -8.14
CA SER G 318 -28.43 -10.10 -9.58
C SER G 318 -27.06 -9.53 -9.88
N ILE G 319 -26.36 -10.08 -10.87
CA ILE G 319 -25.04 -9.56 -11.22
C ILE G 319 -24.96 -8.78 -12.52
N VAL G 320 -24.74 -7.49 -12.36
CA VAL G 320 -24.58 -6.54 -13.43
C VAL G 320 -23.41 -5.69 -13.02
N PRO G 321 -22.76 -4.95 -13.90
CA PRO G 321 -21.79 -3.96 -13.51
C PRO G 321 -22.56 -2.94 -12.70
N ASN G 322 -21.96 -2.41 -11.63
CA ASN G 322 -22.68 -1.40 -10.85
C ASN G 322 -22.71 -0.07 -11.55
N PHE G 323 -21.67 0.22 -12.33
CA PHE G 323 -21.58 1.48 -13.03
C PHE G 323 -21.62 1.28 -14.51
N ILE G 324 -22.62 1.87 -15.14
CA ILE G 324 -22.80 1.72 -16.55
C ILE G 324 -22.52 2.99 -17.30
N LEU G 325 -21.66 2.90 -18.31
CA LEU G 325 -21.30 4.06 -19.09
C LEU G 325 -22.14 4.15 -20.34
N VAL G 326 -22.79 5.28 -20.52
CA VAL G 326 -23.62 5.46 -21.69
C VAL G 326 -23.10 6.60 -22.52
N ARG G 327 -22.92 6.32 -23.80
CA ARG G 327 -22.44 7.32 -24.76
C ARG G 327 -23.38 7.28 -25.94
N ASN G 328 -23.97 8.40 -26.30
CA ASN G 328 -24.93 8.37 -27.38
C ASN G 328 -26.00 7.32 -27.05
N THR G 329 -26.11 6.27 -27.87
CA THR G 329 -27.11 5.23 -27.66
C THR G 329 -26.48 3.89 -27.30
N LEU G 330 -25.18 3.86 -26.99
CA LEU G 330 -24.55 2.59 -26.66
C LEU G 330 -24.19 2.50 -25.20
N ILE G 331 -24.19 1.27 -24.72
CA ILE G 331 -23.82 0.96 -23.35
C ILE G 331 -22.50 0.23 -23.34
N SER G 332 -21.60 0.69 -22.50
CA SER G 332 -20.30 0.05 -22.35
C SER G 332 -19.91 -0.03 -20.88
N ASN G 333 -18.88 -0.81 -20.57
CA ASN G 333 -18.44 -0.97 -19.20
C ASN G 333 -17.34 0.01 -18.84
N ILE G 334 -17.25 0.42 -17.59
CA ILE G 334 -16.15 1.30 -17.23
C ILE G 334 -15.35 0.77 -16.07
N GLU G 335 -14.02 0.79 -16.19
CA GLU G 335 -13.19 0.31 -15.10
C GLU G 335 -12.99 1.44 -14.11
N ILE G 336 -14.09 1.77 -13.46
CA ILE G 336 -14.25 2.92 -12.61
C ILE G 336 -13.38 2.86 -11.36
N GLY G 337 -12.86 1.69 -11.04
CA GLY G 337 -12.01 1.52 -9.88
C GLY G 337 -10.73 2.35 -9.99
N PHE G 338 -10.42 2.81 -11.20
CA PHE G 338 -9.25 3.65 -11.41
C PHE G 338 -9.62 5.12 -11.53
N CYS G 339 -10.86 5.52 -11.33
CA CYS G 339 -11.33 6.86 -11.49
C CYS G 339 -11.84 7.51 -10.27
N LEU G 340 -11.49 8.69 -9.91
CA LEU G 340 -12.10 9.36 -8.80
C LEU G 340 -13.58 9.59 -9.02
N ILE G 341 -14.39 9.26 -8.03
CA ILE G 341 -15.82 9.48 -8.12
C ILE G 341 -16.21 10.63 -7.22
N THR G 342 -16.83 11.63 -7.80
CA THR G 342 -17.33 12.79 -7.11
C THR G 342 -18.83 12.75 -7.08
N LYS G 343 -19.46 13.64 -6.31
CA LYS G 343 -20.90 13.64 -6.28
C LYS G 343 -21.52 14.07 -7.62
N ARG G 344 -20.76 14.81 -8.44
CA ARG G 344 -21.26 15.29 -9.72
C ARG G 344 -20.70 14.56 -10.95
N SER G 345 -19.47 14.07 -10.89
CA SER G 345 -18.83 13.47 -12.06
C SER G 345 -17.78 12.41 -11.75
N VAL G 346 -17.38 11.69 -12.78
CA VAL G 346 -16.30 10.73 -12.67
C VAL G 346 -15.10 11.26 -13.40
N ILE G 347 -13.99 11.41 -12.70
CA ILE G 347 -12.81 11.98 -13.31
C ILE G 347 -11.73 10.97 -13.53
N CYS G 348 -11.44 10.72 -14.77
CA CYS G 348 -10.46 9.72 -15.12
C CYS G 348 -9.25 10.37 -15.71
N ASN G 349 -8.10 9.73 -15.55
CA ASN G 349 -6.88 10.27 -16.09
C ASN G 349 -6.52 9.61 -17.43
N GLN G 350 -7.50 8.94 -18.02
CA GLN G 350 -7.44 8.27 -19.32
C GLN G 350 -8.82 7.73 -19.65
N ASP G 351 -9.04 7.31 -20.87
CA ASP G 351 -10.28 6.65 -21.26
C ASP G 351 -10.33 5.18 -20.81
N TYR G 352 -11.26 4.85 -19.90
CA TYR G 352 -11.38 3.50 -19.33
C TYR G 352 -12.60 2.74 -19.82
N ALA G 353 -13.17 3.13 -20.95
CA ALA G 353 -14.32 2.40 -21.46
C ALA G 353 -13.88 1.01 -21.93
N THR G 354 -14.72 0.02 -21.69
CA THR G 354 -14.45 -1.36 -22.10
C THR G 354 -15.68 -2.04 -22.76
N PRO G 355 -15.50 -3.13 -23.53
CA PRO G 355 -16.54 -3.90 -24.18
C PRO G 355 -17.48 -4.54 -23.20
N MET G 356 -18.67 -4.83 -23.69
CA MET G 356 -19.71 -5.52 -22.96
C MET G 356 -20.34 -6.55 -23.88
N THR G 357 -20.77 -7.70 -23.37
CA THR G 357 -21.41 -8.70 -24.20
C THR G 357 -22.85 -8.35 -24.55
N ASN G 358 -23.37 -8.99 -25.59
CA ASN G 358 -24.75 -8.76 -26.01
C ASN G 358 -25.77 -9.21 -25.00
N ASN G 359 -25.45 -10.21 -24.22
CA ASN G 359 -26.41 -10.66 -23.24
C ASN G 359 -26.60 -9.63 -22.14
N MET G 360 -25.59 -8.79 -21.87
CA MET G 360 -25.78 -7.81 -20.84
C MET G 360 -26.58 -6.68 -21.39
N ARG G 361 -26.49 -6.44 -22.69
CA ARG G 361 -27.32 -5.38 -23.23
C ARG G 361 -28.76 -5.81 -23.15
N GLU G 362 -29.03 -7.08 -23.43
CA GLU G 362 -30.42 -7.53 -23.38
C GLU G 362 -30.92 -7.50 -21.96
N CYS G 363 -30.17 -7.87 -20.95
CA CYS G 363 -30.40 -7.75 -19.59
C CYS G 363 -30.95 -6.34 -19.15
N LEU G 364 -29.97 -5.42 -19.50
CA LEU G 364 -30.18 -4.02 -19.18
C LEU G 364 -31.32 -3.31 -19.91
N THR G 365 -31.61 -3.69 -21.16
CA THR G 365 -32.67 -3.04 -21.89
C THR G 365 -34.01 -3.77 -21.75
N GLY G 366 -34.14 -4.68 -20.78
CA GLY G 366 -35.44 -5.30 -20.50
C GLY G 366 -35.61 -6.80 -20.71
N SER G 367 -34.73 -7.50 -21.40
CA SER G 367 -34.95 -8.94 -21.53
C SER G 367 -34.25 -9.58 -20.35
N THR G 368 -34.89 -9.46 -19.18
CA THR G 368 -34.30 -9.82 -17.89
C THR G 368 -34.09 -11.30 -17.65
N GLU G 369 -34.64 -12.08 -18.54
CA GLU G 369 -34.49 -13.52 -18.57
C GLU G 369 -33.00 -13.86 -18.67
N LYS G 370 -32.22 -12.97 -19.27
CA LYS G 370 -30.79 -13.18 -19.47
C LYS G 370 -29.89 -12.61 -18.37
N CYS G 371 -30.46 -12.07 -17.29
CA CYS G 371 -29.64 -11.50 -16.22
C CYS G 371 -29.27 -12.61 -15.22
N PRO G 372 -27.99 -12.98 -15.05
CA PRO G 372 -27.52 -14.04 -14.16
C PRO G 372 -27.61 -13.63 -12.69
N ARG G 373 -27.80 -14.60 -11.79
CA ARG G 373 -27.86 -14.32 -10.34
C ARG G 373 -27.01 -15.25 -9.47
N GLU G 374 -26.51 -14.75 -8.35
CA GLU G 374 -25.79 -15.61 -7.40
C GLU G 374 -26.58 -15.84 -6.13
N LEU G 375 -26.31 -16.93 -5.46
CA LEU G 375 -26.99 -17.28 -4.22
C LEU G 375 -26.44 -16.51 -3.04
N VAL G 376 -27.30 -16.07 -2.15
CA VAL G 376 -26.83 -15.45 -0.92
C VAL G 376 -26.63 -16.45 0.19
N VAL G 377 -25.44 -16.43 0.73
CA VAL G 377 -25.03 -17.29 1.83
C VAL G 377 -24.83 -16.48 3.11
N SER G 378 -24.15 -15.34 2.94
CA SER G 378 -23.77 -14.38 3.98
C SER G 378 -24.92 -13.54 4.45
N SER G 379 -24.88 -13.24 5.72
CA SER G 379 -25.85 -12.38 6.37
C SER G 379 -25.58 -10.87 6.13
N HIS G 380 -24.45 -10.52 5.46
CA HIS G 380 -24.06 -9.11 5.24
C HIS G 380 -24.73 -8.44 4.01
N VAL G 381 -25.39 -9.21 3.17
CA VAL G 381 -26.01 -8.67 1.97
C VAL G 381 -27.11 -7.69 2.35
N PRO G 382 -27.16 -6.46 1.81
CA PRO G 382 -28.15 -5.47 2.15
C PRO G 382 -29.43 -5.96 1.57
N ARG G 383 -30.53 -5.70 2.25
CA ARG G 383 -31.82 -6.17 1.79
C ARG G 383 -32.82 -5.09 1.43
N PHE G 384 -32.37 -3.84 1.37
CA PHE G 384 -33.26 -2.76 0.95
C PHE G 384 -32.51 -1.54 0.42
N ALA G 385 -33.22 -0.68 -0.32
CA ALA G 385 -32.65 0.58 -0.79
C ALA G 385 -33.69 1.67 -0.96
N LEU G 386 -33.25 2.94 -0.86
CA LEU G 386 -34.13 4.07 -1.07
C LEU G 386 -33.82 4.77 -2.38
N SER G 387 -34.86 4.99 -3.15
CA SER G 387 -34.76 5.72 -4.40
C SER G 387 -35.90 6.69 -4.68
N ASN G 388 -35.61 7.98 -4.65
CA ASN G 388 -36.55 9.07 -4.90
C ASN G 388 -37.73 9.01 -3.98
N GLY G 389 -37.46 8.70 -2.74
CA GLY G 389 -38.49 8.61 -1.73
C GLY G 389 -39.20 7.25 -1.68
N VAL G 390 -38.80 6.32 -2.50
CA VAL G 390 -39.44 5.02 -2.53
C VAL G 390 -38.60 3.89 -2.01
N LEU G 391 -39.19 2.99 -1.26
CA LEU G 391 -38.45 1.85 -0.74
C LEU G 391 -38.64 0.60 -1.49
N PHE G 392 -37.52 0.00 -1.80
CA PHE G 392 -37.50 -1.28 -2.45
C PHE G 392 -36.92 -2.21 -1.43
N ALA G 393 -37.71 -3.16 -0.96
CA ALA G 393 -37.23 -3.98 0.12
C ALA G 393 -37.68 -5.41 0.03
N ASN G 394 -36.86 -6.26 0.59
CA ASN G 394 -37.19 -7.64 0.71
C ASN G 394 -37.91 -7.90 2.03
N CYS G 395 -39.19 -8.13 1.97
CA CYS G 395 -39.97 -8.30 3.28
C CYS G 395 -40.14 -9.72 3.60
N ILE G 396 -39.43 -10.67 3.03
CA ILE G 396 -39.57 -12.06 3.46
C ILE G 396 -38.49 -12.27 4.52
N SER G 397 -37.31 -11.67 4.28
CA SER G 397 -36.13 -11.77 5.14
C SER G 397 -35.90 -10.56 6.06
N VAL G 398 -36.77 -9.57 5.97
CA VAL G 398 -36.72 -8.33 6.76
C VAL G 398 -38.07 -8.11 7.39
N THR G 399 -38.07 -7.69 8.63
CA THR G 399 -39.35 -7.41 9.24
C THR G 399 -39.78 -6.03 8.80
N CYS G 400 -40.91 -6.00 8.10
CA CYS G 400 -41.46 -4.77 7.55
C CYS G 400 -42.83 -4.53 8.11
N GLN G 401 -43.08 -3.32 8.54
CA GLN G 401 -44.42 -3.03 9.01
C GLN G 401 -44.72 -1.59 8.79
N CYS G 402 -46.03 -1.27 8.77
CA CYS G 402 -46.38 0.10 8.48
C CYS G 402 -46.90 0.84 9.71
N GLN G 403 -45.99 1.73 10.16
CA GLN G 403 -46.12 2.47 11.39
C GLN G 403 -47.34 3.32 11.50
N THR G 404 -47.78 3.83 10.39
CA THR G 404 -48.93 4.66 10.39
C THR G 404 -50.14 3.90 10.90
N THR G 405 -50.27 2.62 10.57
CA THR G 405 -51.43 1.85 11.01
C THR G 405 -51.15 0.73 12.00
N GLY G 406 -49.90 0.25 12.05
CA GLY G 406 -49.54 -0.91 12.86
C GLY G 406 -49.66 -2.24 12.08
N ARG G 407 -50.19 -2.15 10.86
CA ARG G 407 -50.41 -3.29 9.98
C ARG G 407 -49.08 -3.83 9.50
N ALA G 408 -48.93 -5.13 9.41
CA ALA G 408 -47.72 -5.64 8.83
C ALA G 408 -47.73 -5.47 7.34
N ILE G 409 -46.55 -5.38 6.78
CA ILE G 409 -46.31 -5.39 5.36
C ILE G 409 -45.75 -6.76 5.10
N SER G 410 -46.20 -7.42 4.08
CA SER G 410 -45.66 -8.75 3.83
C SER G 410 -45.46 -8.96 2.36
N GLN G 411 -44.62 -9.90 2.03
CA GLN G 411 -44.32 -10.22 0.65
C GLN G 411 -44.71 -11.65 0.37
N SER G 412 -45.39 -11.88 -0.73
CA SER G 412 -45.79 -13.22 -1.09
C SER G 412 -44.60 -13.85 -1.77
N GLY G 413 -44.65 -15.13 -2.04
CA GLY G 413 -43.55 -15.78 -2.73
C GLY G 413 -43.52 -15.44 -4.23
N GLU G 414 -44.53 -14.70 -4.71
CA GLU G 414 -44.62 -14.31 -6.12
C GLU G 414 -43.82 -13.03 -6.44
N GLN G 415 -43.45 -12.25 -5.42
CA GLN G 415 -42.71 -11.03 -5.67
C GLN G 415 -41.26 -11.30 -5.37
N THR G 416 -40.39 -10.60 -6.08
CA THR G 416 -38.94 -10.64 -5.90
C THR G 416 -38.64 -9.72 -4.73
N LEU G 417 -38.84 -8.42 -4.98
CA LEU G 417 -38.77 -7.35 -4.00
C LEU G 417 -40.14 -6.78 -3.91
N LEU G 418 -40.48 -6.21 -2.78
CA LEU G 418 -41.75 -5.53 -2.63
C LEU G 418 -41.50 -4.01 -2.66
N MET G 419 -42.30 -3.26 -3.40
CA MET G 419 -42.13 -1.80 -3.43
C MET G 419 -43.10 -1.12 -2.49
N ILE G 420 -42.58 -0.26 -1.62
CA ILE G 420 -43.39 0.42 -0.64
C ILE G 420 -43.35 1.94 -0.80
N ASP G 421 -44.52 2.58 -0.90
CA ASP G 421 -44.51 4.06 -0.99
C ASP G 421 -45.66 4.64 -0.17
N ASN G 422 -45.82 5.96 -0.23
CA ASN G 422 -46.73 6.70 0.59
C ASN G 422 -48.20 6.69 0.17
N THR G 423 -48.51 5.89 -0.85
CA THR G 423 -49.91 5.81 -1.22
C THR G 423 -50.53 4.57 -0.61
N THR G 424 -49.68 3.69 -0.08
CA THR G 424 -50.10 2.48 0.61
C THR G 424 -49.78 2.60 2.08
N CYS G 425 -48.66 3.24 2.40
CA CYS G 425 -48.20 3.40 3.75
C CYS G 425 -47.42 4.71 3.90
N PRO G 426 -48.00 5.80 4.41
CA PRO G 426 -47.37 7.11 4.51
C PRO G 426 -45.95 7.08 5.12
N THR G 427 -45.74 6.19 6.09
CA THR G 427 -44.45 6.00 6.75
C THR G 427 -44.23 4.56 7.04
N ALA G 428 -43.01 4.10 7.03
CA ALA G 428 -42.84 2.68 7.36
C ALA G 428 -41.59 2.36 8.10
N VAL G 429 -41.59 1.20 8.76
CA VAL G 429 -40.42 0.77 9.48
C VAL G 429 -39.85 -0.53 8.99
N LEU G 430 -38.54 -0.49 8.80
CA LEU G 430 -37.80 -1.67 8.42
C LEU G 430 -36.80 -1.95 9.51
N GLY G 431 -36.90 -3.09 10.17
CA GLY G 431 -35.97 -3.29 11.25
C GLY G 431 -36.25 -2.24 12.32
N ASN G 432 -35.26 -1.44 12.68
CA ASN G 432 -35.46 -0.42 13.70
C ASN G 432 -35.37 1.01 13.15
N VAL G 433 -35.55 1.21 11.85
CA VAL G 433 -35.48 2.56 11.29
C VAL G 433 -36.80 3.02 10.71
N ILE G 434 -37.22 4.21 11.13
CA ILE G 434 -38.48 4.78 10.66
C ILE G 434 -38.24 5.74 9.51
N ILE G 435 -38.82 5.44 8.36
CA ILE G 435 -38.61 6.26 7.17
C ILE G 435 -39.92 6.81 6.60
N SER G 436 -40.00 8.13 6.42
CA SER G 436 -41.22 8.67 5.80
C SER G 436 -41.11 8.29 4.35
N LEU G 437 -42.22 8.13 3.64
CA LEU G 437 -42.09 7.80 2.23
C LEU G 437 -42.59 8.85 1.26
N GLY G 438 -42.08 8.79 0.03
CA GLY G 438 -42.57 9.61 -1.08
C GLY G 438 -43.52 8.75 -1.87
N LYS G 439 -43.87 9.16 -3.10
CA LYS G 439 -44.80 8.44 -3.97
C LYS G 439 -44.05 7.78 -5.11
N TYR G 440 -44.45 6.59 -5.53
CA TYR G 440 -43.80 6.01 -6.68
C TYR G 440 -44.44 6.54 -7.94
N LEU G 441 -43.66 7.30 -8.69
CA LEU G 441 -44.08 7.91 -9.94
C LEU G 441 -43.77 6.90 -11.03
N GLY G 442 -44.61 5.90 -11.12
CA GLY G 442 -44.39 4.80 -12.04
C GLY G 442 -45.66 3.99 -12.13
N SER G 443 -45.58 2.71 -12.51
CA SER G 443 -46.83 1.98 -12.65
C SER G 443 -47.48 1.91 -11.30
N VAL G 444 -48.80 1.87 -11.30
CA VAL G 444 -49.59 1.79 -10.09
C VAL G 444 -49.67 0.40 -9.49
N ASN G 445 -49.66 -0.61 -10.35
CA ASN G 445 -49.78 -2.00 -9.97
C ASN G 445 -48.43 -2.73 -10.07
N TYR G 446 -47.37 -2.05 -9.66
CA TYR G 446 -45.99 -2.55 -9.70
C TYR G 446 -45.85 -3.90 -9.03
N ASN G 447 -46.46 -4.03 -7.87
CA ASN G 447 -46.33 -5.21 -7.05
C ASN G 447 -47.27 -6.35 -7.46
N SER G 448 -48.02 -6.15 -8.54
CA SER G 448 -48.91 -7.16 -9.05
C SER G 448 -48.29 -7.94 -10.22
N GLU G 449 -47.13 -7.52 -10.71
CA GLU G 449 -46.61 -8.20 -11.89
C GLU G 449 -45.29 -8.90 -11.65
N GLY G 450 -45.10 -10.00 -12.37
CA GLY G 450 -43.87 -10.79 -12.28
C GLY G 450 -42.81 -10.29 -13.26
N ILE G 451 -41.70 -11.02 -13.30
CA ILE G 451 -40.58 -10.74 -14.18
C ILE G 451 -39.87 -12.07 -14.40
N ALA G 452 -39.30 -12.31 -15.57
CA ALA G 452 -38.54 -13.54 -15.74
C ALA G 452 -37.23 -13.43 -14.98
N ILE G 453 -36.77 -14.54 -14.42
CA ILE G 453 -35.49 -14.54 -13.72
C ILE G 453 -34.52 -15.44 -14.48
N GLY G 454 -33.29 -14.97 -14.67
CA GLY G 454 -32.26 -15.73 -15.37
C GLY G 454 -31.66 -16.85 -14.50
N PRO G 455 -30.65 -17.56 -14.99
CA PRO G 455 -30.01 -18.70 -14.35
C PRO G 455 -29.09 -18.35 -13.18
N PRO G 456 -28.87 -19.29 -12.24
CA PRO G 456 -27.87 -19.26 -11.20
C PRO G 456 -26.47 -19.31 -11.75
N VAL G 457 -25.59 -18.56 -11.13
CA VAL G 457 -24.18 -18.60 -11.43
C VAL G 457 -23.36 -18.64 -10.16
N PHE G 458 -22.09 -18.98 -10.34
CA PHE G 458 -21.10 -18.95 -9.29
C PHE G 458 -19.94 -18.11 -9.81
N THR G 459 -19.37 -17.25 -8.96
CA THR G 459 -18.30 -16.36 -9.39
C THR G 459 -16.90 -16.62 -8.79
N ASP G 460 -16.79 -17.50 -7.82
CA ASP G 460 -15.51 -17.75 -7.18
C ASP G 460 -14.42 -18.28 -8.10
N LYS G 461 -13.19 -17.86 -7.89
CA LYS G 461 -12.10 -18.32 -8.74
C LYS G 461 -12.02 -19.84 -8.89
N VAL G 462 -12.23 -20.60 -7.82
CA VAL G 462 -12.18 -22.05 -7.90
C VAL G 462 -13.41 -22.52 -8.63
N ASP G 463 -14.54 -21.92 -8.30
CA ASP G 463 -15.79 -22.34 -8.95
C ASP G 463 -15.71 -22.15 -10.46
N ILE G 464 -15.08 -21.08 -10.92
CA ILE G 464 -14.97 -20.87 -12.34
C ILE G 464 -14.19 -21.99 -12.98
N SER G 465 -13.06 -22.37 -12.40
CA SER G 465 -12.33 -23.47 -13.01
C SER G 465 -13.16 -24.76 -13.03
N SER G 466 -13.89 -25.05 -11.94
CA SER G 466 -14.71 -26.24 -11.90
C SER G 466 -15.84 -26.23 -12.91
N GLN G 467 -16.47 -25.07 -13.11
CA GLN G 467 -17.56 -24.95 -14.07
C GLN G 467 -17.06 -25.19 -15.48
N ILE G 468 -15.85 -24.72 -15.79
CA ILE G 468 -15.30 -24.93 -17.11
C ILE G 468 -15.09 -26.42 -17.33
N SER G 469 -14.53 -27.11 -16.33
CA SER G 469 -14.29 -28.55 -16.47
C SER G 469 -15.57 -29.30 -16.67
N SER G 470 -16.61 -28.93 -15.94
CA SER G 470 -17.87 -29.61 -16.02
C SER G 470 -18.48 -29.48 -17.41
N MET G 471 -18.46 -28.26 -17.94
CA MET G 471 -19.03 -28.06 -19.28
C MET G 471 -18.28 -28.86 -20.31
N ASN G 472 -16.98 -28.92 -20.21
CA ASN G 472 -16.15 -29.65 -21.14
C ASN G 472 -16.42 -31.15 -21.10
N GLN G 473 -16.62 -31.68 -19.88
CA GLN G 473 -16.89 -33.12 -19.81
C GLN G 473 -18.22 -33.49 -20.42
N SER G 474 -19.23 -32.64 -20.22
CA SER G 474 -20.52 -32.94 -20.80
C SER G 474 -20.47 -32.84 -22.31
N LEU G 475 -19.80 -31.81 -22.83
CA LEU G 475 -19.71 -31.57 -24.27
C LEU G 475 -18.96 -32.71 -24.95
N GLN G 476 -17.87 -33.18 -24.33
CA GLN G 476 -17.11 -34.26 -24.92
C GLN G 476 -17.93 -35.56 -24.97
N GLN G 477 -18.75 -35.86 -23.96
CA GLN G 477 -19.57 -37.08 -24.09
C GLN G 477 -20.63 -36.93 -25.21
N SER G 478 -21.24 -35.75 -25.33
CA SER G 478 -22.25 -35.56 -26.38
C SER G 478 -21.66 -35.68 -27.78
N LYS G 479 -20.42 -35.24 -27.96
CA LYS G 479 -19.79 -35.37 -29.26
C LYS G 479 -19.73 -36.84 -29.71
N ASP G 480 -19.52 -37.77 -28.77
CA ASP G 480 -19.47 -39.18 -29.14
C ASP G 480 -20.86 -39.70 -29.48
N TYR G 481 -21.86 -39.15 -28.79
CA TYR G 481 -23.22 -39.60 -29.04
C TYR G 481 -23.67 -39.14 -30.43
N ILE G 482 -23.24 -37.95 -30.89
CA ILE G 482 -23.64 -37.55 -32.25
C ILE G 482 -22.90 -38.45 -33.25
N LYS G 483 -21.67 -38.87 -32.96
CA LYS G 483 -21.04 -39.80 -33.89
C LYS G 483 -21.84 -41.11 -34.03
N GLU G 484 -22.36 -41.68 -32.93
CA GLU G 484 -23.17 -42.90 -33.07
C GLU G 484 -24.45 -42.62 -33.85
N ALA G 485 -25.05 -41.45 -33.60
CA ALA G 485 -26.27 -41.01 -34.27
C ALA G 485 -26.05 -40.86 -35.78
N GLN G 486 -24.87 -40.37 -36.18
CA GLN G 486 -24.54 -40.19 -37.58
C GLN G 486 -24.21 -41.53 -38.31
N ARG G 487 -23.50 -42.46 -37.65
CA ARG G 487 -23.12 -43.71 -38.31
C ARG G 487 -24.31 -44.64 -38.61
N LEU G 488 -25.20 -44.83 -37.64
CA LEU G 488 -26.36 -45.70 -37.82
C LEU G 488 -27.35 -45.03 -38.77
N GLU H 1 -26.87 30.52 -23.63
CA GLU H 1 -26.10 31.75 -23.66
C GLU H 1 -25.74 32.20 -22.26
N VAL H 2 -24.47 32.47 -22.02
CA VAL H 2 -24.09 32.96 -20.72
C VAL H 2 -24.39 34.43 -20.63
N GLN H 3 -25.20 34.80 -19.64
CA GLN H 3 -25.59 36.19 -19.48
C GLN H 3 -25.29 36.75 -18.10
N LEU H 4 -24.08 37.27 -17.91
CA LEU H 4 -23.73 37.80 -16.60
C LEU H 4 -24.23 39.23 -16.55
N VAL H 5 -24.94 39.60 -15.47
CA VAL H 5 -25.45 40.95 -15.38
C VAL H 5 -25.07 41.69 -14.11
N GLU H 6 -24.22 42.69 -14.26
CA GLU H 6 -23.78 43.49 -13.13
C GLU H 6 -24.76 44.59 -12.79
N SER H 7 -24.84 44.89 -11.50
CA SER H 7 -25.55 46.05 -11.01
C SER H 7 -24.96 46.54 -9.72
N GLY H 8 -25.63 47.54 -9.16
CA GLY H 8 -25.18 48.14 -7.92
C GLY H 8 -24.11 49.23 -8.08
N GLY H 9 -23.94 49.80 -9.26
CA GLY H 9 -22.93 50.84 -9.40
C GLY H 9 -23.46 52.17 -8.92
N GLY H 10 -22.72 53.25 -9.13
CA GLY H 10 -23.14 54.56 -8.65
C GLY H 10 -21.99 55.43 -8.15
N LEU H 11 -22.36 56.56 -7.52
CA LEU H 11 -21.42 57.56 -7.00
C LEU H 11 -21.22 57.42 -5.50
N VAL H 12 -19.95 57.30 -5.10
CA VAL H 12 -19.54 57.15 -3.72
C VAL H 12 -18.61 58.28 -3.30
N LYS H 13 -18.82 58.85 -2.12
CA LYS H 13 -17.91 59.90 -1.69
C LYS H 13 -16.62 59.17 -1.25
N PRO H 14 -15.42 59.74 -1.33
CA PRO H 14 -14.19 59.06 -0.94
C PRO H 14 -14.35 58.71 0.51
N GLY H 15 -13.84 57.54 0.88
CA GLY H 15 -13.90 57.05 2.24
C GLY H 15 -15.17 56.24 2.47
N GLY H 16 -16.04 56.20 1.45
CA GLY H 16 -17.31 55.49 1.53
C GLY H 16 -17.22 54.02 1.15
N SER H 17 -18.38 53.43 0.86
CA SER H 17 -18.49 52.01 0.57
C SER H 17 -19.55 51.76 -0.49
N LEU H 18 -19.48 50.61 -1.14
CA LEU H 18 -20.46 50.26 -2.16
C LEU H 18 -20.51 48.77 -2.40
N LYS H 19 -21.69 48.18 -2.40
CA LYS H 19 -21.79 46.75 -2.68
C LYS H 19 -22.30 46.50 -4.10
N LEU H 20 -21.55 45.68 -4.85
CA LEU H 20 -21.91 45.33 -6.23
C LEU H 20 -22.41 43.91 -6.32
N SER H 21 -23.25 43.61 -7.29
CA SER H 21 -23.65 42.25 -7.46
C SER H 21 -23.87 41.91 -8.90
N CYS H 22 -23.52 40.71 -9.21
CA CYS H 22 -23.60 40.14 -10.57
C CYS H 22 -24.38 38.86 -10.66
N ALA H 23 -25.62 38.95 -11.15
CA ALA H 23 -26.45 37.75 -11.27
C ALA H 23 -26.02 36.94 -12.48
N ALA H 24 -26.09 35.62 -12.33
CA ALA H 24 -25.75 34.72 -13.41
C ALA H 24 -26.94 34.00 -13.94
N SER H 25 -26.85 33.64 -15.22
CA SER H 25 -27.87 32.89 -15.90
C SER H 25 -27.33 32.14 -17.11
N GLY H 26 -27.90 30.96 -17.40
CA GLY H 26 -27.55 30.20 -18.62
C GLY H 26 -26.49 29.10 -18.49
N PHE H 27 -25.95 28.94 -17.31
CA PHE H 27 -24.92 27.95 -17.05
C PHE H 27 -25.02 27.61 -15.61
N THR H 28 -24.33 26.58 -15.17
CA THR H 28 -24.44 26.31 -13.77
C THR H 28 -23.40 27.07 -13.00
N PHE H 29 -23.91 27.97 -12.19
CA PHE H 29 -23.14 28.91 -11.41
C PHE H 29 -22.21 28.15 -10.52
N SER H 30 -22.74 27.13 -9.89
CA SER H 30 -22.04 26.35 -8.88
C SER H 30 -20.85 25.54 -9.42
N SER H 31 -20.68 25.49 -10.75
CA SER H 31 -19.58 24.76 -11.35
C SER H 31 -18.35 25.61 -11.73
N TYR H 32 -18.42 26.94 -11.61
CA TYR H 32 -17.28 27.73 -12.07
C TYR H 32 -16.78 28.79 -11.12
N ASP H 33 -15.47 29.02 -11.15
CA ASP H 33 -14.87 30.08 -10.39
C ASP H 33 -15.08 31.40 -11.13
N MET H 34 -15.06 32.50 -10.39
CA MET H 34 -15.34 33.79 -11.00
C MET H 34 -14.51 34.91 -10.43
N SER H 35 -14.50 36.03 -11.14
CA SER H 35 -13.73 37.19 -10.77
C SER H 35 -14.31 38.51 -11.14
N TRP H 36 -13.71 39.53 -10.56
CA TRP H 36 -14.00 40.89 -10.96
C TRP H 36 -12.76 41.47 -11.62
N VAL H 37 -12.99 42.16 -12.71
CA VAL H 37 -11.96 42.82 -13.50
C VAL H 37 -12.30 44.28 -13.64
N ARG H 38 -11.35 45.12 -13.36
CA ARG H 38 -11.59 46.54 -13.42
C ARG H 38 -10.96 47.22 -14.62
N GLN H 39 -11.71 48.11 -15.24
CA GLN H 39 -11.18 48.87 -16.39
C GLN H 39 -11.13 50.35 -16.10
N THR H 40 -9.94 50.91 -16.16
CA THR H 40 -9.75 52.31 -15.79
C THR H 40 -10.26 53.18 -16.95
N PRO H 41 -10.50 54.49 -16.76
CA PRO H 41 -10.84 55.43 -17.81
C PRO H 41 -9.83 55.43 -18.97
N GLU H 42 -8.57 55.14 -18.65
CA GLU H 42 -7.43 55.05 -19.57
C GLU H 42 -7.39 53.74 -20.36
N LYS H 43 -8.34 52.85 -20.08
CA LYS H 43 -8.51 51.54 -20.67
C LYS H 43 -7.48 50.52 -20.23
N ARG H 44 -6.98 50.63 -18.99
CA ARG H 44 -6.08 49.60 -18.52
C ARG H 44 -6.91 48.56 -17.78
N LEU H 45 -6.65 47.28 -17.99
CA LEU H 45 -7.39 46.28 -17.26
C LEU H 45 -6.60 45.81 -16.05
N GLU H 46 -7.30 45.65 -14.93
CA GLU H 46 -6.70 45.15 -13.72
C GLU H 46 -7.54 44.05 -13.08
N TRP H 47 -6.88 43.05 -12.54
CA TRP H 47 -7.60 42.01 -11.83
C TRP H 47 -7.96 42.58 -10.47
N VAL H 48 -9.21 42.40 -10.02
CA VAL H 48 -9.57 42.88 -8.70
C VAL H 48 -9.68 41.77 -7.68
N ALA H 49 -10.37 40.70 -8.02
CA ALA H 49 -10.49 39.59 -7.07
C ALA H 49 -11.03 38.34 -7.70
N MET H 50 -10.78 37.17 -7.09
CA MET H 50 -11.46 35.95 -7.55
C MET H 50 -11.91 35.10 -6.41
N ILE H 51 -12.94 34.33 -6.68
CA ILE H 51 -13.40 33.37 -5.70
C ILE H 51 -13.54 32.05 -6.41
N SER H 52 -13.06 30.99 -5.76
CA SER H 52 -13.13 29.67 -6.33
C SER H 52 -14.54 29.14 -6.31
N SER H 53 -14.73 28.01 -7.00
CA SER H 53 -16.04 27.40 -7.17
C SER H 53 -16.82 27.11 -5.90
N GLY H 54 -16.18 26.61 -4.86
CA GLY H 54 -16.97 26.29 -3.68
C GLY H 54 -17.00 27.39 -2.64
N GLY H 55 -16.35 28.50 -2.93
CA GLY H 55 -16.27 29.60 -2.01
C GLY H 55 -15.26 29.39 -0.87
N SER H 56 -14.43 28.33 -0.91
CA SER H 56 -13.52 28.12 0.22
C SER H 56 -12.23 28.92 0.12
N TYR H 57 -11.94 29.38 -1.06
CA TYR H 57 -10.69 30.07 -1.33
C TYR H 57 -10.98 31.34 -2.09
N SER H 58 -10.21 32.40 -1.81
CA SER H 58 -10.32 33.64 -2.57
C SER H 58 -8.97 34.29 -2.64
N TYR H 59 -8.79 35.09 -3.68
CA TYR H 59 -7.53 35.78 -3.83
C TYR H 59 -7.71 37.24 -4.21
N TYR H 60 -6.82 38.09 -3.72
CA TYR H 60 -6.85 39.51 -4.03
C TYR H 60 -5.47 40.08 -4.35
N PRO H 61 -5.37 41.12 -5.17
CA PRO H 61 -4.21 41.97 -5.38
C PRO H 61 -3.94 42.70 -4.11
N ASP H 62 -2.70 43.04 -3.86
CA ASP H 62 -2.36 43.78 -2.65
C ASP H 62 -3.10 45.10 -2.50
N SER H 63 -3.42 45.77 -3.60
CA SER H 63 -4.06 47.08 -3.54
C SER H 63 -5.51 47.07 -3.06
N VAL H 64 -6.17 45.91 -3.06
CA VAL H 64 -7.54 45.81 -2.57
C VAL H 64 -7.64 44.79 -1.45
N LYS H 65 -6.62 43.97 -1.27
CA LYS H 65 -6.68 42.99 -0.22
C LYS H 65 -6.80 43.71 1.11
N GLY H 66 -7.76 43.28 1.90
CA GLY H 66 -8.01 43.86 3.21
C GLY H 66 -9.10 44.93 3.15
N ARG H 67 -9.46 45.36 1.94
CA ARG H 67 -10.48 46.37 1.76
C ARG H 67 -11.71 45.76 1.12
N PHE H 68 -11.49 44.89 0.15
CA PHE H 68 -12.63 44.32 -0.56
C PHE H 68 -12.93 42.90 -0.15
N THR H 69 -14.20 42.55 -0.18
CA THR H 69 -14.61 41.18 0.06
C THR H 69 -15.37 40.60 -1.12
N ILE H 70 -14.94 39.45 -1.58
CA ILE H 70 -15.63 38.80 -2.70
C ILE H 70 -16.32 37.61 -2.08
N SER H 71 -17.56 37.38 -2.45
CA SER H 71 -18.33 36.28 -1.88
C SER H 71 -19.34 35.75 -2.90
N ARG H 72 -19.88 34.55 -2.69
CA ARG H 72 -20.89 34.09 -3.64
C ARG H 72 -21.98 33.34 -2.94
N ASP H 73 -23.19 33.49 -3.46
CA ASP H 73 -24.35 32.77 -2.98
C ASP H 73 -24.77 31.82 -4.07
N ASN H 74 -24.45 30.54 -3.91
CA ASN H 74 -24.73 29.64 -5.02
C ASN H 74 -26.21 29.41 -5.22
N ALA H 75 -26.98 29.44 -4.13
CA ALA H 75 -28.42 29.21 -4.22
C ALA H 75 -29.09 30.29 -5.06
N LYS H 76 -28.58 31.50 -4.96
CA LYS H 76 -29.15 32.63 -5.69
C LYS H 76 -28.44 32.90 -7.01
N ASN H 77 -27.47 32.07 -7.38
CA ASN H 77 -26.70 32.27 -8.59
C ASN H 77 -26.12 33.68 -8.65
N THR H 78 -25.63 34.19 -7.53
CA THR H 78 -25.13 35.56 -7.52
C THR H 78 -23.73 35.78 -6.98
N LEU H 79 -22.93 36.52 -7.73
CA LEU H 79 -21.57 36.89 -7.32
C LEU H 79 -21.58 38.28 -6.70
N TYR H 80 -20.97 38.46 -5.54
CA TYR H 80 -20.97 39.77 -4.88
C TYR H 80 -19.58 40.30 -4.62
N LEU H 81 -19.45 41.63 -4.64
CA LEU H 81 -18.20 42.28 -4.24
C LEU H 81 -18.51 43.45 -3.33
N GLN H 82 -17.97 43.42 -2.13
CA GLN H 82 -18.18 44.50 -1.17
C GLN H 82 -16.98 45.38 -1.14
N MET H 83 -17.13 46.60 -1.59
CA MET H 83 -16.03 47.51 -1.66
C MET H 83 -16.02 48.39 -0.40
N SER H 84 -14.84 48.79 0.09
CA SER H 84 -14.81 49.70 1.24
C SER H 84 -13.63 50.67 1.10
N SER H 85 -13.71 51.76 1.87
CA SER H 85 -12.72 52.83 1.93
C SER H 85 -12.38 53.27 0.54
N LEU H 86 -13.41 53.59 -0.24
CA LEU H 86 -13.14 53.86 -1.65
C LEU H 86 -12.31 55.11 -1.84
N ARG H 87 -11.43 55.03 -2.82
CA ARG H 87 -10.50 56.10 -3.18
C ARG H 87 -10.79 56.59 -4.59
N SER H 88 -10.29 57.78 -4.98
CA SER H 88 -10.51 58.24 -6.38
C SER H 88 -9.82 57.31 -7.37
N GLU H 89 -8.87 56.57 -6.86
CA GLU H 89 -8.05 55.58 -7.52
C GLU H 89 -8.88 54.42 -8.03
N ASP H 90 -10.06 54.24 -7.45
CA ASP H 90 -10.93 53.15 -7.78
C ASP H 90 -11.99 53.50 -8.82
N THR H 91 -11.95 54.70 -9.40
CA THR H 91 -12.98 54.96 -10.41
C THR H 91 -12.72 54.10 -11.63
N ALA H 92 -13.71 53.31 -12.00
CA ALA H 92 -13.55 52.36 -13.10
C ALA H 92 -14.83 51.64 -13.48
N MET H 93 -14.79 50.95 -14.62
CA MET H 93 -15.86 50.00 -14.91
C MET H 93 -15.52 48.71 -14.19
N TYR H 94 -16.53 48.11 -13.60
CA TYR H 94 -16.36 46.83 -12.94
C TYR H 94 -17.07 45.72 -13.65
N TYR H 95 -16.28 44.76 -14.13
CA TYR H 95 -16.81 43.64 -14.88
C TYR H 95 -16.87 42.37 -14.11
N CYS H 96 -17.93 41.65 -14.32
CA CYS H 96 -18.12 40.33 -13.77
C CYS H 96 -17.66 39.37 -14.83
N ALA H 97 -16.76 38.46 -14.48
CA ALA H 97 -16.31 37.52 -15.50
C ALA H 97 -16.19 36.11 -14.97
N ARG H 98 -16.46 35.17 -15.87
CA ARG H 98 -16.37 33.75 -15.57
C ARG H 98 -15.08 33.19 -16.12
N GLN H 99 -14.38 32.46 -15.26
CA GLN H 99 -13.11 31.83 -15.61
C GLN H 99 -13.27 30.49 -16.25
N GLY H 100 -12.25 30.13 -16.99
CA GLY H 100 -12.17 28.81 -17.60
C GLY H 100 -11.43 27.92 -16.66
N ASP H 101 -10.69 26.96 -17.14
CA ASP H 101 -10.03 26.05 -16.21
C ASP H 101 -8.98 26.70 -15.32
N TYR H 102 -8.33 27.77 -15.77
CA TYR H 102 -7.33 28.43 -14.97
C TYR H 102 -7.74 29.89 -14.76
N ALA H 103 -7.10 30.85 -15.41
CA ALA H 103 -7.55 32.22 -15.20
C ALA H 103 -7.61 33.01 -16.48
N TRP H 104 -8.19 32.40 -17.49
CA TRP H 104 -8.52 33.17 -18.65
C TRP H 104 -9.96 33.50 -18.37
N PHE H 105 -10.44 34.61 -18.88
CA PHE H 105 -11.81 35.01 -18.61
C PHE H 105 -12.63 34.77 -19.85
N ALA H 106 -13.45 33.73 -19.79
CA ALA H 106 -14.18 33.27 -20.95
C ALA H 106 -15.44 34.06 -21.21
N TYR H 107 -16.12 34.47 -20.16
CA TYR H 107 -17.36 35.22 -20.33
C TYR H 107 -17.36 36.44 -19.50
N TRP H 108 -17.78 37.54 -20.10
CA TRP H 108 -17.80 38.82 -19.41
C TRP H 108 -19.19 39.42 -19.46
N GLY H 109 -19.59 40.12 -18.42
CA GLY H 109 -20.84 40.85 -18.44
C GLY H 109 -20.63 42.21 -19.08
N GLN H 110 -21.68 43.03 -19.13
CA GLN H 110 -21.57 44.37 -19.71
C GLN H 110 -20.75 45.29 -18.84
N GLY H 111 -20.86 45.09 -17.54
CA GLY H 111 -20.12 45.88 -16.57
C GLY H 111 -20.91 47.05 -16.04
N THR H 112 -20.58 47.45 -14.81
CA THR H 112 -21.21 48.63 -14.22
C THR H 112 -20.19 49.66 -13.86
N LEU H 113 -20.66 50.82 -13.47
CA LEU H 113 -19.73 51.92 -13.20
C LEU H 113 -19.67 52.38 -11.76
N VAL H 114 -18.47 52.46 -11.25
CA VAL H 114 -18.24 52.96 -9.91
C VAL H 114 -17.44 54.23 -9.98
N THR H 115 -17.99 55.31 -9.43
CA THR H 115 -17.30 56.61 -9.44
C THR H 115 -17.07 57.11 -8.05
N VAL H 116 -15.85 57.56 -7.78
CA VAL H 116 -15.58 58.08 -6.46
C VAL H 116 -15.18 59.54 -6.57
N SER H 117 -15.92 60.40 -5.89
CA SER H 117 -15.66 61.83 -6.00
C SER H 117 -16.25 62.64 -4.87
N SER H 118 -15.55 63.68 -4.44
CA SER H 118 -16.04 64.59 -3.40
C SER H 118 -16.97 65.69 -3.96
N ALA H 119 -17.05 65.75 -5.29
CA ALA H 119 -17.78 66.76 -6.08
C ALA H 119 -19.29 66.69 -5.90
N SER H 120 -19.99 67.83 -6.12
CA SER H 120 -21.44 67.88 -5.97
C SER H 120 -22.17 68.00 -7.31
N ASP I 1 5.74 40.27 -8.72
CA ASP I 1 4.70 40.32 -9.72
C ASP I 1 5.25 40.07 -11.11
N ILE I 2 4.40 39.62 -11.99
CA ILE I 2 4.77 39.40 -13.37
C ILE I 2 4.06 40.43 -14.17
N GLN I 3 4.79 41.13 -14.98
CA GLN I 3 4.23 42.16 -15.82
C GLN I 3 4.73 41.95 -17.20
N MET I 4 3.99 42.43 -18.19
CA MET I 4 4.48 42.31 -19.54
C MET I 4 4.27 43.59 -20.30
N THR I 5 5.14 43.82 -21.27
CA THR I 5 5.09 45.01 -22.09
C THR I 5 4.56 44.68 -23.47
N GLN I 6 3.53 45.41 -23.88
CA GLN I 6 2.89 45.17 -25.17
C GLN I 6 3.26 46.26 -26.13
N SER I 7 3.61 45.88 -27.35
CA SER I 7 3.97 46.88 -28.34
C SER I 7 3.68 46.43 -29.78
N PRO I 8 3.53 47.36 -30.72
CA PRO I 8 3.62 48.82 -30.65
C PRO I 8 2.37 49.25 -29.93
N ALA I 9 2.33 50.43 -29.31
CA ALA I 9 1.05 50.81 -28.70
C ALA I 9 -0.01 50.95 -29.77
N SER I 10 0.40 51.45 -30.92
CA SER I 10 -0.53 51.58 -32.01
C SER I 10 0.17 51.33 -33.32
N GLN I 11 -0.55 50.76 -34.27
CA GLN I 11 -0.03 50.63 -35.64
C GLN I 11 -1.15 50.77 -36.63
N SER I 12 -0.82 51.22 -37.83
CA SER I 12 -1.83 51.31 -38.86
C SER I 12 -1.75 50.16 -39.84
N ALA I 13 -2.82 49.95 -40.56
CA ALA I 13 -2.87 48.93 -41.59
C ALA I 13 -3.91 49.23 -42.65
N SER I 14 -3.79 48.58 -43.81
CA SER I 14 -4.80 48.69 -44.83
C SER I 14 -5.75 47.53 -44.65
N LEU I 15 -6.89 47.61 -45.29
CA LEU I 15 -7.79 46.48 -45.16
C LEU I 15 -7.21 45.35 -45.98
N GLY I 16 -7.25 44.16 -45.43
CA GLY I 16 -6.76 42.95 -46.08
C GLY I 16 -5.30 42.69 -45.74
N GLU I 17 -4.65 43.64 -45.08
CA GLU I 17 -3.25 43.54 -44.71
C GLU I 17 -3.06 42.66 -43.47
N SER I 18 -1.92 41.98 -43.38
CA SER I 18 -1.59 41.16 -42.21
C SER I 18 -0.95 42.05 -41.15
N VAL I 19 -1.30 41.87 -39.88
CA VAL I 19 -0.63 42.66 -38.82
C VAL I 19 -0.20 41.79 -37.62
N THR I 20 0.86 42.21 -36.91
CA THR I 20 1.31 41.46 -35.72
C THR I 20 1.59 42.37 -34.54
N ILE I 21 1.24 41.91 -33.34
CA ILE I 21 1.58 42.62 -32.10
C ILE I 21 2.34 41.66 -31.16
N THR I 22 3.23 42.21 -30.31
CA THR I 22 4.04 41.40 -29.38
C THR I 22 3.97 41.81 -27.92
N CYS I 23 3.98 40.80 -27.03
CA CYS I 23 4.09 41.01 -25.60
C CYS I 23 5.35 40.32 -25.06
N LEU I 24 6.07 41.03 -24.20
CA LEU I 24 7.29 40.48 -23.61
C LEU I 24 7.17 40.40 -22.09
N ALA I 25 7.23 39.18 -21.58
CA ALA I 25 7.09 38.95 -20.15
C ALA I 25 8.38 39.25 -19.41
N SER I 26 8.23 39.80 -18.20
CA SER I 26 9.35 40.08 -17.30
C SER I 26 10.08 38.84 -16.83
N GLN I 27 9.37 37.74 -16.78
CA GLN I 27 9.94 36.45 -16.41
C GLN I 27 9.20 35.45 -17.21
N THR I 28 9.88 34.39 -17.55
CA THR I 28 9.25 33.33 -18.31
C THR I 28 7.99 32.79 -17.70
N ILE I 29 6.98 32.63 -18.55
CA ILE I 29 5.70 32.11 -18.14
C ILE I 29 5.23 30.87 -18.88
N GLY I 30 6.12 30.06 -19.41
CA GLY I 30 5.65 28.89 -20.13
C GLY I 30 4.77 29.35 -21.27
N THR I 31 3.56 28.78 -21.38
CA THR I 31 2.58 29.15 -22.39
C THR I 31 1.31 29.65 -21.72
N TRP I 32 1.41 30.03 -20.46
CA TRP I 32 0.25 30.45 -19.67
C TRP I 32 -0.13 31.90 -19.97
N LEU I 33 -0.48 32.16 -21.22
CA LEU I 33 -0.83 33.51 -21.69
C LEU I 33 -2.07 33.57 -22.55
N ALA I 34 -2.88 34.61 -22.33
CA ALA I 34 -4.10 34.75 -23.12
C ALA I 34 -4.21 36.09 -23.83
N TRP I 35 -4.91 36.08 -24.98
CA TRP I 35 -5.18 37.29 -25.76
C TRP I 35 -6.68 37.58 -25.84
N TYR I 36 -7.01 38.87 -25.76
CA TYR I 36 -8.37 39.43 -25.81
C TYR I 36 -8.56 40.53 -26.86
N GLN I 37 -9.80 40.67 -27.34
CA GLN I 37 -10.19 41.73 -28.28
C GLN I 37 -11.34 42.56 -27.72
N GLN I 38 -11.18 43.88 -27.70
CA GLN I 38 -12.24 44.75 -27.17
C GLN I 38 -12.79 45.75 -28.17
N LYS I 39 -14.09 45.77 -28.29
CA LYS I 39 -14.75 46.70 -29.19
C LYS I 39 -15.22 47.91 -28.36
N PRO I 40 -15.36 49.11 -28.90
CA PRO I 40 -15.85 50.25 -28.18
C PRO I 40 -17.23 50.01 -27.61
N GLY I 41 -17.46 50.42 -26.38
CA GLY I 41 -18.76 50.32 -25.74
C GLY I 41 -19.03 48.94 -25.16
N LYS I 42 -18.10 48.02 -25.34
CA LYS I 42 -18.29 46.65 -24.91
C LYS I 42 -17.21 46.08 -24.02
N SER I 43 -17.54 44.94 -23.41
CA SER I 43 -16.58 44.20 -22.62
C SER I 43 -15.60 43.55 -23.59
N PRO I 44 -14.40 43.15 -23.14
CA PRO I 44 -13.47 42.31 -23.85
C PRO I 44 -14.00 40.90 -24.12
N GLN I 45 -13.54 40.30 -25.21
CA GLN I 45 -13.84 38.89 -25.48
C GLN I 45 -12.53 38.11 -25.65
N LEU I 46 -12.53 36.86 -25.21
CA LEU I 46 -11.37 35.97 -25.33
C LEU I 46 -11.16 35.48 -26.72
N LEU I 47 -9.93 35.55 -27.22
CA LEU I 47 -9.67 34.95 -28.51
C LEU I 47 -8.75 33.77 -28.40
N ILE I 48 -7.65 33.94 -27.67
CA ILE I 48 -6.65 32.89 -27.58
C ILE I 48 -6.26 32.57 -26.13
N TYR I 49 -6.49 31.33 -25.67
CA TYR I 49 -6.08 30.97 -24.32
C TYR I 49 -4.96 29.95 -24.44
N ALA I 50 -4.14 29.87 -23.41
CA ALA I 50 -3.02 28.93 -23.36
C ALA I 50 -2.12 29.09 -24.57
N ALA I 51 -1.84 30.36 -24.92
CA ALA I 51 -1.00 30.84 -26.01
C ALA I 51 -1.40 30.44 -27.46
N THR I 52 -1.72 29.17 -27.72
CA THR I 52 -1.99 28.74 -29.10
C THR I 52 -3.40 28.25 -29.51
N SER I 53 -4.38 28.11 -28.58
CA SER I 53 -5.70 27.62 -29.04
C SER I 53 -6.69 28.73 -29.24
N LEU I 54 -7.56 28.56 -30.23
CA LEU I 54 -8.58 29.57 -30.40
C LEU I 54 -9.79 29.28 -29.55
N ALA I 55 -10.41 30.33 -29.07
CA ALA I 55 -11.64 30.26 -28.30
C ALA I 55 -12.81 29.91 -29.21
N ASP I 56 -13.83 29.32 -28.62
CA ASP I 56 -15.01 28.93 -29.36
C ASP I 56 -15.66 30.13 -30.02
N GLY I 57 -15.83 30.06 -31.35
CA GLY I 57 -16.42 31.12 -32.15
C GLY I 57 -15.42 32.09 -32.78
N VAL I 58 -14.14 31.92 -32.50
CA VAL I 58 -13.13 32.81 -33.06
C VAL I 58 -12.86 32.50 -34.53
N PRO I 59 -12.92 33.51 -35.43
CA PRO I 59 -12.66 33.38 -36.84
C PRO I 59 -11.24 32.93 -37.12
N SER I 60 -11.05 32.24 -38.24
CA SER I 60 -9.77 31.70 -38.70
C SER I 60 -8.73 32.76 -39.01
N ARG I 61 -9.17 34.00 -39.06
CA ARG I 61 -8.31 35.14 -39.32
C ARG I 61 -7.29 35.28 -38.22
N PHE I 62 -7.66 34.85 -37.01
CA PHE I 62 -6.82 35.01 -35.84
C PHE I 62 -5.98 33.78 -35.55
N SER I 63 -4.76 34.04 -35.12
CA SER I 63 -3.86 32.98 -34.70
C SER I 63 -2.79 33.56 -33.79
N GLY I 64 -2.02 32.69 -33.15
CA GLY I 64 -0.94 33.17 -32.32
C GLY I 64 -0.05 32.05 -31.83
N SER I 65 1.10 32.44 -31.29
CA SER I 65 2.12 31.51 -30.80
C SER I 65 3.12 32.20 -29.90
N GLY I 66 3.97 31.38 -29.26
CA GLY I 66 5.00 31.89 -28.39
C GLY I 66 5.05 31.12 -27.10
N SER I 67 6.19 31.22 -26.45
CA SER I 67 6.42 30.55 -25.19
C SER I 67 7.54 31.23 -24.48
N GLY I 68 7.62 30.98 -23.20
CA GLY I 68 8.70 31.53 -22.44
C GLY I 68 8.47 33.01 -22.20
N THR I 69 9.38 33.86 -22.67
CA THR I 69 9.15 35.28 -22.42
C THR I 69 8.44 36.01 -23.56
N LYS I 70 8.73 35.66 -24.81
CA LYS I 70 8.18 36.37 -25.97
C LYS I 70 6.96 35.74 -26.63
N PHE I 71 5.89 36.52 -26.76
CA PHE I 71 4.64 36.03 -27.38
C PHE I 71 4.14 36.94 -28.50
N SER I 72 3.48 36.36 -29.51
CA SER I 72 2.91 37.22 -30.56
C SER I 72 1.53 36.78 -31.05
N PHE I 73 0.80 37.78 -31.56
CA PHE I 73 -0.57 37.65 -32.07
C PHE I 73 -0.68 38.13 -33.48
N LYS I 74 -1.32 37.34 -34.33
CA LYS I 74 -1.42 37.69 -35.73
C LYS I 74 -2.82 37.61 -36.32
N ILE I 75 -3.08 38.60 -37.18
CA ILE I 75 -4.30 38.61 -37.99
C ILE I 75 -3.80 38.47 -39.42
N SER I 76 -4.18 37.41 -40.10
CA SER I 76 -3.61 37.22 -41.40
C SER I 76 -4.22 38.22 -42.42
N SER I 77 -5.52 38.50 -42.24
CA SER I 77 -6.26 39.36 -43.21
C SER I 77 -7.23 40.35 -42.57
N LEU I 78 -6.73 41.48 -42.16
CA LEU I 78 -7.47 42.43 -41.36
C LEU I 78 -8.73 43.07 -41.99
N GLN I 79 -9.84 43.03 -41.25
CA GLN I 79 -11.14 43.60 -41.70
C GLN I 79 -11.46 44.92 -41.01
N ALA I 80 -12.40 45.70 -41.55
CA ALA I 80 -12.73 46.98 -40.88
C ALA I 80 -13.19 46.75 -39.44
N GLU I 81 -13.89 45.64 -39.23
CA GLU I 81 -14.42 45.26 -37.94
C GLU I 81 -13.36 44.84 -36.93
N ASP I 82 -12.13 44.65 -37.40
CA ASP I 82 -11.02 44.25 -36.56
C ASP I 82 -10.20 45.45 -36.07
N PHE I 83 -10.53 46.68 -36.49
CA PHE I 83 -9.69 47.80 -36.04
C PHE I 83 -10.10 48.35 -34.69
N VAL I 84 -9.80 47.54 -33.69
CA VAL I 84 -10.20 47.73 -32.31
C VAL I 84 -8.99 47.51 -31.38
N SER I 85 -9.22 47.49 -30.06
CA SER I 85 -8.12 47.25 -29.11
C SER I 85 -7.81 45.78 -28.85
N TYR I 86 -6.54 45.49 -28.64
CA TYR I 86 -6.08 44.14 -28.30
C TYR I 86 -5.26 44.11 -27.01
N TYR I 87 -5.44 43.04 -26.22
CA TYR I 87 -4.74 42.86 -24.93
C TYR I 87 -4.15 41.48 -24.71
N CYS I 88 -3.10 41.42 -23.89
CA CYS I 88 -2.55 40.14 -23.44
C CYS I 88 -2.49 40.10 -21.94
N GLN I 89 -2.66 38.91 -21.35
CA GLN I 89 -2.53 38.76 -19.90
C GLN I 89 -1.91 37.43 -19.54
N GLN I 90 -1.25 37.38 -18.39
CA GLN I 90 -0.62 36.14 -17.96
C GLN I 90 -1.44 35.53 -16.89
N PHE I 91 -1.58 34.22 -16.96
CA PHE I 91 -2.30 33.52 -15.93
C PHE I 91 -1.42 32.47 -15.25
N TYR I 92 -0.12 32.69 -15.34
CA TYR I 92 0.92 31.82 -14.79
C TYR I 92 0.83 31.79 -13.29
N SER I 93 0.73 32.97 -12.68
CA SER I 93 0.64 33.06 -11.22
C SER I 93 -0.12 34.31 -10.81
N THR I 94 -0.62 34.34 -9.58
CA THR I 94 -1.27 35.54 -9.12
C THR I 94 -0.22 36.57 -8.77
N PRO I 95 -0.58 37.85 -8.78
CA PRO I 95 -1.79 38.47 -9.24
C PRO I 95 -1.79 38.35 -10.72
N PHE I 96 -2.93 38.25 -11.31
CA PHE I 96 -2.93 38.12 -12.73
C PHE I 96 -2.79 39.50 -13.27
N THR I 97 -2.03 39.70 -14.33
CA THR I 97 -1.96 41.04 -14.86
C THR I 97 -2.16 41.05 -16.35
N PHE I 98 -2.52 42.22 -16.82
CA PHE I 98 -2.73 42.52 -18.21
C PHE I 98 -1.66 43.48 -18.69
N GLY I 99 -1.36 43.41 -19.97
CA GLY I 99 -0.41 44.32 -20.58
C GLY I 99 -1.14 45.61 -20.83
N GLY I 100 -0.46 46.59 -21.41
CA GLY I 100 -1.05 47.89 -21.64
C GLY I 100 -2.14 48.00 -22.69
N GLY I 101 -2.19 47.11 -23.66
CA GLY I 101 -3.19 47.23 -24.70
C GLY I 101 -2.58 47.91 -25.92
N THR I 102 -3.04 47.50 -27.07
CA THR I 102 -2.59 48.05 -28.34
C THR I 102 -3.79 48.34 -29.24
N LYS I 103 -3.65 49.28 -30.15
CA LYS I 103 -4.73 49.70 -31.04
C LYS I 103 -4.40 49.70 -32.52
N LEU I 104 -5.30 49.17 -33.36
CA LEU I 104 -5.03 49.26 -34.78
C LEU I 104 -5.76 50.47 -35.40
N GLU I 105 -5.09 51.18 -36.30
CA GLU I 105 -5.66 52.32 -37.03
C GLU I 105 -5.75 52.04 -38.51
N ILE I 106 -6.62 52.73 -39.22
CA ILE I 106 -6.69 52.51 -40.65
C ILE I 106 -5.92 53.58 -41.41
N LYS I 107 -4.96 53.14 -42.21
CA LYS I 107 -4.14 54.06 -42.99
C LYS I 107 -4.96 55.08 -43.77
#